data_6LQ9
#
_entry.id   6LQ9
#
_cell.length_a   105.105
_cell.length_b   105.105
_cell.length_c   303.825
_cell.angle_alpha   90.000
_cell.angle_beta   90.000
_cell.angle_gamma   90.000
#
_symmetry.space_group_name_H-M   'P 43 21 2'
#
loop_
_entity.id
_entity.type
_entity.pdbx_description
1 polymer 'GTP-binding nuclear protein Ran'
2 polymer 'Ran-specific GTPase-activating protein 1'
3 polymer Exportin-1
4 non-polymer "GUANOSINE-5'-TRIPHOSPHATE"
5 non-polymer 'MAGNESIUM ION'
6 non-polymer 'NITRATE ION'
7 non-polymer 'CHLORIDE ION'
8 non-polymer (3~{R},4~{S})-1-[[6-chloranyl-5-(trifluoromethyl)pyridin-2-yl]amino]-3,4-dimethyl-pyrrolidine-2,5-dione
9 non-polymer GLYCEROL
10 water water
#
loop_
_entity_poly.entity_id
_entity_poly.type
_entity_poly.pdbx_seq_one_letter_code
_entity_poly.pdbx_strand_id
1 'polypeptide(L)'
;GSSHHHHHHSSGLVPRGSHMAAQGEPQVQFKLVLVGDGGTGKTTFVKRHLTGEFEKKYVATLGVEVHPLVFHTNRGPIKF
NVWDTAGQEKFGGLRDGYYIQAQCAIIMFDVTSRVTYKNVPNWHRDLVRVCENIPIVLCGNKVDIKDRKVKAKSIVFHRK
KNLQYYDISAKSNYNFEKPFLWLARKLIGDPNLEFVAMPALAPPEVVMDPALAAQYEHDLEVAQTTALPDEDDDL
;
A
2 'polypeptide(L)'
;GGSDIHFEPVVHLEKVDVKTMEEDEEVLYKVRAKLFRFDADAKEWKERGTGDCKFLKNKKTNKVRILMRRDKTLKICANH
IIAPEYTLKPNVGSDRSWVYACTADIAEGEAEAFTFAIRFGSKENADKFKEEFEKAQEINKKA
;
B
3 'polypeptide(L)'
;GGSMEGILDFSNDLDIALLDQVVSTFYQGSGVQQKQAQEILTKFQDNPDAWQKADQILQFSTNPQSKFIALSILDKLITR
KWKLLPNDHRIGIRNFVVGMIISMCQDDEVFKTQKNLINKSDLTLVQILKQEWPQNWPEFIPELIGSSSSSVNVCENNMI
VLKLLSEEVFDFSAEQMTQAKALHLKNSMSKEFEQIFKLCFQVLEQGSSSSLIVATLESLLRYLHWIPYRYIYETNILEL
LSTKFMTSPDTRAITLKCLTEVSNLKIPQDNDLIKRQTVLFFQNTLQQIATSVMPVTADLKATYANANGNDQSFLQDLAM
FLTTYLARNRALLESDESLRELLLNAHQYLIQLSKIEERELFKTTLDYWHNLVADLFYEPLKKHIYEEICSQLRLVIIEN
MVRPEEVLVVENDEGEIVREFVKESDTIQLYKSEREVLVYLTHLNVIDTEEIMISKLARQIDGSEWSWHNINTLSWAIGS
ISGTMSEDTEKRFVVTVIKDLLGLCEQKRGKDNKAVVASDIMYVVGQYPRFLKAHWNFLRTVILKLFEFMHETHEGVQDM
ACDTFIKIVQKCKYHFVIQQPRESEPFIQTIIRDIQKTTADLQPQQVHTFYKACGIIISEERSVAERNRLLSDLMQLPNM
AWDTIVEQSTANPTLLLDSETVKIIANIIKTNVAVCTSMGADFYPQLGHIYYNMLQLYRAVSSMISAQVAAEGLIATKTP
KVRGLRTIKKEILKLVETYISKARNLDDVVKVLVEPLLNAVLEDYMNNVPDARDAEVLNCMTTVVEKVGHMIPQGVILIL
QSVFECTLDMINKDFTEYPEHRVEFYKLLKVINEKSFAAFLELPPAAFKLFVDAICWAFKHNNRDVEVNGLQIALDLVKN
IERMGNVPFANEFHKNYFFIFVSETFFVLTDSDHKSGFSKQALLLMKLISLVYDNKISVPLYQEAEVPQGTSNQVYLSQY
LANMLSNAFPHLTSEQIASFLSALTKQCKDLVVFKGTLRDFLVQIKEVGGDPTDYLFAEDKENA
;
C
#
# COMPACT_ATOMS: atom_id res chain seq x y z
N VAL A 28 7.16 -26.31 18.69
CA VAL A 28 6.91 -24.85 18.95
C VAL A 28 6.40 -24.16 17.68
N GLN A 29 5.10 -24.33 17.40
CA GLN A 29 4.45 -23.83 16.17
C GLN A 29 3.13 -23.09 16.48
N PHE A 30 2.81 -22.10 15.64
CA PHE A 30 1.65 -21.24 15.80
C PHE A 30 0.92 -21.14 14.45
N LYS A 31 -0.42 -21.28 14.49
CA LYS A 31 -1.28 -21.14 13.34
C LYS A 31 -1.50 -19.64 13.08
N LEU A 32 -1.16 -19.22 11.86
CA LEU A 32 -1.23 -17.84 11.45
C LEU A 32 -2.20 -17.78 10.27
N VAL A 33 -3.25 -16.96 10.39
CA VAL A 33 -4.15 -16.76 9.27
C VAL A 33 -3.84 -15.41 8.62
N LEU A 34 -3.83 -15.45 7.29
CA LEU A 34 -3.58 -14.32 6.47
C LEU A 34 -4.85 -14.08 5.64
N VAL A 35 -5.41 -12.87 5.80
CA VAL A 35 -6.67 -12.50 5.15
C VAL A 35 -6.53 -11.10 4.52
N GLY A 36 -7.43 -10.81 3.57
CA GLY A 36 -7.42 -9.55 2.86
C GLY A 36 -8.01 -9.69 1.47
N ASP A 37 -8.37 -8.56 0.87
CA ASP A 37 -8.98 -8.55 -0.43
C ASP A 37 -8.07 -9.29 -1.43
N GLY A 38 -8.69 -9.77 -2.51
CA GLY A 38 -7.97 -10.38 -3.63
C GLY A 38 -6.99 -9.40 -4.27
N GLY A 39 -5.81 -9.93 -4.63
CA GLY A 39 -4.80 -9.18 -5.36
C GLY A 39 -3.95 -8.30 -4.48
N THR A 40 -4.14 -8.39 -3.14
CA THR A 40 -3.47 -7.47 -2.21
C THR A 40 -2.00 -7.87 -1.98
N GLY A 41 -1.70 -9.16 -2.21
CA GLY A 41 -0.32 -9.64 -2.22
C GLY A 41 0.00 -10.63 -1.10
N LYS A 42 -1.03 -11.29 -0.59
CA LYS A 42 -0.92 -12.25 0.52
C LYS A 42 0.02 -13.39 0.10
N THR A 43 -0.36 -14.11 -0.96
CA THR A 43 0.39 -15.27 -1.43
C THR A 43 1.81 -14.87 -1.87
N THR A 44 1.94 -13.75 -2.58
CA THR A 44 3.24 -13.21 -3.00
C THR A 44 4.13 -12.98 -1.78
N PHE A 45 3.54 -12.45 -0.69
CA PHE A 45 4.26 -12.15 0.54
C PHE A 45 4.76 -13.45 1.17
N VAL A 46 3.86 -14.44 1.28
CA VAL A 46 4.24 -15.70 1.90
C VAL A 46 5.37 -16.32 1.08
N LYS A 47 5.20 -16.34 -0.24
CA LYS A 47 6.17 -17.00 -1.13
C LYS A 47 7.55 -16.38 -0.93
N ARG A 48 7.60 -15.05 -0.84
CA ARG A 48 8.81 -14.37 -0.62
C ARG A 48 9.51 -14.97 0.59
N HIS A 49 8.72 -15.27 1.64
CA HIS A 49 9.27 -15.74 2.92
C HIS A 49 9.70 -17.20 2.78
N LEU A 50 8.94 -17.99 2.02
CA LEU A 50 9.23 -19.42 1.84
C LEU A 50 10.49 -19.66 1.01
N THR A 51 10.57 -19.07 -0.19
CA THR A 51 11.54 -19.47 -1.22
C THR A 51 12.50 -18.34 -1.59
N GLY A 52 12.18 -17.12 -1.17
CA GLY A 52 12.92 -15.92 -1.58
C GLY A 52 12.42 -15.27 -2.87
N GLU A 53 11.44 -15.89 -3.53
CA GLU A 53 11.10 -15.57 -4.92
C GLU A 53 10.11 -14.41 -4.95
N PHE A 54 10.08 -13.68 -6.06
CA PHE A 54 9.01 -12.70 -6.30
C PHE A 54 8.14 -13.16 -7.48
N GLU A 55 6.90 -13.52 -7.17
CA GLU A 55 5.91 -13.99 -8.17
C GLU A 55 5.14 -12.79 -8.75
N LYS A 56 5.30 -12.56 -10.06
CA LYS A 56 4.72 -11.42 -10.74
C LYS A 56 3.28 -11.72 -11.18
N LYS A 57 2.98 -12.99 -11.44
CA LYS A 57 1.68 -13.38 -11.96
C LYS A 57 0.71 -13.46 -10.80
N TYR A 58 -0.58 -13.20 -11.09
CA TYR A 58 -1.67 -13.25 -10.15
C TYR A 58 -2.49 -14.51 -10.38
N VAL A 59 -2.21 -15.56 -9.60
CA VAL A 59 -3.01 -16.79 -9.58
C VAL A 59 -3.76 -16.77 -8.25
N ALA A 60 -5.05 -16.42 -8.33
CA ALA A 60 -5.93 -16.32 -7.16
C ALA A 60 -5.90 -17.64 -6.39
N THR A 61 -5.76 -17.53 -5.05
CA THR A 61 -5.74 -18.67 -4.17
C THR A 61 -7.15 -19.28 -4.09
N LEU A 62 -7.24 -20.62 -4.15
CA LEU A 62 -8.52 -21.31 -4.06
C LEU A 62 -8.70 -21.85 -2.64
N GLY A 63 -9.55 -21.19 -1.84
CA GLY A 63 -9.79 -21.55 -0.44
C GLY A 63 -8.65 -21.07 0.44
N VAL A 64 -7.73 -21.98 0.78
CA VAL A 64 -6.55 -21.69 1.57
C VAL A 64 -5.38 -22.56 1.07
N GLU A 65 -4.15 -22.09 1.27
CA GLU A 65 -2.95 -22.90 1.13
C GLU A 65 -2.17 -22.84 2.44
N VAL A 66 -1.80 -24.00 2.97
CA VAL A 66 -1.07 -24.07 4.21
C VAL A 66 0.40 -24.29 3.89
N HIS A 67 1.24 -23.44 4.49
CA HIS A 67 2.69 -23.48 4.33
C HIS A 67 3.40 -23.41 5.68
N PRO A 68 4.21 -24.43 6.04
CA PRO A 68 5.21 -24.29 7.12
C PRO A 68 6.27 -23.21 6.81
N LEU A 69 6.57 -22.41 7.83
CA LEU A 69 7.47 -21.29 7.73
C LEU A 69 8.19 -21.15 9.07
N VAL A 70 9.51 -21.37 9.05
CA VAL A 70 10.31 -21.38 10.26
C VAL A 70 11.17 -20.13 10.29
N PHE A 71 11.34 -19.53 11.48
CA PHE A 71 12.34 -18.49 11.69
C PHE A 71 13.26 -18.89 12.83
N HIS A 72 14.52 -18.47 12.75
CA HIS A 72 15.52 -18.74 13.74
C HIS A 72 15.67 -17.47 14.60
N THR A 73 15.46 -17.60 15.91
CA THR A 73 15.49 -16.47 16.87
C THR A 73 16.47 -16.78 18.00
N ASN A 74 16.89 -15.73 18.72
CA ASN A 74 17.78 -15.86 19.87
C ASN A 74 17.08 -16.62 21.01
N ARG A 75 15.77 -16.83 20.89
CA ARG A 75 14.99 -17.69 21.79
C ARG A 75 14.65 -19.04 21.11
N GLY A 76 15.50 -19.48 20.18
CA GLY A 76 15.32 -20.75 19.47
C GLY A 76 14.43 -20.59 18.24
N PRO A 77 14.08 -21.71 17.55
CA PRO A 77 13.27 -21.64 16.33
C PRO A 77 11.78 -21.47 16.63
N ILE A 78 11.09 -20.67 15.82
CA ILE A 78 9.64 -20.53 15.82
C ILE A 78 9.10 -20.92 14.44
N LYS A 79 8.05 -21.74 14.44
CA LYS A 79 7.37 -22.21 13.21
C LYS A 79 5.97 -21.61 13.15
N PHE A 80 5.64 -21.01 12.01
CA PHE A 80 4.31 -20.55 11.72
C PHE A 80 3.68 -21.44 10.67
N ASN A 81 2.54 -22.04 10.99
CA ASN A 81 1.71 -22.72 10.01
C ASN A 81 0.80 -21.66 9.35
N VAL A 82 1.21 -21.18 8.17
CA VAL A 82 0.56 -20.04 7.53
C VAL A 82 -0.62 -20.53 6.67
N TRP A 83 -1.84 -20.19 7.12
CA TRP A 83 -3.08 -20.38 6.41
C TRP A 83 -3.34 -19.14 5.54
N ASP A 84 -2.90 -19.22 4.28
CA ASP A 84 -2.99 -18.13 3.33
C ASP A 84 -4.30 -18.25 2.57
N THR A 85 -5.29 -17.42 2.96
CA THR A 85 -6.68 -17.59 2.52
C THR A 85 -6.97 -16.76 1.27
N ALA A 86 -8.08 -17.11 0.63
CA ALA A 86 -8.58 -16.50 -0.56
C ALA A 86 -9.30 -15.19 -0.20
N GLY A 87 -8.99 -14.14 -0.96
CA GLY A 87 -9.58 -12.82 -0.82
C GLY A 87 -10.87 -12.68 -1.61
N GLN A 88 -11.01 -13.44 -2.68
CA GLN A 88 -12.12 -13.24 -3.56
C GLN A 88 -13.30 -14.10 -3.13
N GLU A 89 -14.48 -13.47 -3.14
CA GLU A 89 -15.65 -14.05 -2.57
C GLU A 89 -15.90 -15.41 -3.22
N LYS A 90 -15.77 -15.49 -4.55
CA LYS A 90 -16.12 -16.68 -5.31
C LYS A 90 -15.11 -17.80 -5.04
N PHE A 91 -13.91 -17.47 -4.58
CA PHE A 91 -12.89 -18.48 -4.25
C PHE A 91 -12.75 -18.59 -2.72
N GLY A 92 -13.70 -18.02 -1.98
CA GLY A 92 -13.65 -17.94 -0.52
C GLY A 92 -13.53 -19.29 0.17
N GLY A 93 -14.24 -20.31 -0.34
CA GLY A 93 -14.26 -21.64 0.25
C GLY A 93 -14.89 -21.63 1.63
N LEU A 94 -14.13 -22.10 2.63
CA LEU A 94 -14.58 -22.25 4.02
C LEU A 94 -14.76 -20.90 4.73
N ARG A 95 -14.14 -19.83 4.23
CA ARG A 95 -14.28 -18.46 4.75
C ARG A 95 -13.77 -18.42 6.20
N ASP A 96 -14.64 -18.10 7.17
CA ASP A 96 -14.29 -17.91 8.59
C ASP A 96 -13.90 -19.25 9.26
N GLY A 97 -14.26 -20.38 8.66
CA GLY A 97 -13.86 -21.73 9.12
C GLY A 97 -12.36 -21.93 9.19
N TYR A 98 -11.60 -21.28 8.29
CA TYR A 98 -10.15 -21.39 8.22
C TYR A 98 -9.49 -20.79 9.47
N TYR A 99 -10.14 -19.79 10.07
CA TYR A 99 -9.57 -19.05 11.21
C TYR A 99 -9.61 -19.88 12.49
N ILE A 100 -10.43 -20.94 12.53
CA ILE A 100 -10.61 -21.69 13.78
C ILE A 100 -9.24 -22.04 14.36
N GLN A 101 -9.06 -21.74 15.65
CA GLN A 101 -7.88 -22.05 16.48
C GLN A 101 -6.63 -21.30 15.97
N ALA A 102 -6.81 -20.24 15.19
CA ALA A 102 -5.67 -19.44 14.79
C ALA A 102 -5.13 -18.72 16.03
N GLN A 103 -3.81 -18.57 16.10
CA GLN A 103 -3.17 -18.00 17.30
C GLN A 103 -2.60 -16.60 16.98
N CYS A 104 -2.59 -16.24 15.69
CA CYS A 104 -2.15 -14.93 15.25
C CYS A 104 -2.68 -14.71 13.84
N ALA A 105 -2.54 -13.49 13.31
CA ALA A 105 -3.02 -13.22 11.97
C ALA A 105 -2.33 -12.00 11.36
N ILE A 106 -2.45 -11.90 10.04
CA ILE A 106 -2.08 -10.72 9.28
C ILE A 106 -3.30 -10.33 8.44
N ILE A 107 -3.71 -9.07 8.51
CA ILE A 107 -4.68 -8.51 7.57
C ILE A 107 -3.92 -7.66 6.56
N MET A 108 -4.17 -7.93 5.27
N MET A 108 -4.15 -7.93 5.26
CA MET A 108 -3.45 -7.34 4.14
CA MET A 108 -3.40 -7.26 4.22
C MET A 108 -4.39 -6.43 3.36
C MET A 108 -4.34 -6.44 3.35
N PHE A 109 -3.89 -5.24 3.00
CA PHE A 109 -4.51 -4.46 1.98
C PHE A 109 -3.41 -3.93 1.06
N ASP A 110 -3.83 -3.10 0.09
CA ASP A 110 -2.99 -2.66 -0.99
C ASP A 110 -3.10 -1.14 -1.06
N VAL A 111 -1.98 -0.43 -0.83
CA VAL A 111 -2.03 1.02 -0.66
C VAL A 111 -2.35 1.70 -2.00
N THR A 112 -2.40 0.94 -3.10
CA THR A 112 -2.72 1.51 -4.42
C THR A 112 -4.20 1.24 -4.73
N SER A 113 -4.93 0.64 -3.79
CA SER A 113 -6.35 0.32 -3.98
C SER A 113 -7.13 0.64 -2.69
N ARG A 114 -7.80 1.79 -2.71
CA ARG A 114 -8.58 2.31 -1.55
C ARG A 114 -9.64 1.30 -1.10
N VAL A 115 -10.30 0.63 -2.04
CA VAL A 115 -11.33 -0.31 -1.66
C VAL A 115 -10.75 -1.39 -0.72
N THR A 116 -9.48 -1.76 -0.92
CA THR A 116 -8.87 -2.84 -0.12
C THR A 116 -8.72 -2.41 1.35
N TYR A 117 -8.48 -1.12 1.58
CA TYR A 117 -8.46 -0.57 2.94
C TYR A 117 -9.89 -0.48 3.48
N LYS A 118 -10.82 -0.03 2.65
CA LYS A 118 -12.21 0.17 3.06
C LYS A 118 -12.77 -1.16 3.58
N ASN A 119 -12.24 -2.29 3.08
CA ASN A 119 -12.69 -3.64 3.43
C ASN A 119 -11.95 -4.21 4.67
N VAL A 120 -10.93 -3.52 5.17
CA VAL A 120 -10.14 -4.04 6.31
C VAL A 120 -11.07 -4.31 7.49
N PRO A 121 -11.99 -3.39 7.85
CA PRO A 121 -12.94 -3.62 8.95
C PRO A 121 -13.77 -4.90 8.81
N ASN A 122 -14.14 -5.26 7.56
CA ASN A 122 -14.91 -6.48 7.28
C ASN A 122 -14.06 -7.71 7.57
N TRP A 123 -12.83 -7.76 7.06
CA TRP A 123 -11.95 -8.91 7.33
C TRP A 123 -11.73 -9.06 8.85
N HIS A 124 -11.46 -7.93 9.53
CA HIS A 124 -11.13 -7.93 10.96
C HIS A 124 -12.33 -8.41 11.79
N ARG A 125 -13.53 -7.96 11.40
CA ARG A 125 -14.78 -8.37 11.99
C ARG A 125 -14.87 -9.90 11.97
N ASP A 126 -14.81 -10.48 10.77
CA ASP A 126 -14.94 -11.92 10.59
C ASP A 126 -13.85 -12.63 11.39
N LEU A 127 -12.63 -12.08 11.37
CA LEU A 127 -11.47 -12.69 12.05
C LEU A 127 -11.69 -12.71 13.58
N VAL A 128 -12.06 -11.58 14.20
CA VAL A 128 -12.11 -11.49 15.69
C VAL A 128 -13.41 -12.11 16.23
N ARG A 129 -14.40 -12.35 15.38
CA ARG A 129 -15.57 -13.09 15.81
C ARG A 129 -15.20 -14.55 16.11
N VAL A 130 -14.21 -15.11 15.41
CA VAL A 130 -13.77 -16.47 15.57
C VAL A 130 -12.54 -16.53 16.50
N CYS A 131 -11.67 -15.52 16.40
CA CYS A 131 -10.39 -15.40 17.13
C CYS A 131 -10.40 -14.13 18.00
N GLU A 132 -11.09 -14.20 19.14
CA GLU A 132 -11.05 -13.11 20.11
C GLU A 132 -9.64 -13.07 20.66
N ASN A 133 -9.08 -11.90 20.96
CA ASN A 133 -7.79 -11.85 21.70
C ASN A 133 -6.67 -12.72 21.08
N ILE A 134 -6.16 -12.31 19.90
CA ILE A 134 -4.90 -12.84 19.31
C ILE A 134 -4.12 -11.66 18.76
N PRO A 135 -2.78 -11.76 18.65
CA PRO A 135 -1.99 -10.67 18.06
C PRO A 135 -2.23 -10.63 16.55
N ILE A 136 -2.48 -9.44 16.02
CA ILE A 136 -2.82 -9.22 14.62
C ILE A 136 -2.00 -8.05 14.09
N VAL A 137 -1.46 -8.24 12.87
CA VAL A 137 -0.76 -7.18 12.14
C VAL A 137 -1.60 -6.74 10.94
N LEU A 138 -1.73 -5.43 10.78
CA LEU A 138 -2.29 -4.84 9.58
C LEU A 138 -1.13 -4.44 8.67
N CYS A 139 -1.19 -4.83 7.40
CA CYS A 139 -0.11 -4.60 6.46
C CYS A 139 -0.62 -3.90 5.19
N GLY A 140 -0.05 -2.71 4.91
CA GLY A 140 -0.28 -2.00 3.66
C GLY A 140 0.80 -2.36 2.66
N ASN A 141 0.45 -3.27 1.74
CA ASN A 141 1.38 -3.79 0.74
C ASN A 141 1.47 -2.83 -0.45
N LYS A 142 2.59 -2.94 -1.17
CA LYS A 142 2.85 -2.33 -2.49
C LYS A 142 3.21 -0.84 -2.35
N VAL A 143 3.95 -0.50 -1.30
CA VAL A 143 4.39 0.89 -1.09
C VAL A 143 5.48 1.26 -2.10
N ASP A 144 6.04 0.24 -2.78
CA ASP A 144 7.04 0.39 -3.83
C ASP A 144 6.48 1.17 -5.03
N ILE A 145 5.17 1.06 -5.27
CA ILE A 145 4.50 1.69 -6.41
C ILE A 145 4.36 3.18 -6.14
N LYS A 146 4.69 4.00 -7.14
CA LYS A 146 4.92 5.42 -6.93
C LYS A 146 3.60 6.13 -6.56
N ASP A 147 2.53 5.84 -7.30
CA ASP A 147 1.23 6.51 -7.18
C ASP A 147 0.39 5.83 -6.10
N ARG A 148 0.72 6.10 -4.84
CA ARG A 148 0.03 5.56 -3.66
C ARG A 148 -1.33 6.25 -3.51
N LYS A 149 -2.35 5.47 -3.14
CA LYS A 149 -3.72 5.94 -3.06
C LYS A 149 -4.22 6.02 -1.62
N VAL A 150 -3.78 5.09 -0.76
CA VAL A 150 -4.18 5.09 0.66
C VAL A 150 -3.06 5.77 1.43
N LYS A 151 -3.22 7.07 1.64
CA LYS A 151 -2.23 7.89 2.29
C LYS A 151 -1.98 7.42 3.73
N ALA A 152 -0.74 7.63 4.19
CA ALA A 152 -0.30 7.30 5.53
C ALA A 152 -1.25 7.87 6.60
N LYS A 153 -1.67 9.13 6.41
CA LYS A 153 -2.55 9.84 7.36
C LYS A 153 -3.92 9.15 7.51
N SER A 154 -4.35 8.43 6.46
CA SER A 154 -5.65 7.77 6.35
C SER A 154 -5.69 6.50 7.20
N ILE A 155 -4.52 5.89 7.45
CA ILE A 155 -4.47 4.52 8.00
C ILE A 155 -4.48 4.60 9.54
N VAL A 156 -5.69 4.51 10.11
CA VAL A 156 -5.94 4.70 11.55
C VAL A 156 -6.79 3.55 12.11
N PHE A 157 -7.26 2.62 11.28
CA PHE A 157 -8.18 1.56 11.75
C PHE A 157 -7.58 0.73 12.88
N HIS A 158 -6.26 0.46 12.79
CA HIS A 158 -5.55 -0.39 13.77
C HIS A 158 -5.53 0.18 15.20
N ARG A 159 -5.73 1.49 15.40
CA ARG A 159 -5.47 2.13 16.68
C ARG A 159 -6.44 1.61 17.74
N LYS A 160 -7.73 1.75 17.46
CA LYS A 160 -8.79 1.34 18.37
C LYS A 160 -8.88 -0.19 18.50
N LYS A 161 -8.31 -0.94 17.55
CA LYS A 161 -8.41 -2.42 17.52
C LYS A 161 -7.11 -3.09 18.00
N ASN A 162 -6.15 -2.28 18.44
CA ASN A 162 -4.86 -2.74 18.97
C ASN A 162 -4.11 -3.65 18.00
N LEU A 163 -4.21 -3.37 16.69
CA LEU A 163 -3.44 -4.09 15.67
C LEU A 163 -2.10 -3.36 15.51
N GLN A 164 -1.01 -4.12 15.35
CA GLN A 164 0.24 -3.50 14.88
C GLN A 164 0.05 -3.14 13.41
N TYR A 165 0.60 -2.03 12.94
CA TYR A 165 0.56 -1.69 11.50
C TYR A 165 1.98 -1.57 10.90
N TYR A 166 2.14 -2.07 9.67
CA TYR A 166 3.38 -1.76 8.88
C TYR A 166 3.02 -1.49 7.40
N ASP A 167 3.58 -0.40 6.85
CA ASP A 167 3.87 -0.27 5.42
C ASP A 167 4.81 -1.40 5.02
N ILE A 168 4.42 -2.21 4.03
CA ILE A 168 5.32 -3.24 3.47
C ILE A 168 5.27 -3.23 1.94
N SER A 169 6.30 -3.81 1.34
CA SER A 169 6.33 -4.20 -0.06
C SER A 169 6.99 -5.57 -0.19
N ALA A 170 6.20 -6.56 -0.58
CA ALA A 170 6.74 -7.88 -0.96
C ALA A 170 7.77 -7.76 -2.10
N LYS A 171 7.60 -6.77 -2.99
CA LYS A 171 8.45 -6.62 -4.18
C LYS A 171 9.81 -6.05 -3.80
N SER A 172 9.85 -4.98 -3.00
CA SER A 172 11.13 -4.33 -2.62
C SER A 172 11.66 -4.91 -1.30
N ASN A 173 10.86 -5.77 -0.64
CA ASN A 173 11.20 -6.40 0.66
C ASN A 173 11.18 -5.36 1.80
N TYR A 174 10.57 -4.20 1.56
CA TYR A 174 10.45 -3.14 2.53
C TYR A 174 9.65 -3.65 3.74
N ASN A 175 10.28 -3.62 4.92
CA ASN A 175 9.69 -4.03 6.22
C ASN A 175 9.14 -5.47 6.14
N PHE A 176 9.61 -6.28 5.18
CA PHE A 176 8.91 -7.57 4.92
C PHE A 176 9.00 -8.51 6.14
N GLU A 177 10.05 -8.35 6.95
CA GLU A 177 10.30 -9.22 8.10
C GLU A 177 9.45 -8.77 9.30
N LYS A 178 8.96 -7.52 9.30
CA LYS A 178 8.45 -6.87 10.49
C LYS A 178 7.22 -7.59 11.01
N PRO A 179 6.23 -7.94 10.16
CA PRO A 179 5.05 -8.67 10.63
C PRO A 179 5.44 -9.91 11.45
N PHE A 180 6.43 -10.68 10.98
CA PHE A 180 6.76 -11.95 11.64
C PHE A 180 7.59 -11.69 12.91
N LEU A 181 8.44 -10.67 12.90
CA LEU A 181 9.26 -10.41 14.05
C LEU A 181 8.32 -10.02 15.19
N TRP A 182 7.33 -9.16 14.88
CA TRP A 182 6.41 -8.65 15.90
C TRP A 182 5.55 -9.80 16.46
N LEU A 183 5.01 -10.65 15.58
CA LEU A 183 4.17 -11.76 15.99
C LEU A 183 4.98 -12.71 16.88
N ALA A 184 6.25 -12.93 16.51
CA ALA A 184 7.09 -13.83 17.27
C ALA A 184 7.30 -13.28 18.68
N ARG A 185 7.49 -11.96 18.78
CA ARG A 185 7.71 -11.29 20.04
C ARG A 185 6.48 -11.47 20.94
N LYS A 186 5.29 -11.35 20.35
CA LYS A 186 4.03 -11.43 21.10
C LYS A 186 3.77 -12.88 21.51
N LEU A 187 4.03 -13.84 20.62
CA LEU A 187 3.68 -15.22 20.87
C LEU A 187 4.68 -15.87 21.82
N ILE A 188 5.96 -15.52 21.72
CA ILE A 188 6.99 -16.05 22.64
C ILE A 188 6.93 -15.28 23.97
N GLY A 189 6.36 -14.07 23.95
CA GLY A 189 6.27 -13.20 25.12
C GLY A 189 7.60 -12.60 25.51
N ASP A 190 8.45 -12.26 24.52
CA ASP A 190 9.74 -11.62 24.77
C ASP A 190 9.90 -10.43 23.82
N PRO A 191 9.86 -9.17 24.34
CA PRO A 191 9.96 -8.00 23.48
C PRO A 191 11.33 -7.75 22.82
N ASN A 192 12.37 -8.46 23.29
CA ASN A 192 13.74 -8.29 22.80
C ASN A 192 14.18 -9.47 21.92
N LEU A 193 13.23 -10.34 21.53
CA LEU A 193 13.48 -11.41 20.59
C LEU A 193 14.01 -10.81 19.28
N GLU A 194 15.11 -11.39 18.77
CA GLU A 194 15.72 -11.02 17.47
C GLU A 194 15.80 -12.27 16.58
N PHE A 195 15.71 -12.06 15.26
CA PHE A 195 16.13 -13.05 14.31
C PHE A 195 17.65 -13.18 14.42
N VAL A 196 18.16 -14.39 14.24
CA VAL A 196 19.59 -14.61 14.32
C VAL A 196 20.00 -15.47 13.11
N ALA A 197 21.30 -15.41 12.84
CA ALA A 197 21.91 -16.20 11.80
C ALA A 197 21.93 -17.68 12.24
N MET A 198 21.11 -18.48 11.55
CA MET A 198 21.15 -19.95 11.57
C MET A 198 22.60 -20.44 11.32
N PRO A 199 23.12 -21.43 12.08
CA PRO A 199 24.37 -22.11 11.73
C PRO A 199 24.47 -22.65 10.30
N ALA A 200 25.69 -22.71 9.77
CA ALA A 200 25.98 -23.09 8.38
C ALA A 200 27.06 -24.17 8.36
N LEU A 201 26.62 -25.44 8.27
CA LEU A 201 27.55 -26.58 8.21
C LEU A 201 28.44 -26.41 6.98
N ALA A 202 29.70 -26.82 7.11
CA ALA A 202 30.60 -26.99 5.97
C ALA A 202 29.91 -27.84 4.91
N PRO A 203 29.70 -27.32 3.67
CA PRO A 203 28.97 -28.08 2.65
C PRO A 203 29.81 -29.20 2.03
N PRO A 204 29.17 -30.18 1.35
CA PRO A 204 29.87 -31.37 0.87
C PRO A 204 31.00 -31.03 -0.09
N GLU A 205 32.20 -31.51 0.25
CA GLU A 205 33.42 -31.28 -0.51
C GLU A 205 33.40 -32.22 -1.72
N VAL A 206 32.64 -33.33 -1.60
CA VAL A 206 32.45 -34.34 -2.66
C VAL A 206 31.36 -33.84 -3.60
N VAL A 207 31.77 -32.95 -4.51
CA VAL A 207 30.85 -32.32 -5.46
C VAL A 207 30.44 -33.35 -6.53
N MET A 208 31.40 -34.15 -7.04
CA MET A 208 31.11 -35.11 -8.13
C MET A 208 30.12 -36.18 -7.64
N ASP A 209 29.02 -36.34 -8.39
CA ASP A 209 27.93 -37.30 -8.10
C ASP A 209 27.77 -38.27 -9.28
N PRO A 210 27.29 -37.82 -10.48
CA PRO A 210 27.44 -38.59 -11.71
C PRO A 210 28.69 -38.16 -12.51
N ALA A 211 29.47 -39.15 -12.99
CA ALA A 211 30.66 -38.93 -13.79
C ALA A 211 30.30 -38.20 -15.09
N LEU A 212 29.18 -38.62 -15.69
CA LEU A 212 28.72 -38.15 -17.02
C LEU A 212 28.26 -36.67 -17.00
N ALA A 213 27.33 -36.29 -16.12
CA ALA A 213 26.69 -34.94 -16.09
C ALA A 213 26.22 -34.47 -17.48
N ALA A 214 25.52 -35.35 -18.21
CA ALA A 214 24.91 -35.03 -19.50
C ALA A 214 23.73 -34.06 -19.31
N GLN A 215 22.92 -34.34 -18.28
CA GLN A 215 21.72 -33.58 -17.88
C GLN A 215 22.07 -32.10 -17.59
N TYR A 216 23.24 -31.87 -16.98
CA TYR A 216 23.74 -30.53 -16.62
C TYR A 216 23.82 -29.64 -17.86
N GLU A 217 24.32 -30.18 -18.98
CA GLU A 217 24.69 -29.39 -20.15
C GLU A 217 23.42 -28.81 -20.79
N HIS A 218 22.35 -29.61 -20.86
CA HIS A 218 21.07 -29.15 -21.44
C HIS A 218 20.48 -28.01 -20.60
N ASP A 219 20.53 -28.15 -19.27
CA ASP A 219 19.91 -27.18 -18.34
C ASP A 219 20.67 -25.84 -18.41
N LEU A 220 22.00 -25.91 -18.53
CA LEU A 220 22.88 -24.74 -18.49
C LEU A 220 22.63 -23.86 -19.71
N GLU A 221 22.49 -24.48 -20.90
CA GLU A 221 22.26 -23.73 -22.15
C GLU A 221 20.91 -23.02 -22.08
N VAL A 222 19.88 -23.71 -21.58
CA VAL A 222 18.52 -23.14 -21.40
C VAL A 222 18.56 -21.97 -20.42
N ALA A 223 19.31 -22.14 -19.33
CA ALA A 223 19.37 -21.17 -18.25
C ALA A 223 20.08 -19.89 -18.74
N GLN A 224 21.15 -20.05 -19.52
CA GLN A 224 21.91 -18.91 -20.04
C GLN A 224 21.04 -18.06 -20.98
N THR A 225 20.24 -18.73 -21.83
CA THR A 225 19.45 -18.08 -22.89
C THR A 225 18.06 -17.68 -22.40
N THR A 226 17.76 -17.84 -21.10
CA THR A 226 16.58 -17.28 -20.49
C THR A 226 16.98 -16.06 -19.65
N ALA A 227 16.49 -14.88 -20.04
CA ALA A 227 16.90 -13.61 -19.41
C ALA A 227 16.51 -13.62 -17.93
N LEU A 228 17.38 -13.04 -17.09
CA LEU A 228 17.05 -12.81 -15.68
C LEU A 228 16.00 -11.71 -15.62
N PRO A 229 14.99 -11.82 -14.73
CA PRO A 229 13.98 -10.78 -14.61
C PRO A 229 14.55 -9.51 -13.96
N ASP A 230 13.90 -8.38 -14.29
CA ASP A 230 14.04 -7.13 -13.59
C ASP A 230 15.49 -6.64 -13.69
N GLU A 231 16.01 -6.58 -14.93
CA GLU A 231 17.41 -6.25 -15.16
C GLU A 231 17.65 -4.75 -14.91
N ASP A 232 16.57 -3.99 -14.65
CA ASP A 232 16.69 -2.57 -14.33
C ASP A 232 16.81 -2.33 -12.82
N ASP A 233 16.40 -3.29 -11.97
CA ASP A 233 16.52 -3.12 -10.51
C ASP A 233 17.99 -2.87 -10.13
N ASP A 234 18.19 -2.26 -8.95
CA ASP A 234 19.51 -1.86 -8.42
C ASP A 234 20.38 -3.10 -8.18
N LEU A 235 19.74 -4.24 -7.87
CA LEU A 235 20.37 -5.56 -7.82
C LEU A 235 19.54 -6.57 -8.62
N PHE B 7 33.85 -8.03 48.04
CA PHE B 7 32.63 -7.26 47.66
C PHE B 7 32.10 -7.76 46.32
N GLU B 8 31.04 -8.58 46.37
CA GLU B 8 30.59 -9.39 45.22
C GLU B 8 30.08 -8.50 44.09
N PRO B 9 30.48 -8.75 42.81
CA PRO B 9 29.95 -8.01 41.66
C PRO B 9 28.65 -8.58 41.05
N VAL B 10 28.26 -8.04 39.89
CA VAL B 10 27.10 -8.51 39.06
C VAL B 10 27.28 -10.00 38.71
N VAL B 11 26.26 -10.82 39.00
CA VAL B 11 26.27 -12.28 38.76
C VAL B 11 27.17 -12.59 37.55
N THR B 20 26.25 -20.21 14.42
CA THR B 20 26.30 -19.64 13.07
C THR B 20 27.34 -20.42 12.20
N MET B 21 28.42 -20.89 12.85
CA MET B 21 29.52 -21.73 12.27
C MET B 21 30.34 -20.93 11.23
N GLU B 22 30.79 -19.72 11.61
CA GLU B 22 31.61 -18.84 10.75
C GLU B 22 32.82 -18.23 11.51
N GLU B 23 33.03 -18.64 12.77
CA GLU B 23 34.14 -18.18 13.63
C GLU B 23 35.45 -18.84 13.16
N ASP B 24 35.34 -20.07 12.61
CA ASP B 24 36.47 -20.91 12.18
C ASP B 24 36.78 -20.71 10.69
N GLU B 25 36.26 -19.62 10.09
CA GLU B 25 36.43 -19.31 8.67
C GLU B 25 36.91 -17.86 8.51
N GLU B 26 37.71 -17.64 7.46
CA GLU B 26 38.23 -16.34 7.08
C GLU B 26 37.47 -15.84 5.85
N VAL B 27 37.22 -14.53 5.80
CA VAL B 27 36.49 -13.90 4.71
C VAL B 27 37.47 -13.36 3.66
N LEU B 28 37.57 -14.07 2.54
CA LEU B 28 38.46 -13.69 1.41
C LEU B 28 37.80 -12.58 0.59
N TYR B 29 36.47 -12.64 0.45
CA TYR B 29 35.73 -11.74 -0.42
C TYR B 29 34.28 -11.64 0.07
N LYS B 30 33.75 -10.41 0.06
CA LYS B 30 32.37 -10.12 0.36
C LYS B 30 31.84 -9.15 -0.68
N VAL B 31 30.64 -9.43 -1.21
CA VAL B 31 30.00 -8.52 -2.11
C VAL B 31 28.48 -8.69 -2.00
N ARG B 32 27.77 -7.57 -2.15
CA ARG B 32 26.29 -7.51 -2.16
C ARG B 32 25.83 -8.13 -3.49
N ALA B 33 24.74 -8.88 -3.47
CA ALA B 33 24.29 -9.61 -4.66
C ALA B 33 22.86 -10.13 -4.51
N LYS B 34 22.29 -10.50 -5.66
CA LYS B 34 21.01 -11.17 -5.75
C LYS B 34 21.23 -12.51 -6.44
N LEU B 35 20.83 -13.61 -5.76
CA LEU B 35 20.94 -14.98 -6.25
C LEU B 35 19.59 -15.44 -6.79
N PHE B 36 19.62 -16.04 -7.99
CA PHE B 36 18.49 -16.75 -8.56
C PHE B 36 18.83 -18.24 -8.73
N ARG B 37 17.77 -19.06 -8.77
CA ARG B 37 17.84 -20.44 -9.19
C ARG B 37 16.87 -20.63 -10.35
N PHE B 38 17.24 -21.51 -11.28
CA PHE B 38 16.45 -21.76 -12.47
C PHE B 38 15.45 -22.87 -12.16
N ASP B 39 14.17 -22.60 -12.38
CA ASP B 39 13.11 -23.60 -12.35
C ASP B 39 12.87 -24.09 -13.79
N ALA B 40 13.37 -25.29 -14.09
CA ALA B 40 13.31 -25.91 -15.43
C ALA B 40 11.87 -26.17 -15.85
N ASP B 41 11.00 -26.52 -14.88
CA ASP B 41 9.59 -26.80 -15.15
C ASP B 41 8.91 -25.54 -15.70
N ALA B 42 9.16 -24.39 -15.09
CA ALA B 42 8.52 -23.13 -15.47
C ALA B 42 9.33 -22.42 -16.57
N LYS B 43 10.55 -22.90 -16.83
CA LYS B 43 11.55 -22.20 -17.65
C LYS B 43 11.61 -20.71 -17.27
N GLU B 44 11.71 -20.44 -15.96
CA GLU B 44 11.90 -19.07 -15.46
C GLU B 44 12.88 -19.10 -14.28
N TRP B 45 13.65 -18.01 -14.19
CA TRP B 45 14.51 -17.72 -13.05
C TRP B 45 13.66 -17.25 -11.88
N LYS B 46 14.02 -17.69 -10.68
CA LYS B 46 13.35 -17.31 -9.45
C LYS B 46 14.39 -16.85 -8.43
N GLU B 47 14.16 -15.66 -7.85
CA GLU B 47 15.00 -15.13 -6.79
C GLU B 47 15.05 -16.13 -5.63
N ARG B 48 16.25 -16.41 -5.12
CA ARG B 48 16.41 -17.28 -3.95
C ARG B 48 16.80 -16.45 -2.71
N GLY B 49 17.47 -15.32 -2.93
CA GLY B 49 17.88 -14.46 -1.84
C GLY B 49 18.63 -13.23 -2.30
N THR B 50 18.58 -12.20 -1.45
CA THR B 50 19.31 -10.94 -1.63
C THR B 50 20.05 -10.62 -0.33
N GLY B 51 21.37 -10.41 -0.43
CA GLY B 51 22.19 -10.01 0.70
C GLY B 51 23.67 -10.10 0.39
N ASP B 52 24.48 -10.38 1.41
CA ASP B 52 25.94 -10.45 1.27
C ASP B 52 26.36 -11.86 0.83
N CYS B 53 27.06 -11.94 -0.31
CA CYS B 53 27.66 -13.18 -0.74
C CYS B 53 29.12 -13.21 -0.31
N LYS B 54 29.47 -14.21 0.51
CA LYS B 54 30.81 -14.31 1.12
C LYS B 54 31.52 -15.59 0.65
N PHE B 55 32.83 -15.43 0.40
CA PHE B 55 33.76 -16.53 0.15
C PHE B 55 34.49 -16.79 1.46
N LEU B 56 34.24 -17.98 2.03
CA LEU B 56 34.73 -18.34 3.35
C LEU B 56 35.72 -19.50 3.24
N LYS B 57 36.96 -19.23 3.68
CA LYS B 57 38.03 -20.21 3.72
C LYS B 57 38.13 -20.76 5.14
N ASN B 58 37.70 -22.02 5.29
CA ASN B 58 37.84 -22.81 6.51
C ASN B 58 39.33 -22.90 6.86
N LYS B 59 39.65 -22.55 8.12
CA LYS B 59 41.03 -22.48 8.58
C LYS B 59 41.58 -23.88 8.86
N LYS B 60 40.70 -24.90 8.91
CA LYS B 60 41.08 -26.28 9.23
C LYS B 60 41.32 -27.11 7.97
N THR B 61 40.48 -26.91 6.93
CA THR B 61 40.57 -27.68 5.69
C THR B 61 41.22 -26.86 4.57
N ASN B 62 41.23 -25.52 4.70
CA ASN B 62 41.65 -24.57 3.65
C ASN B 62 40.64 -24.58 2.47
N LYS B 63 39.47 -25.19 2.66
CA LYS B 63 38.45 -25.30 1.62
C LYS B 63 37.57 -24.03 1.64
N VAL B 64 37.31 -23.47 0.46
CA VAL B 64 36.59 -22.20 0.28
C VAL B 64 35.17 -22.48 -0.20
N ARG B 65 34.19 -21.84 0.46
CA ARG B 65 32.79 -22.03 0.13
C ARG B 65 32.18 -20.67 -0.18
N ILE B 66 31.04 -20.70 -0.88
CA ILE B 66 30.14 -19.56 -0.92
C ILE B 66 29.15 -19.76 0.24
N LEU B 67 28.95 -18.69 1.01
CA LEU B 67 27.84 -18.58 1.99
C LEU B 67 27.14 -17.23 1.81
N MET B 68 25.84 -17.29 1.56
CA MET B 68 25.03 -16.14 1.30
C MET B 68 23.80 -16.20 2.21
N ARG B 69 23.51 -15.07 2.87
CA ARG B 69 22.38 -14.94 3.79
C ARG B 69 21.46 -13.82 3.28
N ARG B 70 20.15 -14.05 3.38
CA ARG B 70 19.11 -13.04 3.06
C ARG B 70 19.22 -11.86 4.04
N ASP B 71 18.93 -10.65 3.57
CA ASP B 71 18.89 -9.46 4.43
C ASP B 71 17.71 -9.61 5.40
N LYS B 72 17.90 -9.18 6.65
CA LYS B 72 16.91 -9.09 7.76
C LYS B 72 16.61 -10.47 8.35
N THR B 73 16.14 -11.43 7.53
CA THR B 73 15.80 -12.79 8.06
C THR B 73 17.08 -13.57 8.40
N LEU B 74 18.16 -13.26 7.68
CA LEU B 74 19.53 -13.86 7.78
C LEU B 74 19.56 -15.36 7.41
N LYS B 75 18.53 -15.83 6.68
CA LYS B 75 18.40 -17.21 6.30
C LYS B 75 19.40 -17.48 5.16
N ILE B 76 20.01 -18.67 5.17
CA ILE B 76 21.03 -19.02 4.18
C ILE B 76 20.31 -19.34 2.86
N CYS B 77 20.75 -18.69 1.77
CA CYS B 77 20.19 -18.93 0.44
C CYS B 77 21.27 -19.52 -0.48
N ALA B 78 22.51 -19.60 0.01
CA ALA B 78 23.55 -20.35 -0.67
C ALA B 78 24.57 -20.86 0.36
N ASN B 79 24.93 -22.14 0.22
CA ASN B 79 25.97 -22.81 1.01
C ASN B 79 26.53 -23.98 0.19
N HIS B 80 27.69 -23.74 -0.46
CA HIS B 80 28.30 -24.76 -1.32
C HIS B 80 29.77 -24.41 -1.57
N ILE B 81 30.57 -25.47 -1.77
CA ILE B 81 31.98 -25.31 -2.08
C ILE B 81 32.08 -24.64 -3.46
N ILE B 82 33.08 -23.76 -3.59
CA ILE B 82 33.46 -23.18 -4.86
C ILE B 82 34.27 -24.22 -5.63
N ALA B 83 33.57 -25.21 -6.20
CA ALA B 83 34.22 -26.42 -6.74
C ALA B 83 35.12 -26.06 -7.93
N PRO B 84 36.30 -26.71 -8.07
CA PRO B 84 37.15 -26.51 -9.24
C PRO B 84 36.46 -26.71 -10.62
N GLU B 85 35.48 -27.61 -10.68
CA GLU B 85 34.81 -28.05 -11.90
C GLU B 85 33.76 -27.03 -12.37
N TYR B 86 33.35 -26.10 -11.52
CA TYR B 86 32.32 -25.14 -11.89
C TYR B 86 32.89 -24.13 -12.91
N THR B 87 32.02 -23.66 -13.83
CA THR B 87 32.37 -22.64 -14.82
C THR B 87 31.31 -21.53 -14.81
N LEU B 88 31.76 -20.29 -14.61
CA LEU B 88 30.91 -19.09 -14.67
C LEU B 88 30.58 -18.75 -16.15
N LYS B 89 29.30 -18.57 -16.46
CA LYS B 89 28.86 -18.31 -17.83
C LYS B 89 28.02 -17.04 -17.84
N PRO B 90 28.02 -16.25 -18.94
CA PRO B 90 27.17 -15.06 -19.02
C PRO B 90 25.69 -15.42 -19.21
N ASN B 91 24.81 -14.54 -18.77
CA ASN B 91 23.40 -14.66 -19.05
C ASN B 91 23.10 -13.68 -20.18
N VAL B 92 22.26 -14.11 -21.12
CA VAL B 92 21.98 -13.35 -22.35
C VAL B 92 21.49 -11.93 -22.00
N GLY B 93 20.85 -11.77 -20.85
CA GLY B 93 20.12 -10.54 -20.51
C GLY B 93 20.95 -9.52 -19.75
N SER B 94 22.15 -9.90 -19.30
CA SER B 94 22.88 -9.10 -18.31
C SER B 94 24.38 -9.05 -18.63
N ASP B 95 25.02 -7.93 -18.25
CA ASP B 95 26.48 -7.74 -18.31
C ASP B 95 27.07 -7.69 -16.89
N ARG B 96 26.26 -8.07 -15.90
CA ARG B 96 26.62 -8.00 -14.49
C ARG B 96 26.11 -9.24 -13.74
N SER B 97 26.12 -10.40 -14.39
CA SER B 97 25.63 -11.64 -13.78
C SER B 97 26.49 -12.81 -14.25
N TRP B 98 26.50 -13.88 -13.44
CA TRP B 98 27.06 -15.17 -13.83
C TRP B 98 26.02 -16.25 -13.56
N VAL B 99 26.07 -17.27 -14.41
CA VAL B 99 25.30 -18.47 -14.31
C VAL B 99 26.29 -19.62 -14.12
N TYR B 100 25.92 -20.62 -13.33
CA TYR B 100 26.73 -21.84 -13.20
C TYR B 100 25.91 -22.95 -12.55
N ALA B 101 26.30 -24.20 -12.85
CA ALA B 101 25.72 -25.38 -12.28
C ALA B 101 26.45 -25.69 -10.96
N CYS B 102 25.66 -25.97 -9.92
CA CYS B 102 26.14 -26.36 -8.60
C CYS B 102 25.50 -27.71 -8.27
N THR B 103 26.32 -28.66 -7.83
CA THR B 103 25.84 -30.04 -7.68
C THR B 103 25.52 -30.36 -6.20
N ALA B 104 25.95 -29.49 -5.26
CA ALA B 104 25.76 -29.78 -3.81
C ALA B 104 25.65 -28.49 -2.99
N ASP B 105 24.45 -27.90 -3.01
CA ASP B 105 24.08 -26.76 -2.13
C ASP B 105 23.22 -27.28 -0.98
N ILE B 106 23.56 -26.85 0.26
CA ILE B 106 22.91 -27.36 1.49
C ILE B 106 22.23 -26.21 2.25
N ALA B 107 21.94 -25.10 1.55
CA ALA B 107 21.30 -23.93 2.16
C ALA B 107 19.94 -24.31 2.76
N GLU B 108 19.15 -25.07 2.00
CA GLU B 108 17.81 -25.48 2.41
C GLU B 108 17.82 -26.94 2.90
N GLY B 109 19.02 -27.46 3.21
CA GLY B 109 19.18 -28.71 3.97
C GLY B 109 19.92 -29.79 3.19
N GLU B 110 19.15 -30.79 2.71
CA GLU B 110 19.68 -31.97 2.00
C GLU B 110 20.42 -31.49 0.75
N ALA B 111 21.60 -32.05 0.48
CA ALA B 111 22.43 -31.63 -0.67
C ALA B 111 21.63 -31.78 -1.97
N GLU B 112 21.53 -30.67 -2.70
CA GLU B 112 20.76 -30.57 -3.91
C GLU B 112 21.60 -29.88 -4.98
N ALA B 113 21.28 -30.21 -6.25
CA ALA B 113 21.84 -29.58 -7.44
C ALA B 113 20.92 -28.44 -7.90
N PHE B 114 21.53 -27.32 -8.29
CA PHE B 114 20.83 -26.18 -8.83
C PHE B 114 21.68 -25.57 -9.95
N THR B 115 20.99 -24.95 -10.92
CA THR B 115 21.58 -23.95 -11.78
C THR B 115 21.34 -22.56 -11.16
N PHE B 116 22.42 -21.92 -10.72
CA PHE B 116 22.34 -20.65 -10.05
C PHE B 116 22.66 -19.53 -11.04
N ALA B 117 22.07 -18.36 -10.79
CA ALA B 117 22.54 -17.12 -11.38
C ALA B 117 22.71 -16.12 -10.25
N ILE B 118 23.68 -15.22 -10.40
CA ILE B 118 23.96 -14.25 -9.36
C ILE B 118 24.29 -12.94 -10.07
N ARG B 119 23.49 -11.91 -9.76
CA ARG B 119 23.62 -10.59 -10.34
C ARG B 119 24.16 -9.63 -9.26
N PHE B 120 24.94 -8.64 -9.71
CA PHE B 120 25.61 -7.71 -8.83
C PHE B 120 25.12 -6.31 -9.17
N GLY B 121 25.50 -5.31 -8.37
CA GLY B 121 25.12 -3.92 -8.55
C GLY B 121 25.74 -3.28 -9.79
N SER B 122 26.92 -3.76 -10.21
CA SER B 122 27.70 -3.17 -11.30
C SER B 122 28.51 -4.25 -12.02
N LYS B 123 29.01 -3.91 -13.21
CA LYS B 123 29.77 -4.83 -14.03
C LYS B 123 31.14 -5.10 -13.38
N GLU B 124 31.70 -4.06 -12.72
CA GLU B 124 32.99 -4.19 -12.06
C GLU B 124 32.87 -5.27 -10.97
N ASN B 125 31.75 -5.21 -10.23
CA ASN B 125 31.48 -6.14 -9.15
C ASN B 125 31.44 -7.57 -9.73
N ALA B 126 30.74 -7.74 -10.86
CA ALA B 126 30.60 -9.05 -11.51
C ALA B 126 31.98 -9.57 -11.94
N ASP B 127 32.82 -8.70 -12.51
CA ASP B 127 34.15 -9.08 -12.98
C ASP B 127 35.05 -9.42 -11.78
N LYS B 128 34.92 -8.64 -10.69
CA LYS B 128 35.68 -8.87 -9.46
C LYS B 128 35.31 -10.25 -8.90
N PHE B 129 33.99 -10.51 -8.82
CA PHE B 129 33.47 -11.77 -8.32
C PHE B 129 34.10 -12.95 -9.07
N LYS B 130 34.17 -12.85 -10.41
CA LYS B 130 34.65 -13.94 -11.28
C LYS B 130 36.14 -14.23 -11.00
N GLU B 131 36.91 -13.15 -10.85
CA GLU B 131 38.32 -13.21 -10.52
C GLU B 131 38.51 -13.94 -9.18
N GLU B 132 37.75 -13.53 -8.16
CA GLU B 132 37.81 -14.10 -6.80
C GLU B 132 37.36 -15.57 -6.81
N PHE B 133 36.32 -15.85 -7.60
CA PHE B 133 35.74 -17.18 -7.71
C PHE B 133 36.79 -18.15 -8.27
N GLU B 134 37.53 -17.71 -9.29
CA GLU B 134 38.55 -18.56 -9.91
C GLU B 134 39.75 -18.74 -8.97
N LYS B 135 40.14 -17.70 -8.23
CA LYS B 135 41.18 -17.80 -7.19
C LYS B 135 40.81 -18.87 -6.15
N ALA B 136 39.54 -18.84 -5.70
CA ALA B 136 39.04 -19.75 -4.67
C ALA B 136 39.06 -21.19 -5.19
N GLN B 137 38.75 -21.35 -6.48
CA GLN B 137 38.81 -22.64 -7.18
C GLN B 137 40.24 -23.19 -7.07
N GLU B 138 41.23 -22.32 -7.28
CA GLU B 138 42.66 -22.70 -7.22
C GLU B 138 42.98 -23.20 -5.81
N ILE B 139 42.59 -22.42 -4.79
CA ILE B 139 42.85 -22.74 -3.40
C ILE B 139 42.24 -24.11 -3.08
N ASN B 140 41.05 -24.38 -3.63
CA ASN B 140 40.31 -25.61 -3.38
C ASN B 140 40.98 -26.83 -4.03
N LYS B 141 41.82 -26.62 -5.06
CA LYS B 141 42.50 -27.74 -5.78
C LYS B 141 43.58 -28.39 -4.89
N LYS B 142 44.38 -27.58 -4.20
CA LYS B 142 45.23 -28.05 -3.10
C LYS B 142 44.41 -28.05 -1.81
N SER C 3 -11.31 -42.30 -0.34
CA SER C 3 -12.15 -42.81 0.80
C SER C 3 -12.73 -41.64 1.62
N MET C 4 -11.96 -40.55 1.73
CA MET C 4 -12.42 -39.27 2.30
C MET C 4 -13.57 -38.69 1.47
N GLU C 5 -13.60 -39.02 0.17
CA GLU C 5 -14.55 -38.48 -0.79
C GLU C 5 -15.96 -39.07 -0.60
N GLY C 6 -16.11 -40.04 0.32
CA GLY C 6 -17.41 -40.61 0.65
C GLY C 6 -18.47 -39.57 0.98
N ILE C 7 -18.11 -38.56 1.77
CA ILE C 7 -19.08 -37.56 2.23
C ILE C 7 -19.65 -36.76 1.06
N LEU C 8 -18.93 -36.71 -0.08
CA LEU C 8 -19.39 -35.99 -1.27
C LEU C 8 -20.55 -36.72 -1.96
N ASP C 9 -20.70 -38.02 -1.72
CA ASP C 9 -21.74 -38.83 -2.35
C ASP C 9 -23.03 -38.72 -1.52
N PHE C 10 -24.04 -38.03 -2.07
CA PHE C 10 -25.27 -37.71 -1.33
C PHE C 10 -26.33 -38.80 -1.53
N SER C 11 -26.12 -39.70 -2.49
CA SER C 11 -27.03 -40.84 -2.71
C SER C 11 -27.04 -41.76 -1.49
N ASN C 12 -25.95 -41.80 -0.73
CA ASN C 12 -25.87 -42.48 0.59
C ASN C 12 -26.16 -41.49 1.71
N ASP C 13 -26.44 -42.04 2.91
CA ASP C 13 -26.46 -41.28 4.17
C ASP C 13 -25.05 -40.70 4.39
N LEU C 14 -24.97 -39.55 5.07
CA LEU C 14 -23.68 -38.98 5.48
C LEU C 14 -23.11 -39.82 6.62
N ASP C 15 -21.91 -40.36 6.41
CA ASP C 15 -21.10 -40.96 7.46
C ASP C 15 -20.47 -39.85 8.31
N ILE C 16 -21.02 -39.63 9.51
CA ILE C 16 -20.60 -38.50 10.34
C ILE C 16 -19.17 -38.74 10.83
N ALA C 17 -18.89 -39.99 11.23
CA ALA C 17 -17.57 -40.36 11.70
C ALA C 17 -16.53 -40.06 10.62
N LEU C 18 -16.89 -40.31 9.36
CA LEU C 18 -16.01 -40.03 8.22
C LEU C 18 -15.81 -38.52 8.08
N LEU C 19 -16.90 -37.75 8.22
CA LEU C 19 -16.82 -36.29 8.18
C LEU C 19 -15.77 -35.78 9.19
N ASP C 20 -15.92 -36.21 10.44
CA ASP C 20 -15.07 -35.78 11.54
C ASP C 20 -13.60 -36.11 11.25
N GLN C 21 -13.36 -37.28 10.63
CA GLN C 21 -12.03 -37.66 10.19
C GLN C 21 -11.52 -36.63 9.17
N VAL C 22 -12.35 -36.27 8.19
CA VAL C 22 -11.94 -35.36 7.14
C VAL C 22 -11.63 -34.00 7.75
N VAL C 23 -12.51 -33.56 8.67
CA VAL C 23 -12.39 -32.28 9.31
C VAL C 23 -11.09 -32.24 10.13
N SER C 24 -10.86 -33.29 10.92
CA SER C 24 -9.66 -33.42 11.76
C SER C 24 -8.41 -33.40 10.90
N THR C 25 -8.47 -34.09 9.76
CA THR C 25 -7.34 -34.18 8.85
C THR C 25 -7.00 -32.79 8.31
N PHE C 26 -8.00 -31.96 8.05
CA PHE C 26 -7.73 -30.61 7.54
C PHE C 26 -7.12 -29.72 8.63
N TYR C 27 -7.74 -29.65 9.80
CA TYR C 27 -7.32 -28.71 10.84
C TYR C 27 -6.03 -29.22 11.52
N GLN C 28 -6.02 -30.51 11.91
CA GLN C 28 -4.93 -31.10 12.72
C GLN C 28 -3.89 -31.82 11.84
N GLY C 29 -4.21 -32.07 10.56
CA GLY C 29 -3.30 -32.81 9.68
C GLY C 29 -2.28 -31.90 9.04
N SER C 30 -1.59 -32.42 8.02
CA SER C 30 -0.54 -31.69 7.29
C SER C 30 -0.34 -32.28 5.89
N GLY C 31 0.42 -31.54 5.06
CA GLY C 31 0.93 -32.02 3.77
C GLY C 31 -0.17 -32.28 2.76
N VAL C 32 -0.12 -33.45 2.13
CA VAL C 32 -0.99 -33.78 1.00
C VAL C 32 -2.39 -34.12 1.52
N GLN C 33 -2.45 -34.87 2.64
CA GLN C 33 -3.71 -35.27 3.26
C GLN C 33 -4.52 -34.03 3.64
N GLN C 34 -3.86 -33.02 4.23
CA GLN C 34 -4.51 -31.74 4.62
C GLN C 34 -5.10 -31.05 3.37
N LYS C 35 -4.35 -31.05 2.27
CA LYS C 35 -4.76 -30.36 1.04
C LYS C 35 -5.95 -31.08 0.41
N GLN C 36 -5.90 -32.41 0.43
CA GLN C 36 -6.98 -33.24 -0.11
C GLN C 36 -8.25 -33.01 0.73
N ALA C 37 -8.11 -33.03 2.06
CA ALA C 37 -9.24 -32.87 2.97
C ALA C 37 -9.90 -31.50 2.76
N GLN C 38 -9.08 -30.47 2.55
CA GLN C 38 -9.55 -29.10 2.37
C GLN C 38 -10.49 -29.03 1.16
N GLU C 39 -10.08 -29.67 0.06
CA GLU C 39 -10.81 -29.64 -1.22
C GLU C 39 -12.15 -30.34 -1.04
N ILE C 40 -12.14 -31.48 -0.34
CA ILE C 40 -13.32 -32.26 -0.09
C ILE C 40 -14.32 -31.45 0.76
N LEU C 41 -13.85 -30.82 1.84
CA LEU C 41 -14.75 -30.07 2.74
C LEU C 41 -15.38 -28.90 1.98
N THR C 42 -14.57 -28.27 1.12
CA THR C 42 -15.03 -27.15 0.34
C THR C 42 -16.18 -27.61 -0.56
N LYS C 43 -16.01 -28.76 -1.22
CA LYS C 43 -17.00 -29.26 -2.19
C LYS C 43 -18.26 -29.69 -1.43
N PHE C 44 -18.08 -30.31 -0.27
CA PHE C 44 -19.17 -30.64 0.63
C PHE C 44 -19.99 -29.38 0.94
N GLN C 45 -19.31 -28.35 1.44
CA GLN C 45 -19.95 -27.11 1.90
C GLN C 45 -20.76 -26.45 0.77
N ASP C 46 -20.19 -26.42 -0.43
CA ASP C 46 -20.79 -25.71 -1.57
C ASP C 46 -21.91 -26.53 -2.22
N ASN C 47 -22.06 -27.82 -1.87
CA ASN C 47 -23.17 -28.61 -2.36
C ASN C 47 -24.45 -27.97 -1.84
N PRO C 48 -25.35 -27.48 -2.73
CA PRO C 48 -26.54 -26.73 -2.30
C PRO C 48 -27.59 -27.53 -1.50
N ASP C 49 -27.40 -28.84 -1.34
CA ASP C 49 -28.26 -29.64 -0.49
C ASP C 49 -27.60 -29.87 0.88
N ALA C 50 -26.31 -29.52 1.03
CA ALA C 50 -25.52 -29.80 2.25
C ALA C 50 -26.25 -29.35 3.52
N TRP C 51 -27.04 -28.28 3.44
CA TRP C 51 -27.75 -27.72 4.58
C TRP C 51 -28.75 -28.73 5.18
N GLN C 52 -29.26 -29.64 4.34
CA GLN C 52 -30.18 -30.65 4.81
C GLN C 52 -29.47 -31.57 5.82
N LYS C 53 -28.15 -31.69 5.72
CA LYS C 53 -27.35 -32.55 6.59
C LYS C 53 -26.94 -31.79 7.87
N ALA C 54 -27.36 -30.54 8.02
CA ALA C 54 -26.85 -29.68 9.10
C ALA C 54 -27.31 -30.19 10.47
N ASP C 55 -28.61 -30.46 10.60
CA ASP C 55 -29.18 -30.93 11.87
C ASP C 55 -28.53 -32.27 12.26
N GLN C 56 -28.29 -33.10 11.25
CA GLN C 56 -27.66 -34.39 11.42
C GLN C 56 -26.27 -34.21 12.04
N ILE C 57 -25.46 -33.33 11.44
CA ILE C 57 -24.08 -33.07 11.88
C ILE C 57 -24.08 -32.48 13.31
N LEU C 58 -25.04 -31.60 13.62
CA LEU C 58 -25.09 -30.95 14.94
C LEU C 58 -25.39 -31.99 16.02
N GLN C 59 -26.30 -32.92 15.75
CA GLN C 59 -26.70 -33.93 16.73
C GLN C 59 -25.60 -34.98 16.95
N PHE C 60 -25.03 -35.47 15.84
CA PHE C 60 -24.31 -36.76 15.87
C PHE C 60 -22.79 -36.59 15.83
N SER C 61 -22.28 -35.40 15.48
CA SER C 61 -20.83 -35.19 15.38
C SER C 61 -20.19 -35.12 16.77
N THR C 62 -18.93 -35.56 16.84
CA THR C 62 -18.08 -35.48 18.04
C THR C 62 -16.94 -34.46 17.83
N ASN C 63 -17.01 -33.67 16.74
CA ASN C 63 -15.98 -32.70 16.35
C ASN C 63 -16.60 -31.31 16.30
N PRO C 64 -16.18 -30.37 17.15
CA PRO C 64 -16.70 -29.00 17.11
C PRO C 64 -16.53 -28.25 15.77
N GLN C 65 -15.44 -28.55 15.06
CA GLN C 65 -15.17 -27.93 13.77
C GLN C 65 -16.18 -28.42 12.74
N SER C 66 -16.62 -29.69 12.87
CA SER C 66 -17.66 -30.23 12.00
C SER C 66 -18.96 -29.44 12.19
N LYS C 67 -19.26 -29.10 13.45
CA LYS C 67 -20.46 -28.35 13.78
C LYS C 67 -20.32 -26.90 13.29
N PHE C 68 -19.13 -26.33 13.46
CA PHE C 68 -18.84 -24.99 12.95
C PHE C 68 -19.18 -24.92 11.45
N ILE C 69 -18.64 -25.86 10.69
CA ILE C 69 -18.80 -25.92 9.23
C ILE C 69 -20.27 -26.14 8.86
N ALA C 70 -21.00 -26.92 9.65
CA ALA C 70 -22.44 -27.10 9.47
C ALA C 70 -23.15 -25.74 9.54
N LEU C 71 -22.78 -24.94 10.55
CA LEU C 71 -23.37 -23.61 10.76
C LEU C 71 -22.97 -22.64 9.64
N SER C 72 -21.74 -22.74 9.13
CA SER C 72 -21.33 -21.99 7.91
C SER C 72 -22.20 -22.36 6.71
N ILE C 73 -22.56 -23.63 6.58
CA ILE C 73 -23.44 -24.08 5.50
C ILE C 73 -24.81 -23.41 5.67
N LEU C 74 -25.32 -23.42 6.91
CA LEU C 74 -26.58 -22.80 7.26
C LEU C 74 -26.53 -21.29 7.03
N ASP C 75 -25.45 -20.64 7.46
CA ASP C 75 -25.25 -19.19 7.27
C ASP C 75 -25.47 -18.83 5.80
N LYS C 76 -24.83 -19.56 4.88
CA LYS C 76 -24.88 -19.28 3.45
C LYS C 76 -26.30 -19.50 2.91
N LEU C 77 -27.02 -20.48 3.47
CA LEU C 77 -28.42 -20.72 3.12
C LEU C 77 -29.30 -19.55 3.58
N ILE C 78 -29.15 -19.13 4.84
CA ILE C 78 -29.96 -18.07 5.45
C ILE C 78 -29.76 -16.73 4.70
N THR C 79 -28.50 -16.40 4.39
CA THR C 79 -28.17 -15.09 3.85
C THR C 79 -28.58 -14.97 2.37
N ARG C 80 -28.61 -16.10 1.64
CA ARG C 80 -28.76 -16.07 0.16
C ARG C 80 -30.10 -16.68 -0.32
N LYS C 81 -30.62 -17.72 0.35
CA LYS C 81 -31.76 -18.50 -0.21
C LYS C 81 -32.88 -18.73 0.81
N TRP C 82 -32.84 -17.99 1.92
CA TRP C 82 -33.83 -18.17 3.03
C TRP C 82 -35.29 -18.11 2.57
N LYS C 83 -35.66 -17.13 1.74
CA LYS C 83 -37.06 -16.89 1.36
C LYS C 83 -37.53 -17.95 0.35
N LEU C 84 -36.59 -18.71 -0.23
CA LEU C 84 -36.93 -19.77 -1.19
C LEU C 84 -37.45 -21.02 -0.47
N LEU C 85 -36.95 -21.28 0.74
CA LEU C 85 -37.39 -22.42 1.54
C LEU C 85 -38.89 -22.33 1.80
N PRO C 86 -39.62 -23.47 1.84
CA PRO C 86 -40.98 -23.46 2.39
C PRO C 86 -40.93 -23.12 3.89
N ASN C 87 -42.08 -22.72 4.45
CA ASN C 87 -42.15 -22.17 5.81
C ASN C 87 -41.78 -23.23 6.86
N ASP C 88 -42.04 -24.51 6.57
CA ASP C 88 -41.68 -25.63 7.45
C ASP C 88 -40.18 -25.62 7.73
N HIS C 89 -39.37 -25.52 6.68
CA HIS C 89 -37.93 -25.62 6.82
C HIS C 89 -37.40 -24.39 7.56
N ARG C 90 -38.10 -23.25 7.48
CA ARG C 90 -37.67 -22.04 8.14
C ARG C 90 -37.91 -22.12 9.64
N ILE C 91 -39.08 -22.63 10.04
CA ILE C 91 -39.43 -22.89 11.45
C ILE C 91 -38.42 -23.92 12.02
N GLY C 92 -38.20 -24.98 11.25
CA GLY C 92 -37.38 -26.13 11.65
C GLY C 92 -35.96 -25.74 11.94
N ILE C 93 -35.35 -25.02 10.98
CA ILE C 93 -33.99 -24.51 11.07
C ILE C 93 -33.88 -23.52 12.25
N ARG C 94 -34.83 -22.60 12.37
CA ARG C 94 -34.87 -21.69 13.51
C ARG C 94 -34.83 -22.51 14.81
N ASN C 95 -35.75 -23.47 14.94
CA ASN C 95 -35.95 -24.22 16.17
C ASN C 95 -34.65 -24.92 16.59
N PHE C 96 -33.94 -25.56 15.64
CA PHE C 96 -32.78 -26.39 16.02
C PHE C 96 -31.53 -25.54 16.22
N VAL C 97 -31.55 -24.30 15.72
CA VAL C 97 -30.47 -23.35 16.02
C VAL C 97 -30.71 -22.83 17.44
N VAL C 98 -31.93 -22.36 17.73
CA VAL C 98 -32.29 -21.80 19.03
C VAL C 98 -32.01 -22.87 20.10
N GLY C 99 -32.46 -24.10 19.82
CA GLY C 99 -32.40 -25.22 20.75
C GLY C 99 -30.99 -25.68 21.07
N MET C 100 -30.10 -25.59 20.08
CA MET C 100 -28.72 -25.99 20.24
C MET C 100 -27.98 -24.97 21.12
N ILE C 101 -28.32 -23.68 20.96
CA ILE C 101 -27.75 -22.60 21.74
C ILE C 101 -28.12 -22.82 23.21
N ILE C 102 -29.42 -22.98 23.49
CA ILE C 102 -29.94 -23.17 24.87
C ILE C 102 -29.25 -24.40 25.47
N SER C 103 -29.21 -25.48 24.69
CA SER C 103 -28.63 -26.73 25.12
C SER C 103 -27.15 -26.55 25.48
N MET C 104 -26.39 -25.83 24.66
CA MET C 104 -24.95 -25.61 24.88
C MET C 104 -24.68 -24.69 26.08
N CYS C 105 -25.63 -23.81 26.39
CA CYS C 105 -25.47 -22.88 27.50
C CYS C 105 -25.83 -23.51 28.84
N GLN C 106 -26.58 -24.62 28.81
CA GLN C 106 -27.08 -25.26 30.02
C GLN C 106 -26.05 -26.26 30.55
N ASP C 107 -25.30 -26.90 29.64
CA ASP C 107 -24.15 -27.66 30.01
C ASP C 107 -22.98 -26.70 30.29
N ASP C 108 -22.70 -26.43 31.58
CA ASP C 108 -21.62 -25.54 32.06
C ASP C 108 -20.27 -25.83 31.40
N GLU C 109 -19.94 -27.12 31.25
CA GLU C 109 -18.64 -27.56 30.69
C GLU C 109 -18.54 -27.21 29.20
N VAL C 110 -19.63 -27.43 28.45
CA VAL C 110 -19.70 -27.11 27.01
C VAL C 110 -19.61 -25.58 26.83
N PHE C 111 -20.35 -24.83 27.66
CA PHE C 111 -20.33 -23.37 27.66
C PHE C 111 -18.91 -22.82 27.84
N LYS C 112 -18.12 -23.49 28.69
CA LYS C 112 -16.78 -23.04 29.06
C LYS C 112 -15.81 -23.29 27.89
N THR C 113 -15.90 -24.49 27.29
CA THR C 113 -14.84 -25.02 26.44
C THR C 113 -15.17 -24.86 24.94
N GLN C 114 -16.42 -24.57 24.58
CA GLN C 114 -16.85 -24.56 23.18
C GLN C 114 -17.28 -23.16 22.76
N LYS C 115 -16.53 -22.13 23.17
CA LYS C 115 -16.90 -20.71 22.96
C LYS C 115 -16.98 -20.37 21.48
N ASN C 116 -16.04 -20.88 20.68
CA ASN C 116 -16.03 -20.69 19.23
C ASN C 116 -17.36 -21.15 18.63
N LEU C 117 -17.75 -22.37 18.98
CA LEU C 117 -18.94 -23.01 18.40
C LEU C 117 -20.22 -22.25 18.79
N ILE C 118 -20.26 -21.75 20.03
CA ILE C 118 -21.42 -21.02 20.54
C ILE C 118 -21.50 -19.64 19.89
N ASN C 119 -20.35 -18.97 19.70
CA ASN C 119 -20.31 -17.64 19.05
C ASN C 119 -20.79 -17.74 17.60
N LYS C 120 -20.35 -18.81 16.92
CA LYS C 120 -20.77 -19.08 15.55
C LYS C 120 -22.29 -19.34 15.50
N SER C 121 -22.80 -20.07 16.51
CA SER C 121 -24.21 -20.37 16.61
C SER C 121 -25.02 -19.08 16.78
N ASP C 122 -24.51 -18.20 17.64
CA ASP C 122 -25.18 -16.93 17.98
C ASP C 122 -25.30 -16.06 16.74
N LEU C 123 -24.19 -15.96 16.01
CA LEU C 123 -24.15 -15.21 14.77
C LEU C 123 -25.16 -15.81 13.78
N THR C 124 -25.26 -17.13 13.72
CA THR C 124 -26.15 -17.81 12.80
C THR C 124 -27.59 -17.43 13.14
N LEU C 125 -27.91 -17.42 14.44
CA LEU C 125 -29.22 -16.98 14.93
C LEU C 125 -29.52 -15.55 14.47
N VAL C 126 -28.52 -14.67 14.55
CA VAL C 126 -28.66 -13.25 14.22
C VAL C 126 -28.99 -13.10 12.72
N GLN C 127 -28.45 -14.00 11.89
CA GLN C 127 -28.75 -14.02 10.44
C GLN C 127 -30.25 -14.29 10.24
N ILE C 128 -30.82 -15.17 11.06
CA ILE C 128 -32.24 -15.50 11.05
C ILE C 128 -33.05 -14.30 11.54
N LEU C 129 -32.55 -13.58 12.55
CA LEU C 129 -33.24 -12.39 13.03
C LEU C 129 -33.32 -11.36 11.88
N LYS C 130 -32.25 -11.24 11.09
CA LYS C 130 -32.20 -10.27 10.03
C LYS C 130 -33.28 -10.59 8.99
N GLN C 131 -33.58 -11.88 8.82
CA GLN C 131 -34.58 -12.37 7.86
C GLN C 131 -35.98 -12.35 8.48
N GLU C 132 -36.15 -12.69 9.76
CA GLU C 132 -37.55 -12.81 10.25
C GLU C 132 -37.89 -11.88 11.43
N TRP C 133 -36.93 -11.14 11.97
CA TRP C 133 -37.21 -10.24 13.09
C TRP C 133 -37.41 -8.81 12.59
N PRO C 134 -38.39 -8.09 13.16
CA PRO C 134 -39.37 -8.61 14.11
C PRO C 134 -40.73 -9.00 13.51
N GLN C 135 -40.91 -8.82 12.20
CA GLN C 135 -42.22 -9.00 11.57
C GLN C 135 -42.77 -10.41 11.82
N ASN C 136 -41.93 -11.46 11.79
CA ASN C 136 -42.37 -12.85 12.03
C ASN C 136 -41.73 -13.41 13.31
N TRP C 137 -41.40 -12.54 14.26
CA TRP C 137 -40.78 -12.92 15.53
C TRP C 137 -40.93 -11.76 16.51
N PRO C 138 -42.16 -11.29 16.77
CA PRO C 138 -42.36 -10.11 17.61
C PRO C 138 -41.79 -10.24 19.03
N GLU C 139 -41.76 -11.46 19.58
CA GLU C 139 -41.50 -11.69 21.02
C GLU C 139 -40.06 -12.15 21.29
N PHE C 140 -39.19 -12.08 20.28
CA PHE C 140 -37.79 -12.48 20.42
C PHE C 140 -37.12 -11.74 21.59
N ILE C 141 -37.24 -10.41 21.62
CA ILE C 141 -36.54 -9.57 22.60
C ILE C 141 -37.14 -9.79 23.98
N PRO C 142 -38.48 -9.70 24.21
CA PRO C 142 -39.04 -9.99 25.54
C PRO C 142 -38.67 -11.37 26.12
N GLU C 143 -38.74 -12.42 25.28
CA GLU C 143 -38.40 -13.79 25.66
C GLU C 143 -36.89 -13.89 25.98
N LEU C 144 -36.06 -13.15 25.25
CA LEU C 144 -34.61 -13.11 25.53
C LEU C 144 -34.35 -12.49 26.91
N ILE C 145 -35.04 -11.39 27.23
CA ILE C 145 -34.91 -10.70 28.51
C ILE C 145 -35.44 -11.62 29.61
N GLY C 146 -36.54 -12.32 29.36
CA GLY C 146 -37.13 -13.21 30.35
C GLY C 146 -36.22 -14.37 30.70
N SER C 147 -35.67 -15.01 29.67
CA SER C 147 -34.85 -16.21 29.81
C SER C 147 -33.47 -15.87 30.41
N SER C 148 -33.16 -14.58 30.57
CA SER C 148 -31.84 -14.13 31.05
C SER C 148 -31.70 -14.33 32.57
N SER C 149 -32.79 -14.25 33.33
CA SER C 149 -32.77 -14.50 34.80
C SER C 149 -32.65 -16.00 35.11
N SER C 150 -33.01 -16.85 34.13
CA SER C 150 -33.14 -18.33 34.28
C SER C 150 -31.78 -19.02 34.43
N SER C 151 -30.74 -18.46 33.80
CA SER C 151 -29.39 -19.01 33.83
C SER C 151 -28.35 -17.89 33.65
N VAL C 152 -27.24 -17.94 34.38
CA VAL C 152 -26.17 -16.92 34.23
C VAL C 152 -25.46 -17.11 32.89
N ASN C 153 -25.39 -18.36 32.41
CA ASN C 153 -24.76 -18.72 31.12
C ASN C 153 -25.62 -18.22 29.94
N VAL C 154 -26.95 -18.33 30.06
CA VAL C 154 -27.90 -17.89 29.05
C VAL C 154 -27.93 -16.35 29.04
N CYS C 155 -27.89 -15.74 30.22
CA CYS C 155 -27.87 -14.28 30.31
C CYS C 155 -26.66 -13.73 29.55
N GLU C 156 -25.49 -14.33 29.84
CA GLU C 156 -24.22 -13.94 29.27
C GLU C 156 -24.26 -14.08 27.74
N ASN C 157 -24.76 -15.23 27.28
CA ASN C 157 -24.78 -15.54 25.88
C ASN C 157 -25.76 -14.61 25.15
N ASN C 158 -26.79 -14.13 25.86
CA ASN C 158 -27.76 -13.20 25.31
C ASN C 158 -27.09 -11.85 25.04
N MET C 159 -26.11 -11.47 25.86
CA MET C 159 -25.38 -10.22 25.68
C MET C 159 -24.52 -10.31 24.42
N ILE C 160 -24.01 -11.51 24.13
CA ILE C 160 -23.25 -11.78 22.90
C ILE C 160 -24.17 -11.64 21.67
N VAL C 161 -25.36 -12.24 21.77
CA VAL C 161 -26.32 -12.21 20.68
C VAL C 161 -26.70 -10.75 20.39
N LEU C 162 -26.97 -9.96 21.43
CA LEU C 162 -27.43 -8.59 21.25
C LEU C 162 -26.32 -7.74 20.66
N LYS C 163 -25.08 -7.98 21.12
CA LYS C 163 -23.87 -7.34 20.58
C LYS C 163 -23.74 -7.63 19.08
N LEU C 164 -23.84 -8.92 18.72
CA LEU C 164 -23.75 -9.29 17.32
C LEU C 164 -24.89 -8.62 16.55
N LEU C 165 -26.11 -8.62 17.11
CA LEU C 165 -27.28 -8.00 16.43
C LEU C 165 -27.05 -6.49 16.24
N SER C 166 -26.59 -5.80 17.29
CA SER C 166 -26.32 -4.36 17.18
C SER C 166 -25.28 -4.11 16.09
N GLU C 167 -24.21 -4.91 16.06
CA GLU C 167 -23.19 -4.81 15.01
C GLU C 167 -23.82 -4.92 13.61
N GLU C 168 -24.64 -5.94 13.40
CA GLU C 168 -25.11 -6.28 12.07
C GLU C 168 -26.09 -5.20 11.58
N VAL C 169 -26.77 -4.53 12.50
CA VAL C 169 -27.82 -3.59 12.11
C VAL C 169 -27.23 -2.17 11.94
N PHE C 170 -26.27 -1.80 12.80
CA PHE C 170 -25.83 -0.40 12.92
C PHE C 170 -24.43 -0.18 12.34
N ASP C 171 -23.56 -1.17 12.45
CA ASP C 171 -22.16 -1.03 12.13
C ASP C 171 -21.87 -1.57 10.72
N PHE C 172 -22.58 -2.60 10.26
CA PHE C 172 -22.20 -3.31 9.03
C PHE C 172 -23.37 -3.48 8.08
N SER C 173 -24.39 -2.63 8.19
CA SER C 173 -25.60 -2.79 7.41
C SER C 173 -25.44 -2.11 6.05
N ALA C 174 -24.63 -1.05 5.99
CA ALA C 174 -24.56 -0.20 4.79
C ALA C 174 -24.26 -1.04 3.55
N GLU C 175 -23.27 -1.93 3.62
CA GLU C 175 -22.89 -2.72 2.44
C GLU C 175 -23.86 -3.89 2.22
N GLN C 176 -24.49 -4.41 3.27
CA GLN C 176 -25.07 -5.76 3.25
C GLN C 176 -26.61 -5.78 3.23
N MET C 177 -27.29 -4.63 3.34
CA MET C 177 -28.77 -4.58 3.23
C MET C 177 -29.18 -3.38 2.39
N THR C 178 -30.42 -3.43 1.91
CA THR C 178 -31.00 -2.30 1.25
C THR C 178 -31.18 -1.19 2.29
N GLN C 179 -31.28 0.04 1.78
CA GLN C 179 -31.55 1.19 2.59
C GLN C 179 -32.81 0.92 3.43
N ALA C 180 -33.90 0.46 2.78
CA ALA C 180 -35.19 0.25 3.45
C ALA C 180 -35.07 -0.78 4.59
N LYS C 181 -34.29 -1.85 4.37
CA LYS C 181 -34.24 -2.93 5.31
C LYS C 181 -33.42 -2.50 6.52
N ALA C 182 -32.37 -1.72 6.26
CA ALA C 182 -31.47 -1.21 7.29
C ALA C 182 -32.24 -0.28 8.24
N LEU C 183 -33.12 0.55 7.66
CA LEU C 183 -33.96 1.44 8.41
C LEU C 183 -34.99 0.65 9.23
N HIS C 184 -35.63 -0.32 8.60
CA HIS C 184 -36.57 -1.22 9.28
C HIS C 184 -35.93 -1.81 10.55
N LEU C 185 -34.72 -2.34 10.42
CA LEU C 185 -34.11 -3.09 11.51
C LEU C 185 -33.55 -2.14 12.58
N LYS C 186 -33.00 -0.99 12.17
CA LYS C 186 -32.59 0.07 13.13
C LYS C 186 -33.78 0.53 13.96
N ASN C 187 -34.87 0.90 13.28
CA ASN C 187 -36.11 1.33 13.94
C ASN C 187 -36.63 0.26 14.89
N SER C 188 -36.56 -1.02 14.49
CA SER C 188 -37.04 -2.12 15.32
C SER C 188 -36.20 -2.27 16.60
N MET C 189 -34.87 -2.20 16.48
CA MET C 189 -33.96 -2.29 17.63
C MET C 189 -34.18 -1.07 18.52
N SER C 190 -34.35 0.08 17.89
CA SER C 190 -34.56 1.33 18.56
C SER C 190 -35.81 1.21 19.44
N LYS C 191 -36.89 0.65 18.89
CA LYS C 191 -38.19 0.63 19.57
C LYS C 191 -38.14 -0.29 20.79
N GLU C 192 -37.28 -1.30 20.80
CA GLU C 192 -37.24 -2.24 21.91
C GLU C 192 -36.00 -2.02 22.78
N PHE C 193 -35.32 -0.88 22.65
CA PHE C 193 -34.03 -0.72 23.30
C PHE C 193 -34.23 -0.49 24.80
N GLU C 194 -35.31 0.19 25.17
CA GLU C 194 -35.68 0.49 26.57
C GLU C 194 -35.53 -0.79 27.43
N GLN C 195 -36.12 -1.89 26.98
CA GLN C 195 -36.11 -3.16 27.71
C GLN C 195 -34.69 -3.74 27.66
N ILE C 196 -34.02 -3.66 26.51
CA ILE C 196 -32.64 -4.15 26.37
C ILE C 196 -31.75 -3.43 27.40
N PHE C 197 -31.92 -2.10 27.52
CA PHE C 197 -31.07 -1.28 28.39
C PHE C 197 -31.26 -1.65 29.86
N LYS C 198 -32.52 -1.84 30.29
CA LYS C 198 -32.83 -2.16 31.69
C LYS C 198 -32.12 -3.46 32.12
N LEU C 199 -32.16 -4.48 31.25
CA LEU C 199 -31.48 -5.76 31.50
C LEU C 199 -29.96 -5.52 31.64
N CYS C 200 -29.43 -4.65 30.78
CA CYS C 200 -28.01 -4.38 30.70
C CYS C 200 -27.56 -3.57 31.93
N PHE C 201 -28.38 -2.63 32.36
CA PHE C 201 -28.09 -1.83 33.55
C PHE C 201 -28.29 -2.66 34.83
N GLN C 202 -29.33 -3.50 34.85
CA GLN C 202 -29.51 -4.40 35.98
C GLN C 202 -28.22 -5.20 36.17
N VAL C 203 -27.75 -5.82 35.09
CA VAL C 203 -26.64 -6.74 35.17
C VAL C 203 -25.42 -5.96 35.63
N LEU C 204 -25.28 -4.71 35.21
CA LEU C 204 -24.13 -3.90 35.59
C LEU C 204 -24.20 -3.52 37.08
N GLU C 205 -25.40 -3.27 37.62
CA GLU C 205 -25.53 -2.83 39.00
C GLU C 205 -25.32 -3.99 39.98
N GLN C 206 -26.05 -5.09 39.74
CA GLN C 206 -26.17 -6.19 40.68
C GLN C 206 -25.27 -7.35 40.24
N GLY C 207 -24.68 -7.21 39.06
CA GLY C 207 -23.99 -8.30 38.38
C GLY C 207 -22.89 -8.86 39.25
N SER C 208 -22.81 -10.20 39.26
CA SER C 208 -21.86 -10.96 40.02
C SER C 208 -20.75 -11.46 39.09
N SER C 209 -21.14 -12.29 38.12
CA SER C 209 -20.22 -13.01 37.26
C SER C 209 -19.36 -12.00 36.46
N SER C 210 -18.03 -12.10 36.60
CA SER C 210 -17.12 -11.20 35.94
C SER C 210 -17.26 -11.38 34.41
N SER C 211 -17.42 -12.61 33.93
CA SER C 211 -17.47 -12.87 32.50
C SER C 211 -18.78 -12.33 31.91
N LEU C 212 -19.84 -12.31 32.72
CA LEU C 212 -21.15 -11.75 32.32
C LEU C 212 -21.07 -10.21 32.28
N ILE C 213 -20.33 -9.64 33.21
CA ILE C 213 -20.12 -8.19 33.26
C ILE C 213 -19.38 -7.78 31.99
N VAL C 214 -18.32 -8.52 31.68
CA VAL C 214 -17.50 -8.21 30.53
C VAL C 214 -18.37 -8.27 29.27
N ALA C 215 -19.11 -9.36 29.10
CA ALA C 215 -19.99 -9.52 27.94
C ALA C 215 -20.99 -8.36 27.85
N THR C 216 -21.51 -7.93 29.00
CA THR C 216 -22.54 -6.90 29.04
C THR C 216 -21.89 -5.57 28.60
N LEU C 217 -20.70 -5.29 29.10
CA LEU C 217 -19.95 -4.06 28.75
C LEU C 217 -19.57 -4.09 27.25
N GLU C 218 -19.21 -5.28 26.75
CA GLU C 218 -18.89 -5.45 25.35
C GLU C 218 -20.12 -5.08 24.51
N SER C 219 -21.32 -5.47 24.95
CA SER C 219 -22.56 -5.15 24.25
C SER C 219 -22.82 -3.65 24.32
N LEU C 220 -22.54 -3.05 25.48
CA LEU C 220 -22.71 -1.61 25.69
C LEU C 220 -21.84 -0.80 24.73
N LEU C 221 -20.60 -1.22 24.52
CA LEU C 221 -19.68 -0.55 23.58
C LEU C 221 -20.37 -0.38 22.22
N ARG C 222 -21.05 -1.44 21.74
CA ARG C 222 -21.73 -1.43 20.45
C ARG C 222 -22.93 -0.47 20.50
N TYR C 223 -23.70 -0.47 21.59
CA TYR C 223 -24.88 0.39 21.69
C TYR C 223 -24.50 1.88 21.67
N LEU C 224 -23.35 2.24 22.26
CA LEU C 224 -22.89 3.65 22.31
C LEU C 224 -22.66 4.25 20.90
N HIS C 225 -22.54 3.43 19.84
CA HIS C 225 -22.43 3.96 18.44
C HIS C 225 -23.73 4.68 18.04
N TRP C 226 -24.86 4.33 18.66
CA TRP C 226 -26.17 4.76 18.12
C TRP C 226 -27.22 5.18 19.17
N ILE C 227 -27.16 4.72 20.42
CA ILE C 227 -28.29 4.96 21.32
C ILE C 227 -28.37 6.44 21.68
N PRO C 228 -29.57 6.96 22.03
CA PRO C 228 -29.73 8.36 22.42
C PRO C 228 -28.98 8.71 23.73
N TYR C 229 -28.54 9.98 23.83
CA TYR C 229 -27.64 10.53 24.91
C TYR C 229 -28.24 10.24 26.31
N ARG C 230 -29.55 10.40 26.43
CA ARG C 230 -30.30 10.25 27.69
C ARG C 230 -29.94 8.94 28.41
N TYR C 231 -29.79 7.83 27.69
CA TYR C 231 -29.49 6.54 28.31
C TYR C 231 -28.12 6.58 28.99
N ILE C 232 -27.25 7.51 28.55
CA ILE C 232 -25.90 7.64 29.08
C ILE C 232 -25.86 8.61 30.27
N TYR C 233 -26.51 9.77 30.16
CA TYR C 233 -26.31 10.85 31.10
C TYR C 233 -27.46 10.97 32.09
N GLU C 234 -28.57 10.26 31.88
CA GLU C 234 -29.73 10.36 32.77
C GLU C 234 -29.92 9.07 33.59
N THR C 235 -28.95 8.15 33.52
CA THR C 235 -28.87 6.99 34.41
C THR C 235 -27.61 7.19 35.26
N ASN C 236 -27.27 6.20 36.08
CA ASN C 236 -26.10 6.33 36.93
C ASN C 236 -24.88 5.70 36.22
N ILE C 237 -25.03 5.37 34.93
CA ILE C 237 -24.12 4.43 34.28
C ILE C 237 -22.72 5.05 34.12
N LEU C 238 -22.61 6.38 33.99
CA LEU C 238 -21.28 6.95 33.86
C LEU C 238 -20.45 6.72 35.13
N GLU C 239 -21.08 6.95 36.30
CA GLU C 239 -20.47 6.65 37.59
C GLU C 239 -19.93 5.21 37.59
N LEU C 240 -20.75 4.27 37.10
CA LEU C 240 -20.40 2.85 37.17
C LEU C 240 -19.19 2.55 36.30
N LEU C 241 -19.17 3.09 35.08
CA LEU C 241 -18.08 2.86 34.15
C LEU C 241 -16.78 3.44 34.74
N SER C 242 -16.88 4.67 35.26
CA SER C 242 -15.71 5.51 35.55
C SER C 242 -15.13 5.24 36.96
N THR C 243 -15.78 4.40 37.77
CA THR C 243 -15.27 4.06 39.09
C THR C 243 -15.18 2.54 39.21
N LYS C 244 -16.32 1.90 39.46
CA LYS C 244 -16.39 0.48 39.72
C LYS C 244 -15.59 -0.30 38.67
N PHE C 245 -15.98 -0.15 37.39
CA PHE C 245 -15.49 -1.01 36.33
C PHE C 245 -14.08 -0.64 35.90
N MET C 246 -13.52 0.43 36.47
CA MET C 246 -12.13 0.81 36.20
C MET C 246 -11.19 0.14 37.21
N THR C 247 -11.68 -0.21 38.41
CA THR C 247 -10.84 -0.79 39.47
C THR C 247 -10.49 -2.27 39.18
N SER C 248 -11.47 -3.07 38.73
CA SER C 248 -11.22 -4.47 38.33
C SER C 248 -10.58 -4.51 36.95
N PRO C 249 -9.42 -5.17 36.76
CA PRO C 249 -8.67 -5.10 35.49
C PRO C 249 -9.29 -5.88 34.32
N ASP C 250 -10.15 -6.86 34.65
CA ASP C 250 -10.83 -7.67 33.65
C ASP C 250 -11.92 -6.82 32.96
N THR C 251 -12.48 -5.82 33.64
CA THR C 251 -13.48 -4.94 33.03
C THR C 251 -12.87 -3.60 32.53
N ARG C 252 -11.63 -3.31 32.92
CA ARG C 252 -11.02 -1.99 32.72
C ARG C 252 -10.89 -1.70 31.23
N ALA C 253 -10.41 -2.70 30.48
CA ALA C 253 -10.15 -2.57 29.08
C ALA C 253 -11.42 -2.14 28.36
N ILE C 254 -12.49 -2.92 28.54
CA ILE C 254 -13.71 -2.70 27.78
C ILE C 254 -14.37 -1.41 28.28
N THR C 255 -14.19 -1.09 29.56
CA THR C 255 -14.79 0.10 30.12
C THR C 255 -14.12 1.35 29.55
N LEU C 256 -12.81 1.28 29.39
CA LEU C 256 -12.05 2.40 28.88
C LEU C 256 -12.48 2.69 27.43
N LYS C 257 -12.60 1.63 26.62
CA LYS C 257 -13.13 1.71 25.23
C LYS C 257 -14.57 2.27 25.24
N CYS C 258 -15.39 1.87 26.23
CA CYS C 258 -16.78 2.38 26.35
C CYS C 258 -16.77 3.88 26.64
N LEU C 259 -15.89 4.29 27.56
CA LEU C 259 -15.81 5.68 27.94
C LEU C 259 -15.26 6.50 26.79
N THR C 260 -14.40 5.89 25.96
CA THR C 260 -13.87 6.55 24.78
C THR C 260 -15.02 6.87 23.82
N GLU C 261 -15.94 5.93 23.64
CA GLU C 261 -17.07 6.15 22.74
C GLU C 261 -17.96 7.27 23.27
N VAL C 262 -18.22 7.28 24.58
CA VAL C 262 -19.01 8.33 25.22
C VAL C 262 -18.32 9.68 24.99
N SER C 263 -17.00 9.72 25.17
CA SER C 263 -16.23 10.95 25.06
C SER C 263 -16.43 11.53 23.66
N ASN C 264 -16.49 10.62 22.68
CA ASN C 264 -16.42 10.96 21.25
C ASN C 264 -17.67 11.74 20.82
N LEU C 265 -18.83 11.45 21.47
CA LEU C 265 -20.09 12.23 21.30
C LEU C 265 -19.84 13.72 21.60
N LYS C 266 -20.41 14.59 20.74
CA LYS C 266 -20.43 16.03 20.95
C LYS C 266 -21.76 16.38 21.63
N ILE C 267 -21.69 16.69 22.93
CA ILE C 267 -22.86 17.00 23.76
C ILE C 267 -23.34 18.43 23.48
N PRO C 268 -24.64 18.75 23.73
CA PRO C 268 -25.13 20.13 23.61
C PRO C 268 -24.34 21.05 24.55
N GLN C 269 -23.80 22.16 24.03
CA GLN C 269 -22.92 23.09 24.81
C GLN C 269 -23.72 23.85 25.87
N ASP C 270 -24.98 24.19 25.55
CA ASP C 270 -25.80 25.08 26.39
C ASP C 270 -26.10 24.47 27.78
N ASN C 271 -26.16 23.14 27.91
CA ASN C 271 -26.61 22.45 29.16
C ASN C 271 -25.46 22.27 30.17
N ASP C 272 -25.54 22.93 31.32
CA ASP C 272 -24.50 22.90 32.37
C ASP C 272 -24.45 21.52 33.06
N LEU C 273 -25.60 20.91 33.31
CA LEU C 273 -25.66 19.60 34.00
C LEU C 273 -24.89 18.53 33.20
N ILE C 274 -25.07 18.48 31.87
CA ILE C 274 -24.33 17.49 31.03
C ILE C 274 -22.83 17.80 31.05
N LYS C 275 -22.48 19.09 31.08
CA LYS C 275 -21.09 19.52 31.18
C LYS C 275 -20.49 18.98 32.50
N ARG C 276 -21.18 19.14 33.62
CA ARG C 276 -20.71 18.66 34.93
C ARG C 276 -20.42 17.16 34.84
N GLN C 277 -21.30 16.40 34.18
CA GLN C 277 -21.17 14.95 34.10
C GLN C 277 -20.01 14.55 33.19
N THR C 278 -19.80 15.29 32.11
CA THR C 278 -18.71 15.00 31.20
C THR C 278 -17.37 15.23 31.92
N VAL C 279 -17.32 16.21 32.83
CA VAL C 279 -16.13 16.50 33.66
C VAL C 279 -15.93 15.37 34.68
N LEU C 280 -17.03 14.93 35.28
CA LEU C 280 -17.00 14.04 36.42
C LEU C 280 -16.50 12.67 35.99
N PHE C 281 -17.01 12.11 34.89
CA PHE C 281 -16.60 10.75 34.48
C PHE C 281 -15.09 10.75 34.14
N PHE C 282 -14.61 11.89 33.63
CA PHE C 282 -13.21 12.03 33.29
C PHE C 282 -12.39 12.12 34.57
N GLN C 283 -12.88 12.89 35.54
CA GLN C 283 -12.20 13.06 36.82
C GLN C 283 -12.08 11.70 37.52
N ASN C 284 -13.19 10.93 37.52
CA ASN C 284 -13.25 9.62 38.15
C ASN C 284 -12.24 8.68 37.46
N THR C 285 -12.23 8.67 36.13
CA THR C 285 -11.44 7.73 35.36
C THR C 285 -9.95 7.95 35.65
N LEU C 286 -9.53 9.22 35.65
CA LEU C 286 -8.14 9.57 35.88
C LEU C 286 -7.76 9.22 37.33
N GLN C 287 -8.73 9.32 38.24
CA GLN C 287 -8.53 8.98 39.65
C GLN C 287 -8.27 7.48 39.81
N GLN C 288 -9.03 6.64 39.10
CA GLN C 288 -8.88 5.19 39.16
C GLN C 288 -7.54 4.75 38.55
N ILE C 289 -7.07 5.50 37.54
CA ILE C 289 -5.79 5.21 36.91
C ILE C 289 -4.64 5.53 37.88
N ALA C 290 -4.69 6.71 38.51
CA ALA C 290 -3.65 7.15 39.47
C ALA C 290 -3.53 6.19 40.66
N THR C 291 -4.66 5.61 41.11
CA THR C 291 -4.67 4.83 42.35
C THR C 291 -4.56 3.32 42.07
N SER C 292 -5.19 2.82 40.98
CA SER C 292 -5.25 1.35 40.74
C SER C 292 -4.25 0.89 39.68
N VAL C 293 -3.69 1.79 38.87
CA VAL C 293 -2.86 1.34 37.73
C VAL C 293 -1.44 1.90 37.81
N MET C 294 -1.28 3.21 37.59
CA MET C 294 0.04 3.80 37.77
C MET C 294 -0.08 5.30 38.01
N PRO C 295 0.82 5.88 38.83
CA PRO C 295 0.85 7.33 39.05
C PRO C 295 1.35 8.07 37.81
N VAL C 296 1.19 9.40 37.82
CA VAL C 296 1.43 10.28 36.68
C VAL C 296 2.92 10.28 36.33
N THR C 297 3.77 9.97 37.31
CA THR C 297 5.22 10.02 37.16
C THR C 297 5.76 8.69 36.59
N ALA C 298 4.87 7.72 36.40
CA ALA C 298 5.26 6.38 35.99
C ALA C 298 5.94 6.43 34.63
N ASP C 299 6.92 5.54 34.47
CA ASP C 299 7.72 5.47 33.29
C ASP C 299 7.05 4.52 32.29
N LEU C 300 6.13 5.08 31.50
CA LEU C 300 5.31 4.30 30.60
C LEU C 300 6.15 3.75 29.44
N LYS C 301 7.25 4.44 29.11
CA LYS C 301 8.20 3.90 28.14
C LYS C 301 8.75 2.55 28.61
N ALA C 302 9.21 2.46 29.86
CA ALA C 302 9.67 1.18 30.42
C ALA C 302 8.54 0.15 30.47
N THR C 303 7.35 0.59 30.90
CA THR C 303 6.23 -0.32 31.08
C THR C 303 5.85 -0.94 29.73
N TYR C 304 5.76 -0.12 28.69
CA TYR C 304 5.39 -0.60 27.39
C TYR C 304 6.46 -1.58 26.86
N ALA C 305 7.74 -1.25 27.04
CA ALA C 305 8.84 -2.08 26.57
C ALA C 305 8.84 -3.45 27.26
N ASN C 306 8.46 -3.51 28.55
CA ASN C 306 8.39 -4.79 29.31
C ASN C 306 7.29 -5.70 28.75
N ALA C 307 6.20 -5.10 28.29
CA ALA C 307 5.12 -5.82 27.60
C ALA C 307 4.56 -6.96 28.47
N ASN C 308 4.41 -6.71 29.78
CA ASN C 308 3.70 -7.66 30.68
C ASN C 308 2.19 -7.68 30.38
N GLY C 309 1.61 -8.88 30.37
CA GLY C 309 0.16 -9.09 30.16
C GLY C 309 -0.40 -8.22 29.04
N ASN C 310 -1.33 -7.33 29.42
CA ASN C 310 -2.11 -6.52 28.49
C ASN C 310 -1.66 -5.06 28.56
N ASP C 311 -0.50 -4.80 29.15
CA ASP C 311 -0.01 -3.44 29.43
C ASP C 311 0.08 -2.61 28.13
N GLN C 312 0.58 -3.19 27.03
CA GLN C 312 0.73 -2.44 25.79
C GLN C 312 -0.63 -2.02 25.25
N SER C 313 -1.58 -2.95 25.31
CA SER C 313 -2.93 -2.70 24.86
C SER C 313 -3.61 -1.62 25.72
N PHE C 314 -3.38 -1.67 27.03
CA PHE C 314 -4.02 -0.76 27.95
C PHE C 314 -3.46 0.66 27.72
N LEU C 315 -2.15 0.78 27.58
CA LEU C 315 -1.53 2.08 27.33
C LEU C 315 -2.04 2.65 26.01
N GLN C 316 -2.21 1.79 25.00
CA GLN C 316 -2.80 2.20 23.73
C GLN C 316 -4.20 2.77 23.96
N ASP C 317 -5.03 2.00 24.69
CA ASP C 317 -6.42 2.39 24.93
C ASP C 317 -6.47 3.66 25.81
N LEU C 318 -5.50 3.83 26.71
CA LEU C 318 -5.47 5.03 27.54
C LEU C 318 -5.21 6.25 26.66
N ALA C 319 -4.19 6.14 25.78
CA ALA C 319 -3.84 7.20 24.84
C ALA C 319 -5.05 7.56 23.98
N MET C 320 -5.79 6.54 23.53
CA MET C 320 -6.99 6.78 22.72
C MET C 320 -8.07 7.49 23.54
N PHE C 321 -8.23 7.11 24.81
CA PHE C 321 -9.22 7.72 25.68
C PHE C 321 -8.88 9.19 25.94
N LEU C 322 -7.65 9.45 26.37
CA LEU C 322 -7.25 10.81 26.73
C LEU C 322 -7.30 11.73 25.51
N THR C 323 -6.78 11.25 24.37
CA THR C 323 -6.72 12.09 23.17
C THR C 323 -8.15 12.43 22.69
N THR C 324 -9.02 11.41 22.68
CA THR C 324 -10.41 11.54 22.20
C THR C 324 -11.11 12.55 23.10
N TYR C 325 -11.08 12.31 24.41
CA TYR C 325 -11.78 13.15 25.37
C TYR C 325 -11.26 14.59 25.33
N LEU C 326 -9.94 14.77 25.41
CA LEU C 326 -9.38 16.12 25.57
C LEU C 326 -9.55 16.93 24.27
N ALA C 327 -9.50 16.25 23.12
CA ALA C 327 -9.70 16.90 21.82
C ALA C 327 -11.10 17.51 21.77
N ARG C 328 -12.09 16.88 22.37
CA ARG C 328 -13.45 17.46 22.24
C ARG C 328 -13.90 18.14 23.54
N ASN C 329 -13.20 17.96 24.68
CA ASN C 329 -13.80 18.50 25.89
C ASN C 329 -12.81 19.27 26.78
N ARG C 330 -11.59 19.55 26.33
CA ARG C 330 -10.59 20.12 27.26
C ARG C 330 -11.01 21.53 27.69
N ALA C 331 -11.81 22.24 26.89
CA ALA C 331 -12.22 23.59 27.28
C ALA C 331 -13.04 23.55 28.59
N LEU C 332 -13.71 22.43 28.89
CA LEU C 332 -14.48 22.30 30.16
C LEU C 332 -13.52 22.33 31.37
N LEU C 333 -12.24 22.05 31.15
CA LEU C 333 -11.27 21.96 32.25
C LEU C 333 -10.40 23.23 32.36
N GLU C 334 -10.54 24.19 31.44
CA GLU C 334 -9.53 25.26 31.21
C GLU C 334 -9.81 26.51 32.04
N SER C 335 -11.05 26.71 32.49
CA SER C 335 -11.50 27.97 33.13
C SER C 335 -11.56 27.84 34.66
N ASP C 336 -12.13 26.75 35.14
CA ASP C 336 -12.32 26.48 36.55
C ASP C 336 -10.98 26.12 37.20
N GLU C 337 -10.55 26.90 38.19
CA GLU C 337 -9.22 26.72 38.88
C GLU C 337 -9.13 25.35 39.56
N SER C 338 -10.28 24.85 40.03
CA SER C 338 -10.37 23.59 40.73
C SER C 338 -10.15 22.42 39.77
N LEU C 339 -10.21 22.66 38.46
CA LEU C 339 -10.08 21.59 37.45
C LEU C 339 -8.71 21.60 36.76
N ARG C 340 -7.83 22.52 37.14
CA ARG C 340 -6.53 22.75 36.49
C ARG C 340 -5.59 21.58 36.74
N GLU C 341 -5.61 20.98 37.94
CA GLU C 341 -4.74 19.84 38.27
C GLU C 341 -5.14 18.68 37.34
N LEU C 342 -6.45 18.45 37.19
CA LEU C 342 -6.96 17.34 36.41
C LEU C 342 -6.56 17.51 34.94
N LEU C 343 -6.73 18.71 34.40
CA LEU C 343 -6.32 19.02 33.03
C LEU C 343 -4.85 18.67 32.85
N LEU C 344 -3.99 19.16 33.75
CA LEU C 344 -2.55 19.06 33.56
C LEU C 344 -2.08 17.63 33.77
N ASN C 345 -2.76 16.88 34.64
CA ASN C 345 -2.41 15.49 34.92
C ASN C 345 -2.70 14.62 33.69
N ALA C 346 -3.84 14.87 33.05
CA ALA C 346 -4.24 14.13 31.84
C ALA C 346 -3.20 14.36 30.74
N HIS C 347 -2.71 15.59 30.65
CA HIS C 347 -1.74 15.93 29.65
C HIS C 347 -0.38 15.36 30.03
N GLN C 348 -0.12 15.22 31.33
CA GLN C 348 1.13 14.68 31.82
C GLN C 348 1.19 13.19 31.47
N TYR C 349 0.04 12.50 31.61
CA TYR C 349 -0.06 11.11 31.17
C TYR C 349 0.29 11.02 29.68
N LEU C 350 -0.28 11.91 28.88
CA LEU C 350 0.00 11.93 27.46
C LEU C 350 1.50 12.17 27.20
N ILE C 351 2.12 13.08 27.94
CA ILE C 351 3.53 13.31 27.79
C ILE C 351 4.29 11.99 28.02
N GLN C 352 3.92 11.26 29.08
CA GLN C 352 4.57 9.98 29.41
C GLN C 352 4.31 8.94 28.31
N LEU C 353 3.08 8.89 27.78
CA LEU C 353 2.71 8.00 26.67
C LEU C 353 3.53 8.29 25.41
N SER C 354 3.89 9.56 25.20
CA SER C 354 4.57 10.04 24.00
C SER C 354 6.05 9.68 24.02
N LYS C 355 6.54 9.13 25.13
CA LYS C 355 7.91 8.71 25.22
C LYS C 355 8.03 7.22 24.90
N ILE C 356 6.90 6.53 24.79
CA ILE C 356 6.87 5.10 24.43
C ILE C 356 7.54 4.93 23.07
N GLU C 357 8.43 3.94 22.97
CA GLU C 357 9.07 3.58 21.71
C GLU C 357 8.12 2.64 20.99
N GLU C 358 7.33 3.20 20.08
CA GLU C 358 6.31 2.47 19.33
C GLU C 358 5.69 3.43 18.31
N ARG C 359 6.08 3.26 17.05
CA ARG C 359 5.89 4.27 15.99
C ARG C 359 4.43 4.66 15.91
N GLU C 360 3.55 3.66 15.81
CA GLU C 360 2.14 3.90 15.51
C GLU C 360 1.42 4.58 16.69
N LEU C 361 1.84 4.24 17.92
CA LEU C 361 1.29 4.88 19.07
C LEU C 361 1.74 6.35 19.13
N PHE C 362 3.04 6.58 18.90
CA PHE C 362 3.61 7.92 18.83
C PHE C 362 2.77 8.78 17.88
N LYS C 363 2.38 8.24 16.73
CA LYS C 363 1.57 8.96 15.75
C LYS C 363 0.21 9.33 16.35
N THR C 364 -0.36 8.44 17.17
CA THR C 364 -1.66 8.71 17.77
C THR C 364 -1.54 9.92 18.71
N THR C 365 -0.49 9.92 19.55
CA THR C 365 -0.26 11.01 20.49
C THR C 365 0.11 12.28 19.72
N LEU C 366 0.88 12.11 18.63
CA LEU C 366 1.34 13.26 17.86
C LEU C 366 0.15 13.98 17.19
N ASP C 367 -0.85 13.23 16.72
CA ASP C 367 -2.06 13.83 16.20
C ASP C 367 -2.71 14.71 17.27
N TYR C 368 -2.76 14.22 18.51
CA TYR C 368 -3.38 14.98 19.58
C TYR C 368 -2.59 16.28 19.82
N TRP C 369 -1.26 16.16 19.91
CA TRP C 369 -0.43 17.31 20.17
C TRP C 369 -0.63 18.34 19.06
N HIS C 370 -0.80 17.88 17.82
CA HIS C 370 -1.02 18.79 16.72
C HIS C 370 -2.32 19.56 16.95
N ASN C 371 -3.36 18.84 17.34
CA ASN C 371 -4.66 19.37 17.61
C ASN C 371 -4.55 20.48 18.68
N LEU C 372 -3.75 20.21 19.72
CA LEU C 372 -3.62 21.12 20.87
C LEU C 372 -2.81 22.35 20.44
N VAL C 373 -1.63 22.12 19.88
CA VAL C 373 -0.72 23.24 19.64
C VAL C 373 -1.33 24.18 18.59
N ALA C 374 -2.14 23.63 17.65
CA ALA C 374 -2.84 24.41 16.60
C ALA C 374 -3.92 25.30 17.23
N ASP C 375 -4.52 24.79 18.30
CA ASP C 375 -5.57 25.48 19.03
C ASP C 375 -4.95 26.62 19.87
N LEU C 376 -3.80 26.33 20.50
CA LEU C 376 -3.11 27.30 21.37
C LEU C 376 -2.53 28.44 20.54
N PHE C 377 -2.26 28.17 19.25
CA PHE C 377 -1.71 29.14 18.32
C PHE C 377 -2.75 30.23 18.03
N TYR C 378 -4.04 29.86 17.97
CA TYR C 378 -5.12 30.83 17.65
C TYR C 378 -5.89 31.23 18.90
N GLU C 379 -6.27 30.35 19.74
CA GLU C 379 -7.23 30.60 20.78
C GLU C 379 -6.62 31.50 21.86
N PRO C 380 -7.29 32.60 22.16
CA PRO C 380 -6.75 33.59 23.07
C PRO C 380 -6.69 33.04 24.50
N LEU C 381 -5.67 33.50 25.28
CA LEU C 381 -5.45 33.31 26.73
C LEU C 381 -5.32 31.83 27.11
N LYS C 382 -4.95 30.94 26.19
CA LYS C 382 -4.93 29.52 26.48
C LYS C 382 -3.50 28.99 26.66
N LYS C 383 -2.53 29.50 25.90
CA LYS C 383 -1.21 28.83 25.84
C LYS C 383 -0.48 28.90 27.20
N HIS C 384 -0.73 29.94 28.00
CA HIS C 384 -0.12 30.06 29.35
C HIS C 384 -0.42 28.80 30.20
N ILE C 385 -1.64 28.26 30.06
CA ILE C 385 -2.08 27.07 30.80
C ILE C 385 -1.10 25.90 30.58
N TYR C 386 -0.67 25.70 29.32
CA TYR C 386 0.00 24.48 28.89
C TYR C 386 1.52 24.68 28.75
N GLU C 387 2.06 25.73 29.40
CA GLU C 387 3.45 26.15 29.22
C GLU C 387 4.43 25.04 29.57
N GLU C 388 4.23 24.42 30.73
CA GLU C 388 5.09 23.36 31.22
C GLU C 388 4.88 22.07 30.39
N ILE C 389 3.64 21.75 29.99
CA ILE C 389 3.39 20.62 29.08
C ILE C 389 4.14 20.80 27.76
N CYS C 390 4.01 21.98 27.16
CA CYS C 390 4.59 22.26 25.86
C CYS C 390 6.12 22.20 25.92
N SER C 391 6.68 22.64 27.03
CA SER C 391 8.11 22.66 27.21
C SER C 391 8.62 21.23 27.26
N GLN C 392 7.89 20.35 27.95
CA GLN C 392 8.27 18.97 28.04
C GLN C 392 8.18 18.36 26.64
N LEU C 393 7.12 18.72 25.93
CA LEU C 393 6.85 18.19 24.59
C LEU C 393 7.98 18.55 23.63
N ARG C 394 8.52 19.78 23.76
CA ARG C 394 9.63 20.23 22.91
C ARG C 394 10.78 19.23 23.04
N LEU C 395 11.05 18.79 24.27
CA LEU C 395 12.11 17.83 24.52
C LEU C 395 11.79 16.50 23.84
N VAL C 396 10.58 16.01 24.03
CA VAL C 396 10.18 14.70 23.51
C VAL C 396 10.38 14.66 21.99
N ILE C 397 9.95 15.72 21.31
CA ILE C 397 9.97 15.75 19.85
C ILE C 397 11.39 15.96 19.32
N ILE C 398 12.16 16.88 19.89
CA ILE C 398 13.52 17.13 19.44
C ILE C 398 14.35 15.83 19.58
N GLU C 399 14.03 15.00 20.58
CA GLU C 399 14.80 13.79 20.89
C GLU C 399 14.29 12.56 20.10
N ASN C 400 13.13 12.67 19.42
CA ASN C 400 12.53 11.54 18.66
C ASN C 400 12.30 11.96 17.21
N MET C 401 13.06 12.94 16.71
CA MET C 401 12.96 13.34 15.28
C MET C 401 13.44 12.16 14.43
N VAL C 402 12.65 11.80 13.43
CA VAL C 402 13.06 10.81 12.45
C VAL C 402 13.79 11.49 11.30
N ARG C 403 14.65 10.68 10.65
CA ARG C 403 15.51 11.01 9.52
C ARG C 403 14.64 11.60 8.41
N PRO C 404 14.90 12.87 8.01
CA PRO C 404 14.22 13.47 6.86
C PRO C 404 14.65 12.76 5.56
N GLU C 405 13.83 12.89 4.53
CA GLU C 405 14.10 12.38 3.19
C GLU C 405 15.55 12.71 2.76
N GLU C 406 16.01 13.94 3.04
CA GLU C 406 17.16 14.54 2.40
C GLU C 406 18.47 13.96 2.95
N VAL C 407 18.43 13.35 4.14
CA VAL C 407 19.65 12.82 4.80
C VAL C 407 19.87 11.37 4.36
N LEU C 408 20.90 11.17 3.52
CA LEU C 408 21.08 9.93 2.76
C LEU C 408 22.08 8.98 3.42
N VAL C 409 22.72 9.41 4.51
CA VAL C 409 23.58 8.52 5.28
C VAL C 409 22.77 7.95 6.46
N VAL C 410 23.10 6.70 6.83
CA VAL C 410 22.43 5.98 7.90
C VAL C 410 23.38 4.89 8.42
N GLU C 411 23.23 4.50 9.70
CA GLU C 411 24.10 3.50 10.36
C GLU C 411 23.50 2.10 10.20
N ASN C 412 24.37 1.14 9.81
CA ASN C 412 23.99 -0.26 9.53
C ASN C 412 24.22 -1.11 10.79
N ASP C 413 24.02 -2.43 10.63
CA ASP C 413 24.04 -3.40 11.74
C ASP C 413 25.47 -3.83 12.09
N GLU C 414 26.47 -3.25 11.39
CA GLU C 414 27.90 -3.43 11.71
C GLU C 414 28.50 -2.15 12.33
N GLY C 415 27.73 -1.05 12.40
CA GLY C 415 28.17 0.21 13.05
C GLY C 415 28.95 1.13 12.13
N GLU C 416 28.72 1.00 10.82
CA GLU C 416 29.30 1.88 9.79
C GLU C 416 28.22 2.84 9.30
N ILE C 417 28.63 4.08 9.00
CA ILE C 417 27.78 5.07 8.35
C ILE C 417 27.86 4.87 6.84
N VAL C 418 26.70 4.61 6.19
CA VAL C 418 26.67 4.24 4.76
C VAL C 418 25.50 4.93 4.04
N ARG C 419 25.55 4.88 2.71
CA ARG C 419 24.46 5.20 1.78
C ARG C 419 23.20 4.45 2.21
N GLU C 420 22.03 5.07 2.00
CA GLU C 420 20.75 4.43 2.27
C GLU C 420 20.41 3.55 1.06
N PHE C 421 19.99 2.31 1.33
CA PHE C 421 19.63 1.35 0.29
C PHE C 421 18.35 1.81 -0.44
N VAL C 422 17.36 2.35 0.29
CA VAL C 422 16.01 2.65 -0.25
C VAL C 422 15.38 3.84 0.50
N LYS C 423 14.29 4.40 -0.07
CA LYS C 423 13.46 5.43 0.56
C LYS C 423 12.53 4.82 1.62
N GLU C 424 12.13 5.65 2.61
CA GLU C 424 11.14 5.30 3.66
C GLU C 424 9.96 6.28 3.67
N SER C 425 8.82 5.89 3.07
CA SER C 425 7.57 6.76 2.94
C SER C 425 6.82 6.84 4.27
N ASP C 426 6.90 5.76 5.07
CA ASP C 426 6.29 5.70 6.43
C ASP C 426 6.94 6.78 7.30
N THR C 427 8.27 6.88 7.18
CA THR C 427 9.10 7.86 7.87
C THR C 427 8.84 9.28 7.37
N ILE C 428 8.46 9.39 6.11
CA ILE C 428 8.29 10.68 5.47
C ILE C 428 7.08 11.40 6.08
N GLN C 429 5.92 10.74 6.16
CA GLN C 429 4.77 11.40 6.73
C GLN C 429 5.04 11.73 8.21
N LEU C 430 5.69 10.81 8.94
CA LEU C 430 6.01 11.03 10.36
C LEU C 430 6.88 12.28 10.52
N TYR C 431 7.91 12.43 9.68
CA TYR C 431 8.76 13.60 9.76
C TYR C 431 7.91 14.88 9.62
N LYS C 432 7.00 14.86 8.66
CA LYS C 432 6.20 16.06 8.40
C LYS C 432 5.30 16.40 9.60
N SER C 433 4.70 15.37 10.22
CA SER C 433 3.85 15.53 11.36
C SER C 433 4.65 16.10 12.54
N GLU C 434 5.88 15.60 12.73
CA GLU C 434 6.76 16.06 13.80
C GLU C 434 7.10 17.53 13.54
N ARG C 435 7.48 17.84 12.30
CA ARG C 435 7.83 19.18 11.91
C ARG C 435 6.70 20.14 12.29
N GLU C 436 5.47 19.77 11.93
CA GLU C 436 4.31 20.62 12.08
C GLU C 436 4.14 21.01 13.56
N VAL C 437 4.19 20.01 14.43
CA VAL C 437 4.01 20.22 15.84
C VAL C 437 5.16 21.07 16.39
N LEU C 438 6.40 20.71 16.02
CA LEU C 438 7.56 21.38 16.53
C LEU C 438 7.61 22.84 16.06
N VAL C 439 7.11 23.11 14.84
CA VAL C 439 7.02 24.47 14.28
C VAL C 439 6.04 25.30 15.11
N TYR C 440 4.88 24.71 15.42
CA TYR C 440 3.91 25.37 16.27
C TYR C 440 4.51 25.63 17.65
N LEU C 441 5.14 24.60 18.24
CA LEU C 441 5.71 24.69 19.59
C LEU C 441 6.74 25.82 19.61
N THR C 442 7.49 25.97 18.52
CA THR C 442 8.49 27.01 18.42
C THR C 442 7.83 28.40 18.45
N HIS C 443 6.80 28.59 17.62
N HIS C 443 6.77 28.56 17.64
CA HIS C 443 6.01 29.82 17.60
CA HIS C 443 6.01 29.80 17.61
C HIS C 443 5.49 30.13 19.02
C HIS C 443 5.50 30.13 19.02
N LEU C 444 4.98 29.12 19.72
CA LEU C 444 4.36 29.34 21.06
C LEU C 444 5.38 29.80 22.12
N ASN C 445 6.65 29.40 22.02
CA ASN C 445 7.73 29.95 22.87
C ASN C 445 9.09 29.77 22.15
N VAL C 446 9.50 30.82 21.42
CA VAL C 446 10.66 30.72 20.56
C VAL C 446 11.91 30.73 21.44
N ILE C 447 11.82 31.38 22.61
CA ILE C 447 12.96 31.47 23.52
C ILE C 447 13.26 30.07 24.07
N ASP C 448 12.22 29.38 24.54
CA ASP C 448 12.36 28.04 25.11
C ASP C 448 12.97 27.07 24.09
N THR C 449 12.47 27.14 22.84
CA THR C 449 12.92 26.23 21.80
C THR C 449 14.41 26.49 21.53
N GLU C 450 14.78 27.77 21.39
CA GLU C 450 16.17 28.08 21.09
C GLU C 450 17.07 27.56 22.22
N GLU C 451 16.64 27.81 23.47
CA GLU C 451 17.42 27.52 24.69
C GLU C 451 17.65 26.00 24.80
N ILE C 452 16.62 25.19 24.51
CA ILE C 452 16.74 23.74 24.55
C ILE C 452 17.75 23.29 23.49
N MET C 453 17.61 23.82 22.27
CA MET C 453 18.41 23.39 21.14
C MET C 453 19.88 23.80 21.37
N ILE C 454 20.10 25.05 21.78
CA ILE C 454 21.45 25.60 21.99
C ILE C 454 22.18 24.83 23.10
N SER C 455 21.51 24.55 24.22
CA SER C 455 22.17 23.90 25.34
C SER C 455 22.40 22.42 25.02
N LYS C 456 21.54 21.82 24.19
CA LYS C 456 21.78 20.46 23.70
C LYS C 456 23.03 20.46 22.81
N LEU C 457 23.21 21.53 22.04
CA LEU C 457 24.35 21.68 21.15
C LEU C 457 25.64 21.82 21.97
N ALA C 458 25.59 22.59 23.06
CA ALA C 458 26.72 22.75 23.99
C ALA C 458 27.20 21.38 24.49
N ARG C 459 26.25 20.47 24.76
CA ARG C 459 26.52 19.17 25.35
C ARG C 459 26.97 18.18 24.27
N GLN C 460 26.85 18.56 22.99
CA GLN C 460 27.47 17.80 21.90
C GLN C 460 28.96 18.14 21.80
N ILE C 461 29.27 19.45 21.86
CA ILE C 461 30.65 19.99 21.77
C ILE C 461 31.52 19.32 22.84
N ASP C 462 31.17 19.54 24.12
CA ASP C 462 31.99 19.13 25.27
C ASP C 462 31.97 17.59 25.44
N GLY C 463 31.10 16.91 24.68
CA GLY C 463 31.16 15.46 24.56
C GLY C 463 30.33 14.75 25.60
N SER C 464 29.68 15.49 26.51
CA SER C 464 28.90 14.88 27.61
C SER C 464 27.75 14.03 27.04
N GLU C 465 27.14 14.48 25.94
CA GLU C 465 25.97 13.81 25.35
C GLU C 465 26.23 13.42 23.89
N TRP C 466 27.49 13.48 23.43
CA TRP C 466 27.83 13.21 22.02
C TRP C 466 27.47 11.77 21.63
N SER C 467 26.72 11.65 20.54
CA SER C 467 26.54 10.40 19.83
C SER C 467 25.96 10.74 18.46
N TRP C 468 25.94 9.75 17.56
CA TRP C 468 25.42 9.97 16.23
C TRP C 468 23.92 10.28 16.31
N HIS C 469 23.18 9.43 17.02
CA HIS C 469 21.78 9.68 17.31
C HIS C 469 21.55 11.10 17.82
N ASN C 470 22.36 11.53 18.81
CA ASN C 470 22.12 12.79 19.57
C ASN C 470 22.40 14.04 18.71
N ILE C 471 23.50 14.05 17.93
CA ILE C 471 23.79 15.15 16.98
C ILE C 471 22.78 15.13 15.82
N ASN C 472 22.32 13.94 15.40
CA ASN C 472 21.39 13.82 14.29
C ASN C 472 20.00 14.37 14.65
N THR C 473 19.35 13.80 15.68
CA THR C 473 17.99 14.25 16.01
C THR C 473 18.01 15.76 16.18
N LEU C 474 19.02 16.26 16.90
CA LEU C 474 19.18 17.69 17.16
C LEU C 474 19.30 18.45 15.82
N SER C 475 20.13 17.94 14.91
CA SER C 475 20.36 18.61 13.65
C SER C 475 19.04 18.70 12.86
N TRP C 476 18.30 17.60 12.87
CA TRP C 476 17.09 17.49 12.08
C TRP C 476 16.01 18.40 12.67
N ALA C 477 15.97 18.49 13.99
CA ALA C 477 15.06 19.39 14.66
C ALA C 477 15.43 20.85 14.35
N ILE C 478 16.71 21.18 14.41
CA ILE C 478 17.18 22.53 14.11
C ILE C 478 16.78 22.91 12.68
N GLY C 479 16.96 21.99 11.74
CA GLY C 479 16.59 22.23 10.37
C GLY C 479 15.09 22.34 10.20
N SER C 480 14.34 21.56 10.99
CA SER C 480 12.91 21.43 10.82
C SER C 480 12.16 22.74 11.16
N ILE C 481 12.76 23.60 11.99
CA ILE C 481 12.01 24.77 12.48
C ILE C 481 12.29 26.01 11.63
N SER C 482 12.99 25.84 10.51
CA SER C 482 13.27 26.93 9.62
C SER C 482 11.97 27.69 9.33
N GLY C 483 12.01 29.00 9.55
CA GLY C 483 10.92 29.91 9.20
C GLY C 483 10.10 30.33 10.40
N THR C 484 10.42 29.80 11.59
CA THR C 484 9.72 30.11 12.79
C THR C 484 10.30 31.37 13.44
N MET C 485 11.57 31.68 13.18
CA MET C 485 12.22 32.78 13.88
C MET C 485 12.22 34.06 13.02
N SER C 486 12.48 35.18 13.68
CA SER C 486 12.89 36.45 13.06
C SER C 486 14.18 36.22 12.27
N GLU C 487 14.38 37.06 11.25
CA GLU C 487 15.57 36.97 10.40
C GLU C 487 16.83 37.17 11.24
N ASP C 488 16.75 38.08 12.23
CA ASP C 488 17.89 38.43 13.11
C ASP C 488 18.19 37.30 14.12
N THR C 489 17.14 36.72 14.71
CA THR C 489 17.32 35.58 15.63
C THR C 489 17.87 34.41 14.81
N GLU C 490 17.24 34.17 13.65
CA GLU C 490 17.71 33.16 12.68
C GLU C 490 19.20 33.36 12.40
N LYS C 491 19.58 34.60 12.05
CA LYS C 491 20.96 35.01 11.78
C LYS C 491 21.86 34.45 12.89
N ARG C 492 21.62 34.89 14.13
CA ARG C 492 22.47 34.59 15.30
C ARG C 492 22.45 33.09 15.54
N PHE C 493 21.25 32.51 15.41
CA PHE C 493 20.97 31.12 15.72
C PHE C 493 21.77 30.24 14.75
N VAL C 494 21.57 30.45 13.44
CA VAL C 494 22.17 29.61 12.42
C VAL C 494 23.69 29.72 12.51
N VAL C 495 24.19 30.97 12.69
CA VAL C 495 25.64 31.21 12.81
C VAL C 495 26.18 30.31 13.94
N THR C 496 25.53 30.38 15.11
CA THR C 496 25.96 29.62 16.29
C THR C 496 26.00 28.12 15.92
N VAL C 497 24.92 27.64 15.29
CA VAL C 497 24.73 26.23 15.00
C VAL C 497 25.82 25.73 14.04
N ILE C 498 26.07 26.50 12.97
CA ILE C 498 27.04 26.11 11.96
C ILE C 498 28.43 26.08 12.61
N LYS C 499 28.80 27.19 13.24
CA LYS C 499 30.04 27.36 14.01
C LYS C 499 30.31 26.08 14.82
N ASP C 500 29.33 25.66 15.63
CA ASP C 500 29.51 24.55 16.56
C ASP C 500 29.58 23.20 15.83
N LEU C 501 28.80 23.06 14.74
CA LEU C 501 28.86 21.84 13.94
C LEU C 501 30.22 21.73 13.25
N LEU C 502 30.78 22.85 12.79
CA LEU C 502 32.11 22.83 12.16
C LEU C 502 33.17 22.39 13.18
N GLY C 503 33.05 22.91 14.41
CA GLY C 503 33.89 22.52 15.53
C GLY C 503 33.79 21.04 15.82
N LEU C 504 32.56 20.51 15.88
CA LEU C 504 32.34 19.06 16.06
C LEU C 504 33.17 18.28 15.04
N CYS C 505 33.15 18.77 13.79
CA CYS C 505 33.78 18.12 12.66
C CYS C 505 35.30 18.02 12.86
N GLU C 506 35.95 19.14 13.19
CA GLU C 506 37.40 19.20 13.46
C GLU C 506 37.77 18.21 14.57
N GLN C 507 36.99 18.26 15.65
CA GLN C 507 37.29 17.61 16.90
C GLN C 507 37.15 16.09 16.74
N LYS C 508 36.28 15.65 15.82
CA LYS C 508 36.10 14.24 15.53
C LYS C 508 37.03 13.80 14.39
N ARG C 509 37.58 12.59 14.55
CA ARG C 509 38.41 11.95 13.56
C ARG C 509 37.68 10.71 13.02
N GLY C 510 38.11 10.20 11.86
CA GLY C 510 37.53 9.01 11.22
C GLY C 510 36.54 9.39 10.13
N LYS C 511 36.27 8.45 9.21
CA LYS C 511 35.43 8.71 8.02
C LYS C 511 33.96 8.81 8.43
N ASP C 512 33.50 7.75 9.12
CA ASP C 512 32.14 7.66 9.67
C ASP C 512 31.74 8.96 10.39
N ASN C 513 32.60 9.50 11.24
CA ASN C 513 32.27 10.71 12.02
C ASN C 513 32.06 11.91 11.06
N LYS C 514 33.01 12.09 10.15
CA LYS C 514 32.98 13.21 9.21
C LYS C 514 31.71 13.13 8.34
N ALA C 515 31.29 11.90 7.99
CA ALA C 515 30.10 11.68 7.14
C ALA C 515 28.80 12.05 7.89
N VAL C 516 28.76 11.78 9.20
CA VAL C 516 27.58 12.10 10.00
C VAL C 516 27.42 13.63 10.05
N VAL C 517 28.49 14.32 10.44
CA VAL C 517 28.40 15.74 10.72
C VAL C 517 28.24 16.48 9.38
N ALA C 518 28.83 15.93 8.32
CA ALA C 518 28.67 16.49 7.00
C ALA C 518 27.18 16.48 6.60
N SER C 519 26.52 15.33 6.75
CA SER C 519 25.10 15.19 6.41
C SER C 519 24.24 16.18 7.22
N ASP C 520 24.60 16.36 8.50
CA ASP C 520 23.84 17.20 9.41
C ASP C 520 23.97 18.66 9.00
N ILE C 521 25.20 19.11 8.65
CA ILE C 521 25.43 20.50 8.25
C ILE C 521 24.72 20.75 6.92
N MET C 522 24.82 19.75 6.04
CA MET C 522 24.23 19.91 4.75
C MET C 522 22.72 20.06 4.90
N TYR C 523 22.12 19.25 5.78
CA TYR C 523 20.69 19.32 5.98
C TYR C 523 20.31 20.71 6.51
N VAL C 524 21.02 21.20 7.54
CA VAL C 524 20.70 22.46 8.17
C VAL C 524 20.73 23.58 7.12
N VAL C 525 21.86 23.73 6.40
CA VAL C 525 22.06 24.88 5.51
C VAL C 525 21.00 24.82 4.40
N GLY C 526 20.68 23.62 3.93
CA GLY C 526 19.66 23.44 2.93
C GLY C 526 18.30 23.94 3.42
N GLN C 527 18.07 23.88 4.72
CA GLN C 527 16.78 24.20 5.28
C GLN C 527 16.65 25.71 5.53
N TYR C 528 17.76 26.46 5.46
CA TYR C 528 17.76 27.91 5.74
C TYR C 528 18.16 28.72 4.52
N PRO C 529 17.41 28.65 3.39
CA PRO C 529 17.71 29.47 2.21
C PRO C 529 17.72 30.97 2.54
N ARG C 530 16.77 31.42 3.37
CA ARG C 530 16.68 32.83 3.64
C ARG C 530 18.02 33.35 4.16
N PHE C 531 18.62 32.61 5.08
CA PHE C 531 19.93 32.98 5.59
C PHE C 531 20.96 33.02 4.45
N LEU C 532 20.95 32.00 3.60
CA LEU C 532 21.96 31.88 2.54
C LEU C 532 21.83 33.07 1.58
N LYS C 533 20.58 33.49 1.32
CA LYS C 533 20.28 34.58 0.40
C LYS C 533 20.97 35.87 0.87
N ALA C 534 20.97 36.11 2.18
CA ALA C 534 21.44 37.35 2.76
C ALA C 534 22.95 37.31 3.06
N HIS C 535 23.62 36.18 2.83
CA HIS C 535 25.04 36.03 3.21
C HIS C 535 25.84 35.40 2.07
N TRP C 536 26.09 36.18 1.03
CA TRP C 536 26.64 35.66 -0.22
C TRP C 536 27.97 34.91 0.04
N ASN C 537 28.86 35.49 0.85
CA ASN C 537 30.17 34.88 1.10
C ASN C 537 30.00 33.47 1.68
N PHE C 538 29.01 33.31 2.56
CA PHE C 538 28.77 32.03 3.15
C PHE C 538 28.17 31.07 2.10
N LEU C 539 27.20 31.54 1.33
CA LEU C 539 26.57 30.72 0.30
C LEU C 539 27.63 30.12 -0.62
N ARG C 540 28.51 31.00 -1.13
CA ARG C 540 29.62 30.67 -2.00
C ARG C 540 30.47 29.54 -1.39
N THR C 541 30.79 29.66 -0.10
CA THR C 541 31.60 28.70 0.64
C THR C 541 30.93 27.32 0.63
N VAL C 542 29.62 27.26 0.95
CA VAL C 542 28.95 25.95 1.08
C VAL C 542 28.88 25.30 -0.31
N ILE C 543 28.62 26.08 -1.36
CA ILE C 543 28.56 25.54 -2.72
C ILE C 543 29.94 24.96 -3.10
N LEU C 544 30.99 25.74 -2.87
CA LEU C 544 32.36 25.32 -3.13
C LEU C 544 32.66 24.04 -2.33
N LYS C 545 32.17 23.98 -1.09
CA LYS C 545 32.33 22.81 -0.22
C LYS C 545 31.52 21.61 -0.75
N LEU C 546 30.30 21.86 -1.24
CA LEU C 546 29.48 20.82 -1.86
C LEU C 546 30.19 20.25 -3.09
N PHE C 547 30.84 21.14 -3.86
CA PHE C 547 31.64 20.71 -4.98
C PHE C 547 32.77 19.80 -4.49
N GLU C 548 33.40 20.15 -3.34
CA GLU C 548 34.45 19.32 -2.78
C GLU C 548 33.90 17.92 -2.47
N PHE C 549 32.67 17.85 -1.92
CA PHE C 549 32.04 16.58 -1.50
C PHE C 549 31.69 15.70 -2.72
N MET C 550 31.55 16.34 -3.89
CA MET C 550 31.26 15.62 -5.13
C MET C 550 32.47 14.76 -5.54
N HIS C 551 33.64 14.99 -4.89
CA HIS C 551 34.87 14.19 -5.06
C HIS C 551 35.04 13.18 -3.91
N GLU C 552 34.15 13.17 -2.90
CA GLU C 552 34.26 12.23 -1.77
C GLU C 552 34.03 10.79 -2.24
N THR C 553 34.82 9.89 -1.64
CA THR C 553 34.78 8.47 -1.91
C THR C 553 33.61 7.83 -1.12
N HIS C 554 33.22 8.46 0.00
CA HIS C 554 32.04 8.07 0.75
C HIS C 554 30.80 8.47 -0.06
N GLU C 555 30.06 7.47 -0.54
CA GLU C 555 29.10 7.65 -1.66
C GLU C 555 27.86 8.37 -1.15
N GLY C 556 27.55 8.17 0.14
CA GLY C 556 26.44 8.83 0.81
C GLY C 556 26.56 10.34 0.75
N VAL C 557 27.75 10.84 1.13
CA VAL C 557 28.07 12.28 1.17
C VAL C 557 28.02 12.87 -0.25
N GLN C 558 28.63 12.17 -1.22
CA GLN C 558 28.64 12.53 -2.64
C GLN C 558 27.20 12.85 -3.09
N ASP C 559 26.34 11.85 -2.91
CA ASP C 559 24.96 11.87 -3.35
C ASP C 559 24.23 13.04 -2.67
N MET C 560 24.55 13.29 -1.41
CA MET C 560 23.81 14.28 -0.63
C MET C 560 24.22 15.69 -1.07
N ALA C 561 25.51 15.85 -1.39
CA ALA C 561 26.02 17.12 -1.88
C ALA C 561 25.24 17.49 -3.16
N CYS C 562 24.98 16.50 -4.01
CA CYS C 562 24.31 16.76 -5.27
C CYS C 562 22.88 17.24 -4.99
N ASP C 563 22.20 16.58 -4.05
CA ASP C 563 20.80 16.89 -3.74
C ASP C 563 20.72 18.24 -3.02
N THR C 564 21.68 18.52 -2.12
CA THR C 564 21.73 19.79 -1.39
C THR C 564 21.98 20.96 -2.36
N PHE C 565 22.82 20.73 -3.37
CA PHE C 565 23.09 21.73 -4.39
C PHE C 565 21.79 22.15 -5.09
N ILE C 566 21.09 21.16 -5.66
CA ILE C 566 19.77 21.34 -6.30
C ILE C 566 18.83 22.07 -5.33
N LYS C 567 18.81 21.63 -4.06
CA LYS C 567 17.87 22.14 -3.08
C LYS C 567 18.17 23.61 -2.76
N ILE C 568 19.45 23.95 -2.56
CA ILE C 568 19.82 25.34 -2.33
C ILE C 568 19.48 26.17 -3.58
N VAL C 569 19.74 25.60 -4.77
CA VAL C 569 19.56 26.29 -6.04
C VAL C 569 18.07 26.56 -6.31
N GLN C 570 17.19 25.59 -6.03
CA GLN C 570 15.74 25.77 -6.19
C GLN C 570 15.26 27.07 -5.52
N LYS C 571 15.93 27.47 -4.43
CA LYS C 571 15.49 28.57 -3.58
C LYS C 571 16.36 29.83 -3.72
N CYS C 572 17.63 29.69 -4.09
CA CYS C 572 18.58 30.83 -4.07
C CYS C 572 19.12 31.18 -5.47
N LYS C 573 18.54 30.57 -6.50
CA LYS C 573 19.04 30.64 -7.88
C LYS C 573 19.37 32.08 -8.32
N TYR C 574 18.56 33.07 -7.91
CA TYR C 574 18.73 34.48 -8.29
C TYR C 574 20.14 34.98 -7.91
N HIS C 575 20.67 34.48 -6.79
CA HIS C 575 21.97 34.93 -6.26
C HIS C 575 23.14 34.32 -7.06
N PHE C 576 22.83 33.38 -7.95
CA PHE C 576 23.82 32.73 -8.80
C PHE C 576 23.87 33.37 -10.19
N VAL C 577 22.81 34.11 -10.56
CA VAL C 577 22.61 34.60 -11.92
C VAL C 577 23.10 36.05 -12.05
N ILE C 578 22.97 36.84 -10.99
CA ILE C 578 23.46 38.21 -10.96
C ILE C 578 24.93 38.19 -10.50
N GLN C 579 25.61 39.31 -10.76
CA GLN C 579 26.96 39.52 -10.32
C GLN C 579 26.92 40.10 -8.90
N GLN C 580 27.46 39.35 -7.93
CA GLN C 580 27.50 39.79 -6.56
C GLN C 580 28.64 40.78 -6.40
N PRO C 581 28.61 41.66 -5.37
CA PRO C 581 29.73 42.56 -5.11
C PRO C 581 30.99 41.71 -4.82
N ARG C 582 32.16 42.20 -5.28
CA ARG C 582 33.47 41.56 -5.04
C ARG C 582 33.68 40.37 -5.98
N GLU C 583 32.69 40.04 -6.81
CA GLU C 583 32.80 38.95 -7.77
C GLU C 583 32.94 39.54 -9.18
N SER C 584 33.80 38.93 -10.00
CA SER C 584 34.09 39.42 -11.35
C SER C 584 32.93 39.11 -12.31
N GLU C 585 32.17 38.06 -11.97
CA GLU C 585 31.17 37.53 -12.87
C GLU C 585 30.06 36.87 -12.05
N PRO C 586 28.84 36.69 -12.62
CA PRO C 586 27.82 35.84 -12.04
C PRO C 586 28.37 34.44 -11.75
N PHE C 587 27.88 33.82 -10.68
CA PHE C 587 28.48 32.59 -10.21
C PHE C 587 28.17 31.43 -11.17
N ILE C 588 27.02 31.49 -11.84
CA ILE C 588 26.66 30.49 -12.84
C ILE C 588 27.85 30.30 -13.81
N GLN C 589 28.52 31.40 -14.15
CA GLN C 589 29.65 31.44 -15.09
C GLN C 589 30.82 30.63 -14.52
N THR C 590 31.08 30.81 -13.23
CA THR C 590 32.14 30.11 -12.49
C THR C 590 31.86 28.60 -12.43
N ILE C 591 30.60 28.26 -12.17
CA ILE C 591 30.15 26.88 -12.08
C ILE C 591 30.35 26.18 -13.44
N ILE C 592 29.87 26.82 -14.52
CA ILE C 592 29.88 26.22 -15.86
C ILE C 592 31.34 25.97 -16.29
N ARG C 593 32.24 26.91 -16.02
CA ARG C 593 33.66 26.80 -16.44
C ARG C 593 34.32 25.54 -15.88
N ASP C 594 34.04 25.17 -14.63
CA ASP C 594 34.68 24.02 -14.01
C ASP C 594 33.82 22.76 -14.04
N ILE C 595 32.73 22.78 -14.81
CA ILE C 595 31.72 21.72 -14.73
C ILE C 595 32.36 20.34 -14.98
N GLN C 596 33.43 20.30 -15.77
CA GLN C 596 34.14 19.08 -16.09
C GLN C 596 34.83 18.54 -14.83
N LYS C 597 35.68 19.38 -14.22
CA LYS C 597 36.44 19.02 -13.01
C LYS C 597 35.48 18.75 -11.84
N THR C 598 34.42 19.58 -11.72
CA THR C 598 33.46 19.49 -10.61
C THR C 598 32.73 18.14 -10.61
N THR C 599 32.32 17.67 -11.79
CA THR C 599 31.43 16.50 -11.92
C THR C 599 32.20 15.21 -12.25
N ALA C 600 33.53 15.26 -12.32
CA ALA C 600 34.31 14.21 -12.97
C ALA C 600 34.23 12.88 -12.21
N ASP C 601 33.93 12.91 -10.90
CA ASP C 601 33.85 11.68 -10.09
C ASP C 601 32.39 11.28 -9.79
N LEU C 602 31.42 11.99 -10.36
CA LEU C 602 30.01 11.68 -10.15
C LEU C 602 29.56 10.54 -11.08
N GLN C 603 28.59 9.77 -10.61
CA GLN C 603 27.81 8.85 -11.43
C GLN C 603 26.98 9.65 -12.43
N PRO C 604 26.70 9.10 -13.65
CA PRO C 604 25.90 9.82 -14.65
C PRO C 604 24.65 10.54 -14.14
N GLN C 605 23.81 9.87 -13.35
CA GLN C 605 22.54 10.47 -12.93
C GLN C 605 22.80 11.65 -11.99
N GLN C 606 23.94 11.65 -11.28
CA GLN C 606 24.29 12.78 -10.40
C GLN C 606 24.73 13.97 -11.26
N VAL C 607 25.46 13.67 -12.35
CA VAL C 607 25.90 14.67 -13.32
C VAL C 607 24.67 15.36 -13.90
N HIS C 608 23.62 14.56 -14.19
CA HIS C 608 22.39 15.08 -14.78
C HIS C 608 21.72 16.05 -13.81
N THR C 609 21.67 15.66 -12.53
CA THR C 609 21.12 16.48 -11.46
C THR C 609 21.86 17.81 -11.47
N PHE C 610 23.19 17.74 -11.57
CA PHE C 610 24.05 18.93 -11.63
C PHE C 610 23.62 19.86 -12.77
N TYR C 611 23.44 19.30 -13.97
CA TYR C 611 23.05 20.08 -15.15
C TYR C 611 21.63 20.63 -14.97
N LYS C 612 20.73 19.82 -14.40
CA LYS C 612 19.39 20.29 -14.08
C LYS C 612 19.46 21.53 -13.17
N ALA C 613 20.24 21.44 -12.09
CA ALA C 613 20.43 22.56 -11.18
C ALA C 613 20.88 23.81 -11.96
N CYS C 614 21.91 23.66 -12.82
CA CYS C 614 22.42 24.79 -13.60
C CYS C 614 21.30 25.37 -14.45
N GLY C 615 20.43 24.51 -14.98
CA GLY C 615 19.25 24.92 -15.76
C GLY C 615 18.30 25.79 -14.95
N ILE C 616 18.10 25.45 -13.68
CA ILE C 616 17.24 26.25 -12.80
C ILE C 616 17.79 27.68 -12.75
N ILE C 617 19.11 27.80 -12.57
CA ILE C 617 19.77 29.08 -12.47
C ILE C 617 19.62 29.85 -13.78
N ILE C 618 19.92 29.19 -14.91
CA ILE C 618 19.98 29.86 -16.22
C ILE C 618 18.60 30.44 -16.60
N SER C 619 17.54 29.76 -16.17
CA SER C 619 16.18 30.17 -16.48
C SER C 619 15.81 31.44 -15.72
N GLU C 620 16.58 31.74 -14.67
CA GLU C 620 16.36 32.92 -13.87
C GLU C 620 16.75 34.20 -14.66
N GLU C 621 17.59 34.06 -15.68
CA GLU C 621 18.06 35.17 -16.50
C GLU C 621 17.03 35.48 -17.60
N ARG C 622 16.52 36.71 -17.60
CA ARG C 622 15.34 37.05 -18.40
C ARG C 622 15.71 37.76 -19.70
N SER C 623 16.98 38.22 -19.80
CA SER C 623 17.55 38.68 -21.06
C SER C 623 17.73 37.48 -21.99
N VAL C 624 17.08 37.50 -23.16
CA VAL C 624 17.05 36.33 -24.05
C VAL C 624 18.49 35.99 -24.50
N ALA C 625 19.24 37.02 -24.91
CA ALA C 625 20.57 36.82 -25.45
C ALA C 625 21.45 36.11 -24.39
N GLU C 626 21.40 36.62 -23.15
CA GLU C 626 22.29 36.10 -22.11
C GLU C 626 21.89 34.66 -21.75
N ARG C 627 20.59 34.38 -21.70
CA ARG C 627 20.08 33.05 -21.32
C ARG C 627 20.53 32.00 -22.35
N ASN C 628 20.22 32.27 -23.62
CA ASN C 628 20.60 31.41 -24.72
C ASN C 628 22.11 31.18 -24.74
N ARG C 629 22.89 32.21 -24.38
CA ARG C 629 24.35 32.10 -24.35
C ARG C 629 24.80 31.18 -23.19
N LEU C 630 24.23 31.38 -21.99
CA LEU C 630 24.52 30.54 -20.83
C LEU C 630 24.13 29.10 -21.14
N LEU C 631 22.96 28.93 -21.78
CA LEU C 631 22.46 27.63 -22.15
C LEU C 631 23.44 26.95 -23.13
N SER C 632 23.83 27.66 -24.19
CA SER C 632 24.91 27.28 -25.09
C SER C 632 26.17 26.86 -24.30
N ASP C 633 26.58 27.66 -23.32
CA ASP C 633 27.79 27.41 -22.49
C ASP C 633 27.63 26.13 -21.65
N LEU C 634 26.48 25.99 -20.98
CA LEU C 634 26.22 24.81 -20.12
C LEU C 634 26.31 23.52 -20.94
N MET C 635 25.77 23.54 -22.17
CA MET C 635 25.59 22.35 -22.98
C MET C 635 26.84 22.03 -23.83
N GLN C 636 27.95 22.71 -23.54
CA GLN C 636 29.15 22.68 -24.36
C GLN C 636 29.75 21.27 -24.41
N LEU C 637 29.95 20.63 -23.23
CA LEU C 637 30.48 19.26 -23.18
C LEU C 637 29.56 18.31 -23.96
N PRO C 638 28.26 18.16 -23.62
CA PRO C 638 27.40 17.23 -24.35
C PRO C 638 27.24 17.55 -25.84
N ASN C 639 27.28 18.84 -26.20
CA ASN C 639 27.18 19.25 -27.60
C ASN C 639 28.46 18.87 -28.39
N MET C 640 29.63 18.91 -27.74
CA MET C 640 30.89 18.52 -28.37
C MET C 640 30.88 17.01 -28.59
N ALA C 641 30.60 16.25 -27.54
CA ALA C 641 30.48 14.79 -27.62
C ALA C 641 29.51 14.41 -28.72
N TRP C 642 28.36 15.09 -28.75
CA TRP C 642 27.29 14.85 -29.72
C TRP C 642 27.78 15.08 -31.15
N ASP C 643 28.47 16.20 -31.37
CA ASP C 643 28.87 16.57 -32.72
C ASP C 643 29.88 15.55 -33.25
N THR C 644 30.76 15.06 -32.38
CA THR C 644 31.80 14.10 -32.78
C THR C 644 31.15 12.72 -32.98
N ILE C 645 30.10 12.42 -32.21
CA ILE C 645 29.35 11.15 -32.33
C ILE C 645 28.59 11.11 -33.65
N VAL C 646 28.00 12.25 -34.05
CA VAL C 646 27.11 12.29 -35.20
C VAL C 646 27.93 12.21 -36.50
N GLU C 647 29.16 12.73 -36.48
CA GLU C 647 30.12 12.55 -37.60
C GLU C 647 30.47 11.07 -37.78
N GLN C 648 30.92 10.45 -36.69
CA GLN C 648 31.32 9.06 -36.68
C GLN C 648 30.14 8.17 -37.06
N SER C 649 28.98 8.46 -36.46
CA SER C 649 27.74 7.66 -36.56
C SER C 649 27.19 7.67 -37.99
N THR C 650 27.31 8.79 -38.69
CA THR C 650 26.72 8.99 -40.03
C THR C 650 27.77 8.73 -41.13
N ALA C 651 29.03 8.54 -40.73
CA ALA C 651 30.08 8.03 -41.62
C ALA C 651 29.86 6.52 -41.89
N ASN C 652 29.22 5.83 -40.95
CA ASN C 652 28.95 4.38 -41.04
C ASN C 652 28.06 3.95 -39.86
N PRO C 653 26.85 3.37 -40.09
CA PRO C 653 25.99 2.91 -38.99
C PRO C 653 26.51 1.78 -38.08
N THR C 654 27.79 1.38 -38.24
CA THR C 654 28.41 0.27 -37.52
C THR C 654 29.07 0.71 -36.20
N LEU C 655 29.46 1.99 -36.11
CA LEU C 655 30.15 2.54 -34.92
C LEU C 655 29.22 2.50 -33.70
N LEU C 656 27.91 2.48 -33.96
CA LEU C 656 26.86 2.55 -32.95
C LEU C 656 26.66 1.19 -32.27
N LEU C 657 27.10 0.13 -32.93
CA LEU C 657 27.13 -1.20 -32.33
C LEU C 657 27.87 -1.12 -30.98
N ASP C 658 28.99 -0.38 -30.97
CA ASP C 658 29.86 -0.22 -29.81
C ASP C 658 29.02 0.18 -28.59
N SER C 659 29.05 -0.68 -27.56
CA SER C 659 28.23 -0.51 -26.38
C SER C 659 28.65 0.75 -25.60
N GLU C 660 29.93 1.15 -25.70
CA GLU C 660 30.42 2.35 -25.01
C GLU C 660 29.83 3.60 -25.67
N THR C 661 29.66 3.56 -26.99
CA THR C 661 29.09 4.69 -27.73
C THR C 661 27.60 4.87 -27.40
N VAL C 662 26.89 3.78 -27.21
CA VAL C 662 25.47 3.77 -26.87
C VAL C 662 25.29 4.45 -25.50
N LYS C 663 26.16 4.10 -24.55
CA LYS C 663 26.14 4.72 -23.25
C LYS C 663 26.35 6.22 -23.38
N ILE C 664 27.33 6.64 -24.20
CA ILE C 664 27.70 8.05 -24.34
C ILE C 664 26.46 8.82 -24.83
N ILE C 665 25.83 8.29 -25.88
CA ILE C 665 24.67 8.93 -26.51
C ILE C 665 23.50 9.03 -25.51
N ALA C 666 23.20 7.92 -24.84
CA ALA C 666 22.14 7.88 -23.83
C ALA C 666 22.35 8.99 -22.80
N ASN C 667 23.61 9.18 -22.36
CA ASN C 667 23.93 10.14 -21.29
C ASN C 667 23.84 11.57 -21.84
N ILE C 668 24.17 11.76 -23.13
CA ILE C 668 24.01 13.05 -23.76
C ILE C 668 22.51 13.43 -23.76
N ILE C 669 21.67 12.49 -24.17
CA ILE C 669 20.24 12.78 -24.27
C ILE C 669 19.71 13.00 -22.85
N LYS C 670 20.11 12.14 -21.91
CA LYS C 670 19.66 12.26 -20.52
C LYS C 670 20.02 13.66 -19.99
N THR C 671 21.21 14.14 -20.35
CA THR C 671 21.69 15.43 -19.91
C THR C 671 20.75 16.51 -20.45
N ASN C 672 20.41 16.39 -21.74
CA ASN C 672 19.44 17.28 -22.40
C ASN C 672 18.09 17.25 -21.66
N VAL C 673 17.63 16.05 -21.30
CA VAL C 673 16.36 15.89 -20.62
C VAL C 673 16.41 16.63 -19.29
N ALA C 674 17.53 16.46 -18.58
CA ALA C 674 17.71 17.08 -17.26
C ALA C 674 17.56 18.60 -17.33
N VAL C 675 18.25 19.23 -18.28
CA VAL C 675 18.26 20.66 -18.40
C VAL C 675 16.91 21.14 -18.95
N CYS C 676 16.29 20.36 -19.84
CA CYS C 676 14.97 20.71 -20.37
C CYS C 676 13.94 20.72 -19.23
N THR C 677 14.10 19.79 -18.28
CA THR C 677 13.16 19.59 -17.20
C THR C 677 13.04 20.88 -16.38
N SER C 678 14.18 21.54 -16.13
CA SER C 678 14.18 22.74 -15.30
C SER C 678 13.95 24.01 -16.12
N MET C 679 14.28 24.01 -17.41
CA MET C 679 14.28 25.22 -18.23
C MET C 679 12.98 25.35 -19.07
N GLY C 680 12.30 24.22 -19.30
CA GLY C 680 11.04 24.19 -20.06
C GLY C 680 11.13 24.92 -21.38
N ALA C 681 10.30 25.95 -21.57
CA ALA C 681 10.19 26.68 -22.84
C ALA C 681 11.53 27.33 -23.24
N ASP C 682 12.39 27.63 -22.25
CA ASP C 682 13.67 28.31 -22.50
C ASP C 682 14.69 27.35 -23.14
N PHE C 683 14.34 26.06 -23.24
CA PHE C 683 15.24 25.04 -23.69
C PHE C 683 15.27 24.98 -25.23
N TYR C 684 14.28 25.61 -25.88
CA TYR C 684 14.04 25.48 -27.33
C TYR C 684 15.32 25.61 -28.17
N PRO C 685 16.17 26.65 -27.99
CA PRO C 685 17.37 26.79 -28.83
C PRO C 685 18.25 25.53 -28.81
N GLN C 686 18.49 24.96 -27.61
CA GLN C 686 19.30 23.76 -27.44
C GLN C 686 18.65 22.57 -28.14
N LEU C 687 17.33 22.43 -27.98
CA LEU C 687 16.60 21.37 -28.69
C LEU C 687 16.80 21.53 -30.21
N GLY C 688 16.75 22.78 -30.69
CA GLY C 688 16.94 23.11 -32.10
C GLY C 688 18.32 22.71 -32.63
N HIS C 689 19.36 22.84 -31.80
CA HIS C 689 20.70 22.46 -32.16
C HIS C 689 20.77 20.98 -32.54
N ILE C 690 20.00 20.12 -31.87
CA ILE C 690 20.27 18.68 -31.96
C ILE C 690 19.13 17.95 -32.67
N TYR C 691 18.00 18.64 -32.87
CA TYR C 691 16.70 18.00 -33.13
C TYR C 691 16.74 17.09 -34.36
N TYR C 692 17.22 17.60 -35.51
N TYR C 692 17.20 17.62 -35.51
CA TYR C 692 17.10 16.88 -36.79
CA TYR C 692 17.15 16.87 -36.80
C TYR C 692 18.05 15.66 -36.79
C TYR C 692 18.04 15.63 -36.74
N ASN C 693 19.29 15.84 -36.28
CA ASN C 693 20.25 14.77 -36.18
C ASN C 693 19.77 13.72 -35.16
N MET C 694 19.11 14.19 -34.09
CA MET C 694 18.59 13.33 -33.06
C MET C 694 17.52 12.39 -33.64
N LEU C 695 16.62 12.92 -34.48
CA LEU C 695 15.56 12.10 -35.08
C LEU C 695 16.12 11.15 -36.14
N GLN C 696 17.26 11.51 -36.76
CA GLN C 696 17.99 10.60 -37.66
C GLN C 696 18.60 9.47 -36.82
N LEU C 697 19.15 9.81 -35.65
CA LEU C 697 19.70 8.80 -34.75
C LEU C 697 18.58 7.86 -34.30
N TYR C 698 17.41 8.42 -33.99
CA TYR C 698 16.23 7.64 -33.61
C TYR C 698 15.95 6.59 -34.71
N ARG C 699 15.99 7.02 -35.97
CA ARG C 699 15.77 6.11 -37.13
C ARG C 699 16.86 5.04 -37.18
N ALA C 700 18.13 5.47 -37.09
CA ALA C 700 19.27 4.59 -37.25
C ALA C 700 19.25 3.53 -36.15
N VAL C 701 19.01 3.97 -34.91
CA VAL C 701 18.95 3.10 -33.75
C VAL C 701 17.79 2.11 -33.90
N SER C 702 16.62 2.58 -34.35
CA SER C 702 15.45 1.73 -34.66
C SER C 702 15.82 0.55 -35.58
N SER C 703 16.58 0.87 -36.64
CA SER C 703 17.03 -0.10 -37.63
C SER C 703 17.82 -1.21 -36.95
N MET C 704 18.80 -0.82 -36.12
CA MET C 704 19.67 -1.76 -35.45
C MET C 704 18.88 -2.69 -34.55
N ILE C 705 17.82 -2.16 -33.93
CA ILE C 705 16.98 -2.92 -33.01
C ILE C 705 16.21 -3.97 -33.81
N SER C 706 15.57 -3.56 -34.90
CA SER C 706 14.83 -4.46 -35.81
C SER C 706 15.74 -5.54 -36.40
N ALA C 707 16.95 -5.16 -36.80
CA ALA C 707 17.95 -6.05 -37.40
C ALA C 707 18.38 -7.12 -36.38
N GLN C 708 18.52 -6.70 -35.12
CA GLN C 708 18.97 -7.55 -34.06
C GLN C 708 17.90 -8.59 -33.77
N VAL C 709 16.63 -8.16 -33.74
CA VAL C 709 15.50 -9.03 -33.41
C VAL C 709 15.36 -10.09 -34.52
N ALA C 710 15.66 -9.69 -35.75
CA ALA C 710 15.61 -10.60 -36.91
C ALA C 710 16.70 -11.68 -36.80
N ALA C 711 17.91 -11.26 -36.40
CA ALA C 711 19.11 -12.11 -36.37
C ALA C 711 19.19 -12.98 -35.11
N GLU C 712 18.68 -12.49 -33.96
CA GLU C 712 18.87 -13.18 -32.67
C GLU C 712 17.55 -13.72 -32.10
N GLY C 713 16.43 -13.11 -32.46
CA GLY C 713 15.11 -13.52 -31.96
C GLY C 713 14.56 -12.49 -31.00
N LEU C 714 13.35 -12.73 -30.47
CA LEU C 714 12.73 -11.84 -29.46
C LEU C 714 13.65 -11.66 -28.24
N ILE C 715 14.47 -12.68 -27.96
CA ILE C 715 15.39 -12.70 -26.83
C ILE C 715 16.35 -11.50 -26.89
N ALA C 716 16.66 -11.03 -28.10
CA ALA C 716 17.52 -9.86 -28.33
C ALA C 716 17.08 -8.64 -27.50
N THR C 717 15.77 -8.46 -27.30
CA THR C 717 15.22 -7.30 -26.59
C THR C 717 15.69 -7.27 -25.12
N LYS C 718 16.23 -8.39 -24.63
CA LYS C 718 16.65 -8.53 -23.24
C LYS C 718 18.16 -8.30 -23.11
N THR C 719 18.88 -8.33 -24.24
CA THR C 719 20.32 -8.18 -24.25
C THR C 719 20.70 -6.77 -23.80
N PRO C 720 21.87 -6.58 -23.16
CA PRO C 720 22.36 -5.23 -22.85
C PRO C 720 22.41 -4.30 -24.08
N LYS C 721 22.92 -4.80 -25.21
CA LYS C 721 23.11 -3.94 -26.38
C LYS C 721 21.77 -3.32 -26.82
N VAL C 722 20.71 -4.15 -26.96
CA VAL C 722 19.39 -3.69 -27.45
C VAL C 722 18.68 -2.82 -26.39
N ARG C 723 18.79 -3.18 -25.10
CA ARG C 723 18.22 -2.34 -24.03
C ARG C 723 18.86 -0.93 -24.08
N GLY C 724 20.15 -0.86 -24.35
CA GLY C 724 20.86 0.40 -24.51
C GLY C 724 20.37 1.22 -25.72
N LEU C 725 20.12 0.53 -26.85
CA LEU C 725 19.63 1.20 -28.05
C LEU C 725 18.22 1.72 -27.77
N ARG C 726 17.40 0.88 -27.12
CA ARG C 726 16.04 1.29 -26.80
C ARG C 726 16.07 2.44 -25.79
N THR C 727 17.03 2.45 -24.87
CA THR C 727 17.14 3.54 -23.91
C THR C 727 17.29 4.85 -24.68
N ILE C 728 18.07 4.82 -25.77
CA ILE C 728 18.29 6.00 -26.57
C ILE C 728 16.95 6.50 -27.12
N LYS C 729 16.13 5.60 -27.65
CA LYS C 729 14.81 5.98 -28.19
C LYS C 729 13.91 6.54 -27.07
N LYS C 730 13.89 5.89 -25.91
CA LYS C 730 13.09 6.30 -24.79
C LYS C 730 13.46 7.74 -24.36
N GLU C 731 14.76 8.01 -24.22
CA GLU C 731 15.25 9.30 -23.74
C GLU C 731 14.96 10.39 -24.78
N ILE C 732 15.04 10.05 -26.07
CA ILE C 732 14.70 10.99 -27.15
C ILE C 732 13.20 11.34 -27.05
N LEU C 733 12.34 10.32 -26.92
CA LEU C 733 10.90 10.53 -26.75
C LEU C 733 10.65 11.37 -25.50
N LYS C 734 11.33 11.04 -24.39
CA LYS C 734 11.18 11.77 -23.12
C LYS C 734 11.55 13.25 -23.31
N LEU C 735 12.65 13.54 -24.03
CA LEU C 735 13.11 14.91 -24.21
C LEU C 735 12.06 15.71 -24.99
N VAL C 736 11.49 15.12 -26.04
CA VAL C 736 10.52 15.83 -26.88
C VAL C 736 9.24 16.08 -26.07
N GLU C 737 8.79 15.04 -25.36
CA GLU C 737 7.65 15.10 -24.45
C GLU C 737 7.83 16.23 -23.43
N THR C 738 8.98 16.21 -22.74
CA THR C 738 9.31 17.19 -21.70
C THR C 738 9.26 18.59 -22.30
N TYR C 739 9.89 18.77 -23.47
CA TYR C 739 9.90 20.10 -24.04
C TYR C 739 8.48 20.51 -24.41
N ILE C 740 7.79 19.67 -25.19
CA ILE C 740 6.49 20.09 -25.71
C ILE C 740 5.51 20.30 -24.56
N SER C 741 5.66 19.56 -23.45
CA SER C 741 4.78 19.68 -22.28
C SER C 741 4.83 21.09 -21.68
N LYS C 742 5.92 21.84 -21.91
CA LYS C 742 6.18 23.15 -21.25
C LYS C 742 6.27 24.26 -22.29
N ALA C 743 6.18 23.94 -23.57
CA ALA C 743 6.40 24.92 -24.63
C ALA C 743 5.33 26.03 -24.52
N ARG C 744 5.77 27.26 -24.82
CA ARG C 744 4.88 28.46 -24.82
C ARG C 744 4.59 28.79 -26.29
N ASN C 745 5.60 28.68 -27.15
CA ASN C 745 5.43 28.94 -28.59
C ASN C 745 5.01 27.63 -29.29
N LEU C 746 3.69 27.50 -29.45
CA LEU C 746 3.09 26.34 -30.04
C LEU C 746 3.23 26.36 -31.56
N ASP C 747 3.38 27.54 -32.17
CA ASP C 747 3.47 27.62 -33.64
C ASP C 747 4.73 26.89 -34.11
N ASP C 748 5.85 27.09 -33.41
CA ASP C 748 7.10 26.40 -33.69
C ASP C 748 6.94 24.89 -33.51
N VAL C 749 6.24 24.49 -32.45
CA VAL C 749 6.04 23.07 -32.19
C VAL C 749 5.40 22.42 -33.43
N VAL C 750 4.33 23.03 -33.92
CA VAL C 750 3.55 22.48 -35.02
C VAL C 750 4.36 22.51 -36.33
N LYS C 751 5.09 23.61 -36.57
CA LYS C 751 5.68 23.84 -37.89
C LYS C 751 7.10 23.29 -37.97
N VAL C 752 7.74 23.06 -36.83
CA VAL C 752 9.13 22.63 -36.77
C VAL C 752 9.23 21.22 -36.19
N LEU C 753 8.64 20.97 -35.00
CA LEU C 753 8.93 19.73 -34.24
C LEU C 753 8.04 18.56 -34.69
N VAL C 754 6.75 18.80 -34.93
CA VAL C 754 5.75 17.72 -35.00
C VAL C 754 5.98 16.83 -36.24
N GLU C 755 6.09 17.41 -37.44
CA GLU C 755 6.14 16.59 -38.69
C GLU C 755 7.32 15.64 -38.67
N PRO C 756 8.55 16.12 -38.40
CA PRO C 756 9.71 15.24 -38.33
C PRO C 756 9.50 14.15 -37.27
N LEU C 757 8.94 14.53 -36.12
CA LEU C 757 8.72 13.60 -35.01
C LEU C 757 7.76 12.48 -35.43
N LEU C 758 6.62 12.85 -36.03
CA LEU C 758 5.64 11.86 -36.44
C LEU C 758 6.27 10.94 -37.48
N ASN C 759 7.01 11.50 -38.44
CA ASN C 759 7.64 10.72 -39.49
C ASN C 759 8.66 9.75 -38.87
N ALA C 760 9.43 10.22 -37.87
CA ALA C 760 10.47 9.41 -37.26
C ALA C 760 9.91 8.27 -36.39
N VAL C 761 8.78 8.44 -35.70
CA VAL C 761 8.38 7.51 -34.64
C VAL C 761 7.18 6.64 -35.02
N LEU C 762 6.18 7.19 -35.74
CA LEU C 762 4.86 6.50 -35.90
C LEU C 762 4.99 5.19 -36.66
N GLU C 763 5.59 5.25 -37.85
CA GLU C 763 5.68 4.08 -38.70
C GLU C 763 6.62 3.04 -38.08
N ASP C 764 7.66 3.51 -37.38
CA ASP C 764 8.59 2.62 -36.72
C ASP C 764 7.87 1.81 -35.61
N TYR C 765 6.96 2.46 -34.89
CA TYR C 765 6.17 1.82 -33.86
C TYR C 765 5.26 0.76 -34.51
N MET C 766 4.51 1.19 -35.52
CA MET C 766 3.53 0.37 -36.26
C MET C 766 4.17 -0.91 -36.81
N ASN C 767 5.40 -0.77 -37.32
CA ASN C 767 5.99 -1.80 -38.15
C ASN C 767 7.01 -2.64 -37.36
N ASN C 768 7.15 -2.41 -36.06
CA ASN C 768 7.95 -3.30 -35.21
C ASN C 768 7.06 -4.41 -34.65
N VAL C 769 7.68 -5.56 -34.35
CA VAL C 769 7.00 -6.63 -33.60
C VAL C 769 6.52 -6.07 -32.26
N PRO C 770 5.38 -6.57 -31.73
CA PRO C 770 4.88 -6.13 -30.42
C PRO C 770 5.94 -5.95 -29.33
N ASP C 771 6.79 -6.94 -29.12
CA ASP C 771 7.77 -6.93 -28.03
C ASP C 771 8.87 -5.89 -28.26
N ALA C 772 8.85 -5.16 -29.39
CA ALA C 772 9.89 -4.14 -29.66
C ALA C 772 9.30 -2.73 -29.71
N ARG C 773 7.99 -2.61 -29.52
CA ARG C 773 7.31 -1.34 -29.53
C ARG C 773 7.50 -0.67 -28.16
N ASP C 774 7.89 0.60 -28.16
CA ASP C 774 8.11 1.37 -26.95
C ASP C 774 6.81 2.08 -26.59
N ALA C 775 6.28 1.80 -25.39
CA ALA C 775 5.05 2.43 -24.92
C ALA C 775 5.27 3.93 -24.73
N GLU C 776 6.54 4.35 -24.64
CA GLU C 776 6.89 5.78 -24.50
C GLU C 776 6.49 6.56 -25.77
N VAL C 777 6.36 5.87 -26.91
CA VAL C 777 5.86 6.52 -28.12
C VAL C 777 4.46 7.07 -27.82
N LEU C 778 3.62 6.22 -27.22
CA LEU C 778 2.24 6.58 -26.94
C LEU C 778 2.20 7.80 -26.00
N ASN C 779 3.11 7.79 -25.02
CA ASN C 779 3.17 8.79 -23.98
C ASN C 779 3.51 10.13 -24.62
N CYS C 780 4.49 10.11 -25.53
CA CYS C 780 4.89 11.28 -26.29
C CYS C 780 3.67 11.87 -27.05
N MET C 781 2.97 11.00 -27.79
CA MET C 781 1.86 11.41 -28.67
C MET C 781 0.72 12.00 -27.83
N THR C 782 0.52 11.46 -26.61
CA THR C 782 -0.48 11.99 -25.70
C THR C 782 -0.19 13.46 -25.43
N THR C 783 1.06 13.79 -25.10
CA THR C 783 1.44 15.20 -24.83
C THR C 783 1.33 16.02 -26.14
N VAL C 784 1.71 15.44 -27.28
CA VAL C 784 1.58 16.20 -28.53
C VAL C 784 0.11 16.59 -28.74
N VAL C 785 -0.80 15.63 -28.52
CA VAL C 785 -2.21 15.90 -28.75
C VAL C 785 -2.73 16.86 -27.67
N GLU C 786 -2.29 16.67 -26.43
CA GLU C 786 -2.66 17.54 -25.35
C GLU C 786 -2.42 19.02 -25.74
N LYS C 787 -1.20 19.35 -26.18
CA LYS C 787 -0.79 20.77 -26.29
C LYS C 787 -1.17 21.36 -27.64
N VAL C 788 -1.13 20.57 -28.72
CA VAL C 788 -1.28 21.13 -30.07
C VAL C 788 -2.31 20.33 -30.88
N GLY C 789 -2.97 19.33 -30.28
CA GLY C 789 -3.94 18.50 -30.99
C GLY C 789 -4.90 19.31 -31.85
N HIS C 790 -5.44 20.38 -31.27
CA HIS C 790 -6.41 21.27 -31.90
C HIS C 790 -5.85 21.89 -33.19
N MET C 791 -4.51 21.95 -33.34
CA MET C 791 -3.86 22.59 -34.51
C MET C 791 -3.36 21.58 -35.54
N ILE C 792 -3.39 20.26 -35.25
CA ILE C 792 -2.86 19.23 -36.18
C ILE C 792 -3.90 18.13 -36.45
N PRO C 793 -5.11 18.45 -36.94
CA PRO C 793 -6.13 17.43 -37.19
C PRO C 793 -5.70 16.24 -38.06
N GLN C 794 -4.85 16.49 -39.07
CA GLN C 794 -4.41 15.41 -39.97
C GLN C 794 -3.31 14.61 -39.26
N GLY C 795 -2.51 15.30 -38.46
CA GLY C 795 -1.54 14.67 -37.58
C GLY C 795 -2.16 13.64 -36.63
N VAL C 796 -3.28 14.01 -36.00
CA VAL C 796 -3.94 13.17 -35.02
C VAL C 796 -4.46 11.90 -35.72
N ILE C 797 -5.04 12.09 -36.92
CA ILE C 797 -5.49 10.96 -37.74
C ILE C 797 -4.29 10.02 -37.98
N LEU C 798 -3.15 10.58 -38.36
CA LEU C 798 -1.95 9.78 -38.62
C LEU C 798 -1.59 8.96 -37.39
N ILE C 799 -1.69 9.58 -36.19
CA ILE C 799 -1.32 8.93 -34.93
C ILE C 799 -2.24 7.73 -34.69
N LEU C 800 -3.56 7.93 -34.81
CA LEU C 800 -4.50 6.83 -34.65
C LEU C 800 -4.15 5.70 -35.62
N GLN C 801 -4.04 5.99 -36.92
CA GLN C 801 -3.74 4.98 -37.95
C GLN C 801 -2.54 4.14 -37.49
N SER C 802 -1.48 4.82 -37.03
CA SER C 802 -0.22 4.18 -36.73
C SER C 802 -0.27 3.34 -35.44
N VAL C 803 -1.07 3.74 -34.42
CA VAL C 803 -0.95 3.12 -33.05
C VAL C 803 -2.23 2.38 -32.61
N PHE C 804 -3.40 2.85 -33.05
CA PHE C 804 -4.67 2.39 -32.51
C PHE C 804 -4.82 0.87 -32.67
N GLU C 805 -4.87 0.34 -33.89
CA GLU C 805 -5.27 -1.09 -34.08
C GLU C 805 -4.18 -2.05 -33.63
N CYS C 806 -2.90 -1.71 -33.87
CA CYS C 806 -1.82 -2.63 -33.55
C CYS C 806 -1.68 -2.71 -32.02
N THR C 807 -1.89 -1.60 -31.31
CA THR C 807 -1.79 -1.57 -29.86
C THR C 807 -2.98 -2.32 -29.26
N LEU C 808 -4.20 -2.04 -29.76
CA LEU C 808 -5.39 -2.75 -29.31
C LEU C 808 -5.20 -4.27 -29.39
N ASP C 809 -4.61 -4.76 -30.47
CA ASP C 809 -4.39 -6.21 -30.67
C ASP C 809 -3.38 -6.79 -29.66
N MET C 810 -2.47 -5.95 -29.15
CA MET C 810 -1.50 -6.36 -28.13
C MET C 810 -2.20 -6.58 -26.78
N ILE C 811 -3.26 -5.79 -26.49
CA ILE C 811 -3.79 -5.66 -25.14
C ILE C 811 -5.19 -6.26 -25.01
N ASN C 812 -5.66 -7.00 -26.01
CA ASN C 812 -7.06 -7.43 -26.03
C ASN C 812 -7.19 -8.96 -26.00
N LYS C 813 -6.12 -9.66 -25.59
CA LYS C 813 -6.16 -11.13 -25.44
C LYS C 813 -6.34 -11.50 -23.96
N ASP C 814 -5.92 -10.58 -23.07
CA ASP C 814 -5.94 -10.74 -21.61
C ASP C 814 -5.79 -9.35 -20.97
N PHE C 815 -5.71 -9.29 -19.64
CA PHE C 815 -5.62 -8.00 -18.96
C PHE C 815 -4.18 -7.74 -18.48
N THR C 816 -3.28 -8.71 -18.65
CA THR C 816 -1.97 -8.74 -17.98
C THR C 816 -0.85 -8.19 -18.88
N GLU C 817 -0.81 -8.62 -20.15
CA GLU C 817 0.37 -8.40 -21.00
C GLU C 817 0.47 -6.92 -21.44
N TYR C 818 1.72 -6.47 -21.59
CA TYR C 818 2.06 -5.10 -22.04
C TYR C 818 1.36 -4.07 -21.18
N PRO C 819 1.53 -4.11 -19.84
CA PRO C 819 0.80 -3.21 -18.94
C PRO C 819 1.07 -1.72 -19.19
N GLU C 820 2.29 -1.38 -19.63
CA GLU C 820 2.63 0.03 -19.87
C GLU C 820 1.88 0.55 -21.11
N HIS C 821 1.84 -0.26 -22.18
CA HIS C 821 1.15 0.09 -23.43
C HIS C 821 -0.34 0.32 -23.14
N ARG C 822 -0.93 -0.66 -22.44
CA ARG C 822 -2.29 -0.67 -21.94
C ARG C 822 -2.66 0.69 -21.36
N VAL C 823 -1.85 1.16 -20.42
CA VAL C 823 -2.13 2.37 -19.68
C VAL C 823 -2.01 3.59 -20.61
N GLU C 824 -0.87 3.68 -21.32
CA GLU C 824 -0.61 4.83 -22.19
C GLU C 824 -1.66 4.89 -23.33
N PHE C 825 -2.09 3.71 -23.80
CA PHE C 825 -3.02 3.60 -24.90
C PHE C 825 -4.31 4.32 -24.54
N TYR C 826 -4.86 4.06 -23.35
CA TYR C 826 -6.16 4.64 -22.96
C TYR C 826 -5.99 6.12 -22.61
N LYS C 827 -4.82 6.53 -22.10
CA LYS C 827 -4.53 7.96 -21.92
C LYS C 827 -4.53 8.68 -23.29
N LEU C 828 -4.04 8.01 -24.34
CA LEU C 828 -3.96 8.60 -25.69
C LEU C 828 -5.37 8.82 -26.28
N LEU C 829 -6.18 7.74 -26.29
CA LEU C 829 -7.57 7.80 -26.75
C LEU C 829 -8.35 8.84 -25.94
N LYS C 830 -8.10 8.95 -24.64
CA LYS C 830 -8.80 9.94 -23.81
C LYS C 830 -8.55 11.35 -24.34
N VAL C 831 -7.28 11.71 -24.58
CA VAL C 831 -6.92 13.09 -24.94
C VAL C 831 -7.40 13.36 -26.36
N ILE C 832 -7.33 12.37 -27.25
CA ILE C 832 -7.80 12.54 -28.63
C ILE C 832 -9.31 12.81 -28.62
N ASN C 833 -10.05 12.05 -27.80
CA ASN C 833 -11.50 12.14 -27.68
C ASN C 833 -11.89 13.50 -27.07
N GLU C 834 -11.11 14.02 -26.12
CA GLU C 834 -11.28 15.38 -25.55
C GLU C 834 -11.11 16.46 -26.63
N LYS C 835 -9.93 16.48 -27.27
CA LYS C 835 -9.36 17.64 -27.95
C LYS C 835 -9.44 17.53 -29.49
N SER C 836 -9.67 16.33 -30.00
CA SER C 836 -9.52 16.14 -31.42
C SER C 836 -10.46 15.03 -31.91
N PHE C 837 -11.70 15.11 -31.44
CA PHE C 837 -12.75 14.12 -31.63
C PHE C 837 -13.00 13.88 -33.13
N ALA C 838 -12.77 14.90 -33.97
CA ALA C 838 -12.99 14.75 -35.40
C ALA C 838 -12.24 13.51 -35.93
N ALA C 839 -11.08 13.21 -35.36
CA ALA C 839 -10.28 12.08 -35.80
C ALA C 839 -11.05 10.77 -35.70
N PHE C 840 -11.96 10.65 -34.72
CA PHE C 840 -12.76 9.44 -34.59
C PHE C 840 -13.91 9.41 -35.61
N LEU C 841 -14.42 10.57 -36.04
CA LEU C 841 -15.43 10.63 -37.09
C LEU C 841 -14.87 10.14 -38.43
N GLU C 842 -13.58 10.36 -38.69
CA GLU C 842 -12.96 10.06 -39.98
C GLU C 842 -12.60 8.56 -40.07
N LEU C 843 -12.74 7.83 -38.96
CA LEU C 843 -12.54 6.39 -38.94
C LEU C 843 -13.60 5.69 -39.79
N PRO C 844 -13.21 4.67 -40.59
CA PRO C 844 -14.19 3.82 -41.25
C PRO C 844 -15.06 3.13 -40.19
N PRO C 845 -16.34 2.83 -40.50
CA PRO C 845 -17.22 2.17 -39.53
C PRO C 845 -16.60 1.01 -38.74
N ALA C 846 -15.79 0.17 -39.38
CA ALA C 846 -15.20 -1.02 -38.70
C ALA C 846 -14.31 -0.59 -37.53
N ALA C 847 -13.55 0.49 -37.75
CA ALA C 847 -12.54 0.98 -36.83
C ALA C 847 -13.19 1.74 -35.68
N PHE C 848 -14.32 2.40 -35.99
CA PHE C 848 -15.14 3.03 -34.98
C PHE C 848 -15.73 1.97 -34.03
N LYS C 849 -16.07 0.79 -34.56
CA LYS C 849 -16.57 -0.31 -33.78
C LYS C 849 -15.47 -0.86 -32.87
N LEU C 850 -14.24 -0.98 -33.38
CA LEU C 850 -13.09 -1.41 -32.55
C LEU C 850 -12.87 -0.41 -31.39
N PHE C 851 -13.12 0.88 -31.65
CA PHE C 851 -12.97 1.96 -30.68
C PHE C 851 -13.94 1.76 -29.51
N VAL C 852 -15.20 1.51 -29.82
CA VAL C 852 -16.21 1.19 -28.84
C VAL C 852 -15.82 -0.08 -28.07
N ASP C 853 -15.35 -1.11 -28.80
CA ASP C 853 -14.92 -2.36 -28.16
C ASP C 853 -13.80 -2.04 -27.17
N ALA C 854 -12.92 -1.11 -27.54
CA ALA C 854 -11.73 -0.74 -26.76
C ALA C 854 -12.15 -0.04 -25.47
N ILE C 855 -13.17 0.82 -25.56
CA ILE C 855 -13.67 1.55 -24.42
C ILE C 855 -14.24 0.56 -23.40
N CYS C 856 -15.15 -0.30 -23.87
CA CYS C 856 -15.83 -1.29 -23.02
C CYS C 856 -14.82 -2.29 -22.42
N TRP C 857 -13.76 -2.57 -23.20
CA TRP C 857 -12.69 -3.43 -22.75
C TRP C 857 -12.00 -2.80 -21.55
N ALA C 858 -11.76 -1.50 -21.62
CA ALA C 858 -11.14 -0.77 -20.53
C ALA C 858 -11.98 -0.93 -19.25
N PHE C 859 -13.33 -0.81 -19.34
CA PHE C 859 -14.23 -0.94 -18.16
C PHE C 859 -13.94 -2.20 -17.35
N LYS C 860 -13.67 -3.29 -18.04
CA LYS C 860 -13.58 -4.61 -17.45
C LYS C 860 -12.21 -4.84 -16.80
N HIS C 861 -11.31 -3.87 -16.92
CA HIS C 861 -10.03 -3.94 -16.22
C HIS C 861 -10.25 -3.72 -14.71
N ASN C 862 -9.36 -4.32 -13.91
CA ASN C 862 -9.27 -4.01 -12.47
C ASN C 862 -8.21 -2.93 -12.26
N ASN C 863 -7.20 -2.96 -13.12
CA ASN C 863 -6.22 -1.90 -13.24
C ASN C 863 -6.94 -0.54 -13.22
N ARG C 864 -6.80 0.21 -12.11
CA ARG C 864 -7.48 1.50 -11.92
C ARG C 864 -7.06 2.52 -13.01
N ASP C 865 -5.81 2.48 -13.47
CA ASP C 865 -5.31 3.44 -14.48
C ASP C 865 -6.13 3.33 -15.77
N VAL C 866 -6.35 2.07 -16.22
CA VAL C 866 -7.12 1.77 -17.43
C VAL C 866 -8.61 2.07 -17.23
N GLU C 867 -9.17 1.54 -16.13
CA GLU C 867 -10.62 1.56 -15.81
C GLU C 867 -11.13 3.00 -15.75
N VAL C 868 -10.39 3.84 -15.04
CA VAL C 868 -10.78 5.21 -14.82
C VAL C 868 -10.85 5.94 -16.17
N ASN C 869 -9.82 5.76 -17.01
CA ASN C 869 -9.76 6.36 -18.35
C ASN C 869 -10.86 5.79 -19.26
N GLY C 870 -11.10 4.49 -19.18
CA GLY C 870 -12.17 3.81 -19.87
C GLY C 870 -13.51 4.49 -19.67
N LEU C 871 -13.91 4.67 -18.41
CA LEU C 871 -15.21 5.22 -18.08
C LEU C 871 -15.28 6.69 -18.51
N GLN C 872 -14.15 7.41 -18.37
CA GLN C 872 -14.08 8.81 -18.78
C GLN C 872 -14.31 8.92 -20.29
N ILE C 873 -13.63 8.06 -21.06
CA ILE C 873 -13.68 8.14 -22.52
C ILE C 873 -15.14 8.01 -22.93
N ALA C 874 -15.82 7.05 -22.29
CA ALA C 874 -17.22 6.69 -22.56
C ALA C 874 -18.12 7.88 -22.26
N LEU C 875 -17.98 8.45 -21.07
CA LEU C 875 -18.70 9.65 -20.70
C LEU C 875 -18.41 10.77 -21.72
N ASP C 876 -17.15 10.95 -22.08
CA ASP C 876 -16.78 12.06 -22.98
C ASP C 876 -17.30 11.80 -24.39
N LEU C 877 -17.27 10.54 -24.85
CA LEU C 877 -17.77 10.18 -26.17
C LEU C 877 -19.27 10.52 -26.29
N VAL C 878 -20.03 10.17 -25.26
CA VAL C 878 -21.46 10.42 -25.19
C VAL C 878 -21.75 11.92 -25.28
N LYS C 879 -21.02 12.71 -24.49
CA LYS C 879 -21.11 14.17 -24.54
C LYS C 879 -20.69 14.65 -25.95
N ASN C 880 -19.65 14.06 -26.55
CA ASN C 880 -19.20 14.42 -27.92
C ASN C 880 -20.32 14.21 -28.95
N ILE C 881 -21.02 13.07 -28.84
CA ILE C 881 -22.11 12.68 -29.75
C ILE C 881 -23.33 13.59 -29.55
N GLU C 882 -23.64 13.87 -28.29
CA GLU C 882 -24.80 14.70 -27.94
C GLU C 882 -24.61 16.12 -28.49
N ARG C 883 -23.37 16.61 -28.45
CA ARG C 883 -23.01 17.94 -28.96
C ARG C 883 -23.29 18.08 -30.48
N MET C 884 -23.15 16.98 -31.24
CA MET C 884 -23.36 16.98 -32.71
C MET C 884 -24.83 17.27 -33.05
N GLY C 885 -25.73 17.07 -32.08
CA GLY C 885 -27.15 17.29 -32.29
C GLY C 885 -27.73 16.23 -33.20
N ASN C 886 -28.84 16.59 -33.85
CA ASN C 886 -29.64 15.66 -34.61
C ASN C 886 -29.08 15.53 -36.04
N VAL C 887 -28.08 14.67 -36.22
CA VAL C 887 -27.43 14.47 -37.53
C VAL C 887 -27.18 12.97 -37.73
N PRO C 888 -26.95 12.49 -38.97
CA PRO C 888 -26.87 11.05 -39.24
C PRO C 888 -25.82 10.25 -38.44
N PHE C 889 -24.64 10.85 -38.18
CA PHE C 889 -23.60 10.12 -37.43
C PHE C 889 -24.06 9.85 -35.99
N ALA C 890 -24.71 10.84 -35.36
CA ALA C 890 -25.25 10.74 -33.98
C ALA C 890 -26.40 9.72 -33.89
N ASN C 891 -27.25 9.67 -34.93
CA ASN C 891 -28.38 8.78 -34.97
C ASN C 891 -27.90 7.34 -35.13
N GLU C 892 -26.92 7.15 -36.01
CA GLU C 892 -26.34 5.84 -36.25
C GLU C 892 -25.62 5.35 -35.00
N PHE C 893 -24.95 6.28 -34.28
CA PHE C 893 -24.19 5.96 -33.08
C PHE C 893 -25.12 5.38 -32.01
N HIS C 894 -26.21 6.08 -31.72
CA HIS C 894 -27.20 5.65 -30.76
C HIS C 894 -27.81 4.29 -31.17
N LYS C 895 -28.18 4.17 -32.45
CA LYS C 895 -28.80 2.96 -32.96
C LYS C 895 -27.83 1.78 -32.85
N ASN C 896 -26.52 2.03 -32.96
CA ASN C 896 -25.54 0.96 -33.07
C ASN C 896 -24.96 0.61 -31.71
N TYR C 897 -24.86 1.60 -30.82
CA TYR C 897 -23.97 1.56 -29.67
C TYR C 897 -24.65 1.97 -28.33
N PHE C 898 -25.79 2.65 -28.34
CA PHE C 898 -26.44 3.07 -27.07
C PHE C 898 -26.64 1.88 -26.11
N PHE C 899 -27.23 0.78 -26.61
CA PHE C 899 -27.54 -0.39 -25.78
C PHE C 899 -26.27 -1.14 -25.43
N ILE C 900 -25.28 -1.09 -26.31
CA ILE C 900 -24.04 -1.76 -25.99
C ILE C 900 -23.44 -1.07 -24.76
N PHE C 901 -23.45 0.27 -24.74
CA PHE C 901 -22.89 1.03 -23.65
C PHE C 901 -23.71 0.82 -22.36
N VAL C 902 -25.03 0.80 -22.46
CA VAL C 902 -25.92 0.58 -21.31
C VAL C 902 -25.66 -0.81 -20.70
N SER C 903 -25.69 -1.86 -21.54
CA SER C 903 -25.55 -3.24 -21.06
C SER C 903 -24.13 -3.49 -20.51
N GLU C 904 -23.12 -2.90 -21.15
CA GLU C 904 -21.74 -3.11 -20.73
C GLU C 904 -21.50 -2.42 -19.39
N THR C 905 -22.12 -1.24 -19.21
CA THR C 905 -22.02 -0.50 -17.97
C THR C 905 -22.72 -1.30 -16.86
N PHE C 906 -23.89 -1.87 -17.17
CA PHE C 906 -24.60 -2.68 -16.23
C PHE C 906 -23.80 -3.92 -15.83
N PHE C 907 -23.19 -4.58 -16.83
CA PHE C 907 -22.41 -5.78 -16.58
C PHE C 907 -21.36 -5.52 -15.50
N VAL C 908 -20.57 -4.44 -15.64
CA VAL C 908 -19.46 -4.16 -14.67
C VAL C 908 -20.02 -3.63 -13.35
N LEU C 909 -21.17 -2.94 -13.37
CA LEU C 909 -21.86 -2.57 -12.13
C LEU C 909 -22.17 -3.79 -11.26
N THR C 910 -22.60 -4.90 -11.89
CA THR C 910 -23.29 -5.96 -11.18
C THR C 910 -22.43 -7.22 -10.94
N ASP C 911 -21.21 -7.29 -11.46
CA ASP C 911 -20.53 -8.60 -11.46
C ASP C 911 -19.63 -8.77 -10.22
N SER C 912 -19.55 -7.77 -9.35
CA SER C 912 -18.86 -7.89 -8.04
C SER C 912 -17.32 -7.93 -8.19
N ASP C 913 -16.80 -7.71 -9.40
CA ASP C 913 -15.36 -7.78 -9.68
C ASP C 913 -14.83 -6.38 -10.04
N HIS C 914 -15.69 -5.35 -10.08
CA HIS C 914 -15.27 -3.98 -10.44
C HIS C 914 -15.75 -2.94 -9.41
N LYS C 915 -15.63 -3.27 -8.12
CA LYS C 915 -16.20 -2.46 -7.01
C LYS C 915 -15.61 -1.03 -7.01
N SER C 916 -14.34 -0.89 -7.43
CA SER C 916 -13.57 0.35 -7.38
C SER C 916 -14.15 1.46 -8.27
N GLY C 917 -14.82 1.10 -9.38
CA GLY C 917 -15.30 2.09 -10.35
C GLY C 917 -16.79 2.41 -10.23
N PHE C 918 -17.37 2.08 -9.07
CA PHE C 918 -18.79 2.11 -8.87
C PHE C 918 -19.31 3.51 -9.21
N SER C 919 -18.63 4.55 -8.71
CA SER C 919 -19.14 5.92 -8.83
C SER C 919 -19.26 6.34 -10.28
N LYS C 920 -18.17 6.10 -11.03
CA LYS C 920 -18.07 6.53 -12.41
C LYS C 920 -18.97 5.64 -13.30
N GLN C 921 -19.06 4.35 -12.98
CA GLN C 921 -20.02 3.47 -13.62
C GLN C 921 -21.44 4.05 -13.52
N ALA C 922 -21.83 4.36 -12.28
CA ALA C 922 -23.14 4.90 -11.94
C ALA C 922 -23.38 6.20 -12.72
N LEU C 923 -22.35 7.02 -12.84
CA LEU C 923 -22.45 8.31 -13.52
C LEU C 923 -22.73 8.12 -15.02
N LEU C 924 -21.96 7.24 -15.65
CA LEU C 924 -22.12 6.86 -17.04
C LEU C 924 -23.52 6.31 -17.24
N LEU C 925 -23.97 5.41 -16.37
CA LEU C 925 -25.24 4.80 -16.57
C LEU C 925 -26.32 5.89 -16.43
N MET C 926 -26.11 6.83 -15.51
CA MET C 926 -27.09 7.87 -15.27
C MET C 926 -27.18 8.77 -16.53
N LYS C 927 -26.02 9.10 -17.10
CA LYS C 927 -25.98 9.94 -18.26
C LYS C 927 -26.73 9.26 -19.41
N LEU C 928 -26.49 7.96 -19.59
CA LEU C 928 -27.11 7.22 -20.68
C LEU C 928 -28.63 7.25 -20.53
N ILE C 929 -29.13 6.96 -19.32
CA ILE C 929 -30.58 6.86 -19.08
C ILE C 929 -31.21 8.25 -19.24
N SER C 930 -30.49 9.29 -18.84
CA SER C 930 -31.04 10.66 -18.90
C SER C 930 -31.22 11.08 -20.37
N LEU C 931 -30.36 10.58 -21.25
CA LEU C 931 -30.44 10.88 -22.69
C LEU C 931 -31.84 10.51 -23.19
N VAL C 932 -32.36 9.38 -22.70
CA VAL C 932 -33.65 8.91 -23.18
C VAL C 932 -34.75 9.73 -22.49
N TYR C 933 -34.57 10.03 -21.20
CA TYR C 933 -35.62 10.70 -20.43
C TYR C 933 -35.68 12.20 -20.75
N ASP C 934 -34.70 12.75 -21.50
CA ASP C 934 -34.76 14.13 -22.01
C ASP C 934 -34.95 14.17 -23.54
N ASN C 935 -35.31 13.04 -24.14
CA ASN C 935 -35.47 12.88 -25.62
C ASN C 935 -34.34 13.58 -26.38
N LYS C 936 -33.10 13.37 -25.90
CA LYS C 936 -31.91 13.88 -26.55
C LYS C 936 -31.46 12.88 -27.63
N ILE C 937 -32.09 11.71 -27.70
CA ILE C 937 -31.94 10.80 -28.84
C ILE C 937 -33.12 11.04 -29.78
N SER C 938 -32.83 11.37 -31.05
CA SER C 938 -33.82 11.91 -31.96
C SER C 938 -34.56 10.81 -32.74
N VAL C 939 -33.98 9.60 -32.77
CA VAL C 939 -34.58 8.49 -33.53
C VAL C 939 -34.87 7.32 -32.61
N PRO C 940 -35.79 6.40 -32.98
CA PRO C 940 -36.09 5.23 -32.16
C PRO C 940 -34.86 4.31 -32.08
N LEU C 941 -34.67 3.68 -30.91
CA LEU C 941 -33.54 2.79 -30.66
C LEU C 941 -33.89 1.34 -31.04
N TYR C 942 -35.13 1.13 -31.51
CA TYR C 942 -35.67 -0.19 -31.86
C TYR C 942 -35.98 -0.22 -33.36
N GLN C 943 -36.03 -1.42 -33.93
CA GLN C 943 -36.40 -1.60 -35.35
C GLN C 943 -37.93 -1.49 -35.48
N GLU C 944 -38.40 -1.10 -36.67
CA GLU C 944 -39.84 -0.83 -36.93
C GLU C 944 -40.69 -2.08 -36.66
N ALA C 945 -40.24 -3.25 -37.11
CA ALA C 945 -40.95 -4.53 -36.95
C ALA C 945 -41.07 -4.89 -35.46
N GLU C 946 -40.00 -4.59 -34.72
CA GLU C 946 -39.80 -5.00 -33.32
C GLU C 946 -40.88 -4.49 -32.36
N VAL C 947 -41.29 -3.22 -32.44
CA VAL C 947 -42.28 -2.68 -31.47
C VAL C 947 -43.32 -1.86 -32.22
N PRO C 948 -44.50 -1.55 -31.62
CA PRO C 948 -45.54 -0.76 -32.27
C PRO C 948 -45.01 0.63 -32.66
N GLN C 949 -45.40 1.11 -33.85
CA GLN C 949 -44.98 2.41 -34.37
C GLN C 949 -45.46 3.51 -33.40
N GLY C 950 -44.60 4.51 -33.17
CA GLY C 950 -44.89 5.63 -32.29
C GLY C 950 -44.50 5.37 -30.84
N THR C 951 -44.01 4.16 -30.54
CA THR C 951 -43.57 3.81 -29.18
C THR C 951 -42.40 4.71 -28.80
N SER C 952 -42.44 5.30 -27.59
CA SER C 952 -41.40 6.20 -27.13
C SER C 952 -40.15 5.40 -26.75
N ASN C 953 -38.98 6.04 -26.85
CA ASN C 953 -37.72 5.44 -26.44
C ASN C 953 -37.74 5.12 -24.94
N GLN C 954 -38.46 5.93 -24.15
N GLN C 954 -38.48 5.92 -24.15
CA GLN C 954 -38.63 5.71 -22.69
CA GLN C 954 -38.61 5.70 -22.72
C GLN C 954 -39.22 4.31 -22.46
C GLN C 954 -39.22 4.31 -22.44
N VAL C 955 -40.35 4.02 -23.12
CA VAL C 955 -41.03 2.75 -22.97
C VAL C 955 -40.13 1.60 -23.44
N TYR C 956 -39.45 1.81 -24.57
CA TYR C 956 -38.61 0.77 -25.13
C TYR C 956 -37.40 0.47 -24.21
N LEU C 957 -36.84 1.50 -23.58
CA LEU C 957 -35.66 1.32 -22.71
C LEU C 957 -36.05 0.47 -21.50
N SER C 958 -37.22 0.75 -20.92
CA SER C 958 -37.77 -0.01 -19.79
C SER C 958 -37.86 -1.50 -20.18
N GLN C 959 -38.37 -1.72 -21.39
CA GLN C 959 -38.69 -3.02 -21.91
C GLN C 959 -37.39 -3.80 -22.17
N TYR C 960 -36.42 -3.15 -22.80
CA TYR C 960 -35.11 -3.72 -23.07
C TYR C 960 -34.45 -4.14 -21.75
N LEU C 961 -34.41 -3.21 -20.80
CA LEU C 961 -33.68 -3.40 -19.54
C LEU C 961 -34.33 -4.50 -18.70
N ALA C 962 -35.67 -4.48 -18.65
CA ALA C 962 -36.42 -5.49 -17.90
C ALA C 962 -36.04 -6.88 -18.40
N ASN C 963 -35.99 -7.03 -19.73
CA ASN C 963 -35.70 -8.28 -20.40
C ASN C 963 -34.26 -8.68 -20.10
N MET C 964 -33.33 -7.72 -20.20
CA MET C 964 -31.92 -7.97 -19.97
C MET C 964 -31.70 -8.50 -18.55
N LEU C 965 -32.27 -7.82 -17.56
CA LEU C 965 -32.09 -8.16 -16.18
C LEU C 965 -32.77 -9.50 -15.88
N SER C 966 -33.96 -9.70 -16.46
CA SER C 966 -34.73 -10.92 -16.31
C SER C 966 -33.87 -12.14 -16.72
N ASN C 967 -33.14 -12.04 -17.83
CA ASN C 967 -32.33 -13.16 -18.33
C ASN C 967 -31.01 -13.26 -17.55
N ALA C 968 -30.48 -12.12 -17.10
CA ALA C 968 -29.17 -12.05 -16.47
C ALA C 968 -29.25 -12.47 -15.00
N PHE C 969 -30.41 -12.18 -14.38
CA PHE C 969 -30.68 -12.45 -12.97
C PHE C 969 -32.04 -13.12 -12.85
N PRO C 970 -32.16 -14.39 -13.28
CA PRO C 970 -33.46 -15.06 -13.39
C PRO C 970 -34.15 -15.37 -12.04
N HIS C 971 -33.40 -15.22 -10.96
CA HIS C 971 -33.88 -15.48 -9.61
C HIS C 971 -34.63 -14.27 -9.01
N LEU C 972 -34.62 -13.12 -9.73
CA LEU C 972 -35.44 -11.96 -9.39
C LEU C 972 -36.88 -12.20 -9.87
N THR C 973 -37.84 -11.58 -9.18
CA THR C 973 -39.22 -11.53 -9.64
C THR C 973 -39.34 -10.43 -10.70
N SER C 974 -40.39 -10.51 -11.51
CA SER C 974 -40.73 -9.45 -12.44
C SER C 974 -40.91 -8.14 -11.68
N GLU C 975 -41.55 -8.17 -10.50
CA GLU C 975 -41.85 -6.93 -9.79
C GLU C 975 -40.54 -6.30 -9.29
N GLN C 976 -39.64 -7.13 -8.78
CA GLN C 976 -38.34 -6.63 -8.33
C GLN C 976 -37.70 -5.78 -9.45
N ILE C 977 -37.74 -6.28 -10.69
CA ILE C 977 -37.08 -5.64 -11.83
C ILE C 977 -37.87 -4.39 -12.25
N ALA C 978 -39.19 -4.53 -12.34
CA ALA C 978 -40.06 -3.38 -12.67
C ALA C 978 -39.80 -2.22 -11.70
N SER C 979 -39.83 -2.52 -10.39
CA SER C 979 -39.74 -1.51 -9.32
C SER C 979 -38.40 -0.80 -9.37
N PHE C 980 -37.32 -1.59 -9.53
CA PHE C 980 -35.95 -1.10 -9.60
C PHE C 980 -35.81 -0.11 -10.77
N LEU C 981 -36.29 -0.49 -11.95
CA LEU C 981 -36.13 0.34 -13.16
C LEU C 981 -36.97 1.62 -13.05
N SER C 982 -38.20 1.47 -12.54
CA SER C 982 -39.09 2.60 -12.25
C SER C 982 -38.35 3.62 -11.35
N ALA C 983 -37.77 3.17 -10.24
CA ALA C 983 -36.99 4.03 -9.34
C ALA C 983 -35.77 4.61 -10.08
N LEU C 984 -35.05 3.75 -10.82
CA LEU C 984 -33.77 4.10 -11.41
C LEU C 984 -33.97 5.23 -12.41
N THR C 985 -34.97 5.08 -13.28
CA THR C 985 -35.22 6.03 -14.34
C THR C 985 -35.67 7.38 -13.75
N LYS C 986 -36.47 7.34 -12.67
CA LYS C 986 -36.96 8.55 -11.98
C LYS C 986 -35.81 9.34 -11.37
N GLN C 987 -34.75 8.65 -10.95
CA GLN C 987 -33.69 9.22 -10.15
C GLN C 987 -32.47 9.58 -11.00
N CYS C 988 -32.64 9.69 -12.34
CA CYS C 988 -31.47 9.82 -13.27
C CYS C 988 -30.93 11.26 -13.38
N LYS C 989 -31.42 12.19 -12.55
CA LYS C 989 -30.78 13.52 -12.34
C LYS C 989 -30.15 13.63 -10.94
N ASP C 990 -30.58 12.82 -9.96
CA ASP C 990 -30.03 12.89 -8.61
C ASP C 990 -29.05 11.72 -8.37
N LEU C 991 -27.75 11.98 -8.54
CA LEU C 991 -26.73 10.93 -8.62
C LEU C 991 -26.67 10.10 -7.34
N VAL C 992 -26.78 10.75 -6.18
CA VAL C 992 -26.56 10.08 -4.90
C VAL C 992 -27.76 9.16 -4.62
N VAL C 993 -28.93 9.51 -5.14
CA VAL C 993 -30.13 8.73 -4.93
C VAL C 993 -30.06 7.53 -5.86
N PHE C 994 -29.76 7.81 -7.14
CA PHE C 994 -29.51 6.83 -8.20
C PHE C 994 -28.50 5.79 -7.71
N LYS C 995 -27.42 6.24 -7.06
CA LYS C 995 -26.38 5.33 -6.61
C LYS C 995 -26.95 4.44 -5.50
N GLY C 996 -27.80 5.01 -4.66
CA GLY C 996 -28.42 4.28 -3.62
C GLY C 996 -29.29 3.17 -4.18
N THR C 997 -29.98 3.47 -5.29
CA THR C 997 -30.87 2.51 -5.90
C THR C 997 -30.05 1.37 -6.52
N LEU C 998 -28.90 1.71 -7.11
CA LEU C 998 -28.01 0.72 -7.64
C LEU C 998 -27.47 -0.14 -6.50
N ARG C 999 -27.10 0.47 -5.37
CA ARG C 999 -26.51 -0.28 -4.25
C ARG C 999 -27.57 -1.25 -3.71
N ASP C 1000 -28.82 -0.79 -3.70
CA ASP C 1000 -29.94 -1.58 -3.25
C ASP C 1000 -30.04 -2.81 -4.18
N PHE C 1001 -29.91 -2.56 -5.49
CA PHE C 1001 -29.99 -3.63 -6.48
C PHE C 1001 -28.88 -4.65 -6.25
N LEU C 1002 -27.64 -4.19 -5.99
CA LEU C 1002 -26.49 -5.09 -5.80
C LEU C 1002 -26.70 -5.97 -4.57
N VAL C 1003 -27.41 -5.46 -3.56
CA VAL C 1003 -27.76 -6.26 -2.40
C VAL C 1003 -28.77 -7.32 -2.81
N GLN C 1004 -29.84 -6.91 -3.51
CA GLN C 1004 -31.00 -7.79 -3.81
C GLN C 1004 -30.59 -8.96 -4.71
N ILE C 1005 -29.68 -8.74 -5.67
CA ILE C 1005 -29.27 -9.82 -6.60
C ILE C 1005 -28.50 -10.90 -5.84
N LYS C 1006 -27.99 -10.60 -4.64
CA LYS C 1006 -27.23 -11.57 -3.85
C LYS C 1006 -28.14 -12.47 -3.00
N GLU C 1007 -29.46 -12.32 -3.10
CA GLU C 1007 -30.40 -13.14 -2.32
C GLU C 1007 -31.71 -13.36 -3.11
N VAL C 1008 -32.60 -14.17 -2.54
CA VAL C 1008 -33.88 -14.46 -3.13
C VAL C 1008 -34.98 -13.74 -2.34
N GLY C 1009 -35.98 -13.23 -3.06
CA GLY C 1009 -37.21 -12.71 -2.48
C GLY C 1009 -37.05 -11.31 -1.94
N GLY C 1010 -36.08 -10.56 -2.46
CA GLY C 1010 -35.94 -9.17 -2.06
C GLY C 1010 -37.26 -8.43 -2.22
N ASP C 1011 -37.51 -7.48 -1.31
CA ASP C 1011 -38.75 -6.74 -1.29
C ASP C 1011 -38.72 -5.68 -2.38
N PRO C 1012 -39.63 -5.71 -3.36
CA PRO C 1012 -39.64 -4.71 -4.43
C PRO C 1012 -39.91 -3.28 -3.95
N THR C 1013 -40.63 -3.14 -2.82
CA THR C 1013 -41.00 -1.82 -2.27
C THR C 1013 -39.74 -1.08 -1.77
N ASP C 1014 -38.61 -1.79 -1.64
CA ASP C 1014 -37.39 -1.19 -1.15
C ASP C 1014 -36.96 -0.04 -2.06
N TYR C 1015 -37.37 -0.08 -3.34
CA TYR C 1015 -36.91 0.89 -4.34
C TYR C 1015 -37.71 2.20 -4.23
N LEU C 1016 -38.72 2.24 -3.34
CA LEU C 1016 -39.48 3.46 -3.05
C LEU C 1016 -38.84 4.25 -1.89
N PHE C 1017 -37.67 3.82 -1.41
CA PHE C 1017 -37.07 4.38 -0.21
C PHE C 1017 -36.83 5.89 -0.30
N ALA C 1018 -36.37 6.39 -1.46
CA ALA C 1018 -36.20 7.84 -1.65
C ALA C 1018 -37.59 8.50 -1.72
N GLU C 1019 -38.43 8.10 -2.70
CA GLU C 1019 -39.80 8.63 -2.88
C GLU C 1019 -40.57 8.55 -1.54
#